data_4INF
#
_entry.id   4INF
#
_cell.length_a   92.945
_cell.length_b   61.024
_cell.length_c   131.385
_cell.angle_alpha   90.00
_cell.angle_beta   103.35
_cell.angle_gamma   90.00
#
_symmetry.space_group_name_H-M   'P 1 21 1'
#
loop_
_entity.id
_entity.type
_entity.pdbx_description
1 polymer 'METAL-DEPENDENT HYDROLASE'
2 non-polymer 'CALCIUM ION'
3 non-polymer 'CHLORIDE ION'
4 non-polymer 'OXALIC ACID'
5 non-polymer GLYCEROL
6 water water
#
_entity_poly.entity_id   1
_entity_poly.type   'polypeptide(L)'
_entity_poly.pdbx_seq_one_letter_code
;MHHHHHHSSGVDLGTENLYFQSMTQDLKTGGEQGYLRIATEEAFATREIIDVYLRMIRDGTADKGMVSLWGFYAQSPSER
ATQILERLLDLGERRIADMDATGIDKAILALTSPGVQPLHDLDEARTLATRANDTLADACQKYPDRFIGMGTVAPQDPEW
SAREIHRGARELGFKGIQINSHTQGRYLDEEFFDPIFRALVEVDQPLYIHPATSPDSMIDPMLEAGLDGAIFGFGVETGM
HLLRLITIGIFDKYPSLQIMVGHMGEALPYWLYRLDYMHQAGVRSQRYERMKPLKKTIEGYLKSNVLVTNSGVAWEPAIK
FCQQVMGEDRVMYAMDYPYQYVADEVRAMDAMDMSAQTKKKFFQTNAEKWFKL
;
_entity_poly.pdbx_strand_id   A,B,C,D
#
# COMPACT_ATOMS: atom_id res chain seq x y z
N MET A 23 -5.44 20.38 -37.18
CA MET A 23 -5.53 20.55 -35.69
C MET A 23 -6.54 19.62 -35.05
N THR A 24 -6.14 18.95 -33.97
CA THR A 24 -7.05 18.08 -33.23
C THR A 24 -7.18 18.48 -31.77
N GLN A 25 -8.37 18.23 -31.22
CA GLN A 25 -8.58 18.39 -29.79
C GLN A 25 -8.15 17.13 -29.05
N ASP A 26 -7.89 16.05 -29.81
CA ASP A 26 -7.43 14.77 -29.25
C ASP A 26 -6.13 14.92 -28.48
N LEU A 27 -6.14 14.48 -27.23
CA LEU A 27 -4.91 14.33 -26.46
C LEU A 27 -4.89 12.88 -26.07
N LYS A 28 -3.97 12.11 -26.67
CA LYS A 28 -4.03 10.66 -26.51
C LYS A 28 -2.85 10.18 -25.69
N THR A 29 -3.09 9.21 -24.82
CA THR A 29 -1.99 8.43 -24.26
C THR A 29 -1.34 7.53 -25.32
N GLY A 30 -0.17 6.98 -24.99
CA GLY A 30 0.46 5.99 -25.87
C GLY A 30 1.67 6.46 -26.68
N GLY A 31 1.95 7.75 -26.67
CA GLY A 31 3.21 8.26 -27.22
C GLY A 31 3.25 8.43 -28.72
N GLU A 32 2.09 8.43 -29.38
CA GLU A 32 2.07 8.56 -30.84
C GLU A 32 2.62 9.90 -31.36
N GLN A 33 2.63 10.94 -30.51
CA GLN A 33 3.20 12.27 -30.81
CA GLN A 33 3.19 12.26 -30.84
C GLN A 33 4.72 12.20 -31.02
N GLY A 34 5.34 11.11 -30.54
CA GLY A 34 6.80 10.94 -30.56
C GLY A 34 7.45 10.93 -29.18
N TYR A 35 6.61 11.07 -28.14
CA TYR A 35 7.05 11.08 -26.75
C TYR A 35 5.89 10.66 -25.86
N LEU A 36 6.21 10.02 -24.72
CA LEU A 36 5.26 9.90 -23.63
C LEU A 36 5.17 11.27 -22.94
N ARG A 37 4.02 11.59 -22.35
CA ARG A 37 3.88 12.78 -21.52
C ARG A 37 3.96 12.29 -20.06
N ILE A 38 5.07 12.65 -19.41
CA ILE A 38 5.29 12.28 -18.00
C ILE A 38 5.18 13.58 -17.20
N ALA A 39 4.16 13.65 -16.36
CA ALA A 39 3.84 14.85 -15.58
C ALA A 39 4.51 14.73 -14.21
N THR A 40 5.45 15.64 -13.90
CA THR A 40 6.39 15.41 -12.80
C THR A 40 6.11 16.13 -11.48
N GLU A 41 4.94 16.77 -11.34
CA GLU A 41 4.61 17.46 -10.07
C GLU A 41 3.12 17.37 -9.80
N GLU A 42 2.66 16.15 -9.51
CA GLU A 42 1.21 15.87 -9.41
C GLU A 42 0.84 15.50 -7.97
N ALA A 43 -0.32 15.95 -7.50
CA ALA A 43 -0.64 15.95 -6.07
C ALA A 43 -1.81 15.04 -5.74
N PHE A 44 -1.74 14.46 -4.55
CA PHE A 44 -2.90 13.78 -3.99
C PHE A 44 -3.03 14.16 -2.52
N ALA A 45 -4.18 13.82 -1.92
CA ALA A 45 -4.37 14.07 -0.50
C ALA A 45 -4.90 12.81 0.16
N THR A 46 -4.80 12.72 1.48
CA THR A 46 -5.57 11.70 2.22
C THR A 46 -6.58 12.43 3.10
N ARG A 47 -7.75 11.83 3.25
CA ARG A 47 -8.83 12.47 4.00
C ARG A 47 -8.43 12.70 5.44
N GLU A 48 -7.77 11.72 6.04
CA GLU A 48 -7.38 11.87 7.45
C GLU A 48 -6.39 13.02 7.67
N ILE A 49 -5.53 13.32 6.70
CA ILE A 49 -4.60 14.44 6.86
C ILE A 49 -5.30 15.77 6.68
N ILE A 50 -6.18 15.86 5.67
CA ILE A 50 -6.99 17.07 5.53
C ILE A 50 -7.82 17.29 6.80
N ASP A 51 -8.33 16.21 7.39
CA ASP A 51 -9.04 16.32 8.66
C ASP A 51 -8.20 16.92 9.80
N VAL A 52 -6.91 16.57 9.84
CA VAL A 52 -6.01 17.17 10.81
C VAL A 52 -5.87 18.70 10.56
N TYR A 53 -5.76 19.12 9.30
CA TYR A 53 -5.68 20.56 9.04
C TYR A 53 -6.92 21.28 9.57
N LEU A 54 -8.10 20.69 9.34
CA LEU A 54 -9.36 21.28 9.82
C LEU A 54 -9.41 21.34 11.35
N ARG A 55 -8.93 20.27 11.98
CA ARG A 55 -8.79 20.23 13.44
C ARG A 55 -7.88 21.34 13.96
N MET A 56 -6.73 21.55 13.32
CA MET A 56 -5.80 22.60 13.71
C MET A 56 -6.38 24.00 13.48
N ILE A 57 -7.13 24.17 12.39
CA ILE A 57 -7.81 25.44 12.14
C ILE A 57 -8.84 25.72 13.25
N ARG A 58 -9.64 24.70 13.58
CA ARG A 58 -10.67 24.83 14.62
C ARG A 58 -10.08 25.13 16.00
N ASP A 59 -8.96 24.49 16.32
CA ASP A 59 -8.41 24.65 17.68
C ASP A 59 -7.37 25.76 17.83
N GLY A 60 -7.11 26.47 16.73
CA GLY A 60 -6.19 27.59 16.74
C GLY A 60 -4.72 27.24 16.73
N THR A 61 -4.36 26.00 16.39
CA THR A 61 -2.94 25.62 16.32
C THR A 61 -2.40 25.70 14.89
N ALA A 62 -3.28 25.91 13.93
CA ALA A 62 -2.88 26.10 12.51
C ALA A 62 -2.19 27.44 12.36
N ASP A 63 -1.11 27.46 11.58
CA ASP A 63 -0.45 28.76 11.30
C ASP A 63 -1.28 29.57 10.29
N LYS A 64 -0.90 30.82 10.03
CA LYS A 64 -1.70 31.64 9.13
CA LYS A 64 -1.69 31.65 9.13
C LYS A 64 -1.79 31.06 7.72
N GLY A 65 -0.70 30.48 7.24
CA GLY A 65 -0.67 29.83 5.93
C GLY A 65 -1.68 28.70 5.83
N MET A 66 -1.73 27.83 6.85
CA MET A 66 -2.68 26.74 6.82
C MET A 66 -4.13 27.24 6.85
N VAL A 67 -4.39 28.24 7.71
CA VAL A 67 -5.71 28.86 7.74
C VAL A 67 -6.08 29.37 6.34
N SER A 68 -5.14 30.09 5.71
CA SER A 68 -5.42 30.66 4.37
C SER A 68 -5.60 29.60 3.30
N LEU A 69 -4.64 28.69 3.24
CA LEU A 69 -4.59 27.69 2.17
C LEU A 69 -5.68 26.62 2.35
N TRP A 70 -5.70 25.99 3.52
CA TRP A 70 -6.56 24.85 3.72
C TRP A 70 -7.93 25.26 4.22
N GLY A 71 -8.03 26.41 4.89
CA GLY A 71 -9.35 26.98 5.11
C GLY A 71 -10.03 27.17 3.77
N PHE A 72 -9.25 27.53 2.74
CA PHE A 72 -9.81 27.73 1.41
C PHE A 72 -10.11 26.39 0.72
N TYR A 73 -9.10 25.55 0.54
CA TYR A 73 -9.30 24.36 -0.30
C TYR A 73 -10.23 23.34 0.31
N ALA A 74 -10.18 23.20 1.62
CA ALA A 74 -11.05 22.26 2.31
C ALA A 74 -12.46 22.78 2.62
N GLN A 75 -12.68 24.10 2.64
CA GLN A 75 -14.03 24.59 2.96
CA GLN A 75 -13.99 24.68 3.03
C GLN A 75 -14.69 25.60 2.00
N SER A 76 -13.93 26.12 1.04
CA SER A 76 -14.55 27.06 0.07
C SER A 76 -15.63 26.39 -0.78
N PRO A 77 -16.75 27.10 -1.00
CA PRO A 77 -17.79 26.55 -1.90
C PRO A 77 -17.50 26.85 -3.37
N SER A 78 -16.39 27.51 -3.65
CA SER A 78 -16.02 27.81 -5.02
C SER A 78 -15.90 26.55 -5.87
N GLU A 79 -16.30 26.66 -7.13
CA GLU A 79 -16.14 25.61 -8.15
C GLU A 79 -14.70 25.10 -8.18
N ARG A 80 -13.73 26.03 -8.18
CA ARG A 80 -12.33 25.62 -8.26
C ARG A 80 -11.90 24.78 -7.05
N ALA A 81 -12.15 25.27 -5.82
CA ALA A 81 -11.73 24.52 -4.63
C ALA A 81 -12.42 23.17 -4.50
N THR A 82 -13.72 23.13 -4.75
CA THR A 82 -14.46 21.88 -4.53
CA THR A 82 -14.49 21.89 -4.57
C THR A 82 -14.01 20.75 -5.47
N GLN A 83 -13.74 21.10 -6.73
CA GLN A 83 -13.27 20.10 -7.71
C GLN A 83 -11.84 19.65 -7.38
N ILE A 84 -11.01 20.59 -6.91
CA ILE A 84 -9.65 20.28 -6.52
C ILE A 84 -9.64 19.24 -5.40
N LEU A 85 -10.45 19.45 -4.37
CA LEU A 85 -10.47 18.53 -3.24
C LEU A 85 -10.90 17.13 -3.68
N GLU A 86 -11.96 17.03 -4.48
CA GLU A 86 -12.39 15.73 -5.00
C GLU A 86 -11.25 15.02 -5.79
N ARG A 87 -10.58 15.75 -6.68
CA ARG A 87 -9.53 15.11 -7.48
C ARG A 87 -8.34 14.73 -6.62
N LEU A 88 -8.00 15.57 -5.65
CA LEU A 88 -6.85 15.24 -4.78
C LEU A 88 -7.04 13.91 -4.08
N LEU A 89 -8.27 13.66 -3.63
CA LEU A 89 -8.54 12.46 -2.83
C LEU A 89 -8.58 11.17 -3.64
N ASP A 90 -8.73 11.26 -4.95
CA ASP A 90 -8.78 10.09 -5.78
C ASP A 90 -7.41 9.60 -6.21
N LEU A 91 -7.14 8.32 -5.96
CA LEU A 91 -5.95 7.61 -6.43
C LEU A 91 -6.31 6.40 -7.29
N GLY A 92 -7.38 6.52 -8.06
CA GLY A 92 -7.88 5.39 -8.84
C GLY A 92 -8.46 5.80 -10.17
N GLU A 93 -9.61 5.22 -10.49
CA GLU A 93 -10.21 5.33 -11.82
C GLU A 93 -10.51 6.76 -12.28
N ARG A 94 -10.91 7.66 -11.38
CA ARG A 94 -11.19 9.01 -11.81
C ARG A 94 -9.89 9.72 -12.20
N ARG A 95 -8.84 9.56 -11.38
CA ARG A 95 -7.57 10.19 -11.68
C ARG A 95 -7.05 9.65 -13.02
N ILE A 96 -7.16 8.34 -13.23
CA ILE A 96 -6.71 7.75 -14.49
C ILE A 96 -7.50 8.31 -15.68
N ALA A 97 -8.84 8.40 -15.55
CA ALA A 97 -9.65 9.01 -16.58
C ALA A 97 -9.23 10.45 -16.86
N ASP A 98 -8.88 11.22 -15.82
CA ASP A 98 -8.45 12.61 -16.03
C ASP A 98 -7.12 12.69 -16.78
N MET A 99 -6.24 11.77 -16.46
CA MET A 99 -4.97 11.61 -17.20
C MET A 99 -5.19 11.21 -18.66
N ASP A 100 -6.01 10.17 -18.85
CA ASP A 100 -6.35 9.72 -20.20
C ASP A 100 -6.94 10.86 -21.04
N ALA A 101 -7.80 11.68 -20.44
CA ALA A 101 -8.47 12.75 -21.18
C ALA A 101 -7.51 13.88 -21.59
N THR A 102 -6.33 13.94 -20.97
CA THR A 102 -5.32 14.95 -21.33
C THR A 102 -4.02 14.36 -21.86
N GLY A 103 -4.06 13.08 -22.21
CA GLY A 103 -2.92 12.40 -22.83
C GLY A 103 -1.70 12.22 -21.92
N ILE A 104 -1.94 12.20 -20.60
CA ILE A 104 -0.85 12.08 -19.64
C ILE A 104 -0.59 10.61 -19.41
N ASP A 105 0.58 10.16 -19.83
CA ASP A 105 0.97 8.76 -19.68
C ASP A 105 1.33 8.35 -18.28
N LYS A 106 2.14 9.18 -17.62
CA LYS A 106 2.58 8.87 -16.27
CA LYS A 106 2.54 8.87 -16.27
C LYS A 106 2.50 10.10 -15.41
N ALA A 107 2.21 9.92 -14.12
CA ALA A 107 2.18 11.01 -13.18
C ALA A 107 3.10 10.67 -12.01
N ILE A 108 3.95 11.60 -11.63
CA ILE A 108 4.78 11.44 -10.41
C ILE A 108 4.05 12.14 -9.27
N LEU A 109 3.64 11.36 -8.29
CA LEU A 109 2.66 11.73 -7.25
C LEU A 109 3.33 12.01 -5.93
N ALA A 110 2.82 13.01 -5.21
CA ALA A 110 3.29 13.38 -3.89
C ALA A 110 2.15 13.96 -3.06
N LEU A 111 2.16 13.63 -1.77
CA LEU A 111 1.20 14.14 -0.83
C LEU A 111 1.21 15.65 -0.86
N THR A 112 0.02 16.23 -0.91
CA THR A 112 -0.10 17.66 -1.20
C THR A 112 0.43 18.51 -0.04
N SER A 113 1.04 19.64 -0.37
CA SER A 113 1.59 20.56 0.60
C SER A 113 0.52 21.04 1.59
N PRO A 114 0.87 21.16 2.90
CA PRO A 114 2.20 21.01 3.55
C PRO A 114 2.51 19.62 4.13
N GLY A 115 1.76 18.60 3.70
CA GLY A 115 1.98 17.24 4.19
C GLY A 115 1.84 17.20 5.70
N VAL A 116 2.72 16.45 6.37
CA VAL A 116 2.65 16.39 7.86
C VAL A 116 3.62 17.36 8.53
N GLN A 117 4.27 18.22 7.74
CA GLN A 117 5.28 19.11 8.27
C GLN A 117 4.80 20.07 9.38
N PRO A 118 3.54 20.58 9.32
CA PRO A 118 3.13 21.53 10.36
C PRO A 118 2.72 20.87 11.69
N LEU A 119 2.66 19.55 11.74
CA LEU A 119 2.14 18.84 12.94
C LEU A 119 3.10 18.88 14.12
N HIS A 120 2.62 19.39 15.26
CA HIS A 120 3.45 19.49 16.47
C HIS A 120 3.66 18.15 17.20
N ASP A 121 2.69 17.24 17.07
CA ASP A 121 2.77 15.88 17.67
C ASP A 121 3.60 14.97 16.77
N LEU A 122 4.83 14.68 17.21
CA LEU A 122 5.77 13.90 16.39
C LEU A 122 5.24 12.51 16.09
N ASP A 123 4.58 11.88 17.06
CA ASP A 123 4.06 10.54 16.77
C ASP A 123 2.97 10.58 15.71
N GLU A 124 2.08 11.56 15.82
CA GLU A 124 1.02 11.71 14.81
C GLU A 124 1.62 12.01 13.42
N ALA A 125 2.64 12.87 13.36
CA ALA A 125 3.26 13.18 12.05
C ALA A 125 3.84 11.91 11.40
N ARG A 126 4.59 11.12 12.18
CA ARG A 126 5.25 9.92 11.65
C ARG A 126 4.20 8.88 11.25
N THR A 127 3.17 8.73 12.09
CA THR A 127 2.10 7.78 11.83
C THR A 127 1.33 8.11 10.56
N LEU A 128 0.95 9.38 10.42
CA LEU A 128 0.19 9.80 9.26
C LEU A 128 1.02 9.80 7.98
N ALA A 129 2.30 10.15 8.08
CA ALA A 129 3.18 10.07 6.91
C ALA A 129 3.35 8.61 6.48
N THR A 130 3.53 7.71 7.44
CA THR A 130 3.68 6.29 7.14
C THR A 130 2.45 5.78 6.36
N ARG A 131 1.26 6.14 6.86
CA ARG A 131 0.02 5.71 6.23
C ARG A 131 -0.13 6.33 4.83
N ALA A 132 0.23 7.60 4.67
CA ALA A 132 0.16 8.24 3.35
C ALA A 132 1.11 7.58 2.35
N ASN A 133 2.30 7.21 2.84
CA ASN A 133 3.29 6.54 2.00
C ASN A 133 2.82 5.13 1.61
N ASP A 134 2.26 4.39 2.57
CA ASP A 134 1.74 3.08 2.28
C ASP A 134 0.55 3.16 1.30
N THR A 135 -0.32 4.16 1.48
CA THR A 135 -1.45 4.38 0.59
C THR A 135 -0.98 4.67 -0.84
N LEU A 136 0.01 5.54 -0.96
CA LEU A 136 0.54 5.88 -2.28
C LEU A 136 1.19 4.66 -2.93
N ALA A 137 1.97 3.91 -2.15
CA ALA A 137 2.64 2.70 -2.66
C ALA A 137 1.59 1.68 -3.18
N ASP A 138 0.48 1.52 -2.47
CA ASP A 138 -0.59 0.60 -2.92
C ASP A 138 -1.15 1.04 -4.29
N ALA A 139 -1.36 2.35 -4.45
CA ALA A 139 -1.89 2.89 -5.68
C ALA A 139 -0.91 2.70 -6.84
N CYS A 140 0.38 2.94 -6.58
CA CYS A 140 1.41 2.72 -7.60
C CYS A 140 1.48 1.24 -7.98
N GLN A 141 1.25 0.33 -7.02
CA GLN A 141 1.28 -1.10 -7.32
C GLN A 141 0.09 -1.51 -8.18
N LYS A 142 -1.03 -0.81 -7.99
CA LYS A 142 -2.24 -1.09 -8.74
C LYS A 142 -2.15 -0.56 -10.18
N TYR A 143 -1.51 0.60 -10.36
CA TYR A 143 -1.42 1.23 -11.68
C TYR A 143 0.05 1.48 -12.00
N PRO A 144 0.83 0.39 -12.15
CA PRO A 144 2.29 0.54 -12.20
C PRO A 144 2.84 1.23 -13.44
N ASP A 145 2.06 1.26 -14.52
CA ASP A 145 2.47 1.93 -15.74
C ASP A 145 2.02 3.39 -15.77
N ARG A 146 1.26 3.82 -14.77
CA ARG A 146 0.67 5.17 -14.76
C ARG A 146 1.12 6.05 -13.60
N PHE A 147 1.35 5.43 -12.43
CA PHE A 147 1.60 6.17 -11.18
C PHE A 147 3.01 5.86 -10.70
N ILE A 148 3.75 6.90 -10.35
CA ILE A 148 5.09 6.81 -9.77
C ILE A 148 5.06 7.62 -8.50
N GLY A 149 5.66 7.11 -7.43
CA GLY A 149 5.59 7.75 -6.14
C GLY A 149 6.84 8.48 -5.64
N MET A 150 6.59 9.61 -4.96
CA MET A 150 7.58 10.32 -4.15
C MET A 150 7.11 10.23 -2.72
N GLY A 151 8.02 9.92 -1.81
CA GLY A 151 7.63 9.78 -0.41
C GLY A 151 7.45 11.12 0.27
N THR A 152 6.64 11.13 1.30
CA THR A 152 6.50 12.27 2.21
C THR A 152 7.22 11.95 3.54
N VAL A 153 7.80 12.96 4.16
CA VAL A 153 8.53 12.75 5.42
C VAL A 153 8.11 13.76 6.49
N ALA A 154 8.79 13.73 7.63
CA ALA A 154 8.48 14.56 8.79
C ALA A 154 9.80 15.16 9.26
N PRO A 155 10.25 16.26 8.63
CA PRO A 155 11.55 16.84 8.97
C PRO A 155 11.67 17.26 10.44
N GLN A 156 10.55 17.40 11.16
CA GLN A 156 10.57 17.56 12.63
C GLN A 156 11.39 16.45 13.29
N ASP A 157 11.45 15.29 12.62
CA ASP A 157 12.28 14.14 13.04
C ASP A 157 13.18 13.71 11.87
N PRO A 158 14.37 14.33 11.77
CA PRO A 158 15.22 14.02 10.60
C PRO A 158 15.73 12.59 10.58
N GLU A 159 15.96 11.98 11.76
CA GLU A 159 16.44 10.60 11.77
CA GLU A 159 16.41 10.59 11.84
C GLU A 159 15.35 9.63 11.30
N TRP A 160 14.10 9.85 11.71
CA TRP A 160 12.99 9.04 11.23
C TRP A 160 12.81 9.26 9.73
N SER A 161 12.91 10.53 9.35
CA SER A 161 12.82 10.88 7.93
C SER A 161 13.84 10.14 7.08
N ALA A 162 15.09 10.04 7.56
CA ALA A 162 16.13 9.26 6.87
C ALA A 162 15.72 7.80 6.74
N ARG A 163 15.17 7.19 7.79
CA ARG A 163 14.70 5.80 7.71
C ARG A 163 13.58 5.66 6.70
N GLU A 164 12.70 6.66 6.62
CA GLU A 164 11.57 6.62 5.71
C GLU A 164 11.98 6.84 4.25
N ILE A 165 13.04 7.63 4.03
CA ILE A 165 13.63 7.77 2.70
C ILE A 165 14.14 6.38 2.24
N HIS A 166 14.83 5.68 3.15
CA HIS A 166 15.26 4.32 2.85
C HIS A 166 14.12 3.33 2.62
N ARG A 167 13.09 3.39 3.46
CA ARG A 167 11.96 2.50 3.32
C ARG A 167 11.23 2.75 1.98
N GLY A 168 11.04 4.02 1.65
CA GLY A 168 10.41 4.34 0.37
C GLY A 168 11.20 3.84 -0.82
N ALA A 169 12.53 3.98 -0.77
CA ALA A 169 13.38 3.52 -1.90
C ALA A 169 13.41 2.00 -2.02
N ARG A 170 13.52 1.33 -0.89
CA ARG A 170 13.76 -0.13 -0.89
C ARG A 170 12.47 -0.97 -0.87
N GLU A 171 11.52 -0.57 -0.03
CA GLU A 171 10.30 -1.36 0.12
C GLU A 171 9.13 -0.87 -0.75
N LEU A 172 9.05 0.45 -1.00
CA LEU A 172 7.83 0.99 -1.59
C LEU A 172 7.96 1.35 -3.07
N GLY A 173 9.18 1.25 -3.62
CA GLY A 173 9.43 1.61 -5.00
C GLY A 173 9.38 3.09 -5.35
N PHE A 174 9.54 3.95 -4.33
CA PHE A 174 9.52 5.40 -4.59
C PHE A 174 10.77 5.87 -5.29
N LYS A 175 10.68 7.01 -5.96
CA LYS A 175 11.81 7.49 -6.76
C LYS A 175 12.51 8.71 -6.16
N GLY A 176 12.02 9.16 -5.02
CA GLY A 176 12.57 10.32 -4.35
C GLY A 176 11.60 10.74 -3.26
N ILE A 177 11.83 11.93 -2.72
CA ILE A 177 10.90 12.52 -1.76
C ILE A 177 10.58 13.95 -2.13
N GLN A 178 9.39 14.37 -1.71
CA GLN A 178 9.01 15.76 -1.80
C GLN A 178 8.92 16.30 -0.39
N ILE A 179 9.66 17.39 -0.15
CA ILE A 179 9.49 18.18 1.09
C ILE A 179 8.81 19.50 0.75
N ASN A 180 7.79 19.85 1.53
CA ASN A 180 6.94 21.01 1.26
C ASN A 180 7.51 22.26 1.90
N SER A 181 8.70 22.63 1.41
CA SER A 181 9.49 23.73 1.90
C SER A 181 9.68 23.71 3.43
N HIS A 182 9.45 24.82 4.13
CA HIS A 182 9.83 24.89 5.55
C HIS A 182 9.04 23.89 6.42
N THR A 183 9.63 23.53 7.58
CA THR A 183 8.90 22.77 8.57
C THR A 183 8.79 23.65 9.81
N GLN A 184 7.58 24.16 10.06
CA GLN A 184 7.32 24.99 11.24
C GLN A 184 8.32 26.15 11.35
N GLY A 185 8.55 26.80 10.21
CA GLY A 185 9.42 27.96 10.15
C GLY A 185 10.90 27.69 10.07
N ARG A 186 11.30 26.42 10.01
CA ARG A 186 12.72 26.06 9.93
C ARG A 186 13.05 25.56 8.52
N TYR A 187 14.26 25.90 8.08
CA TYR A 187 14.73 25.59 6.71
C TYR A 187 15.83 24.53 6.72
N LEU A 188 15.95 23.82 5.59
CA LEU A 188 16.76 22.62 5.51
C LEU A 188 18.27 22.85 5.55
N ASP A 189 18.70 24.13 5.49
CA ASP A 189 20.11 24.48 5.60
C ASP A 189 20.60 24.32 7.04
N GLU A 190 19.68 24.22 8.01
CA GLU A 190 20.14 23.99 9.41
C GLU A 190 20.81 22.65 9.53
N GLU A 191 21.91 22.61 10.29
CA GLU A 191 22.61 21.35 10.57
C GLU A 191 21.66 20.24 11.09
N PHE A 192 20.62 20.63 11.83
CA PHE A 192 19.64 19.67 12.37
C PHE A 192 19.09 18.70 11.33
N PHE A 193 18.92 19.19 10.10
CA PHE A 193 18.28 18.43 9.02
C PHE A 193 19.23 17.56 8.23
N ASP A 194 20.52 17.60 8.56
CA ASP A 194 21.53 16.85 7.79
C ASP A 194 21.22 15.37 7.53
N PRO A 195 20.65 14.64 8.52
CA PRO A 195 20.39 13.22 8.24
C PRO A 195 19.53 12.97 7.02
N ILE A 196 18.66 13.92 6.67
CA ILE A 196 17.83 13.78 5.48
C ILE A 196 18.69 13.77 4.22
N PHE A 197 19.65 14.69 4.15
CA PHE A 197 20.59 14.73 3.02
C PHE A 197 21.48 13.49 2.95
N ARG A 198 22.00 13.06 4.10
CA ARG A 198 22.81 11.82 4.12
C ARG A 198 22.01 10.63 3.50
N ALA A 199 20.74 10.51 3.88
CA ALA A 199 19.88 9.45 3.38
C ALA A 199 19.63 9.58 1.87
N LEU A 200 19.36 10.80 1.39
CA LEU A 200 19.10 11.01 -0.03
C LEU A 200 20.33 10.61 -0.84
N VAL A 201 21.51 10.97 -0.37
CA VAL A 201 22.75 10.58 -1.07
C VAL A 201 22.96 9.06 -1.04
N GLU A 202 22.63 8.43 0.09
CA GLU A 202 22.77 6.97 0.24
C GLU A 202 21.89 6.22 -0.75
N VAL A 203 20.64 6.67 -0.92
CA VAL A 203 19.74 6.06 -1.91
C VAL A 203 19.91 6.65 -3.33
N ASP A 204 20.73 7.69 -3.44
CA ASP A 204 20.94 8.42 -4.69
C ASP A 204 19.64 8.90 -5.36
N GLN A 205 18.79 9.52 -4.58
CA GLN A 205 17.51 10.00 -5.09
C GLN A 205 17.39 11.51 -4.95
N PRO A 206 16.59 12.11 -5.83
CA PRO A 206 16.39 13.56 -5.76
C PRO A 206 15.41 13.99 -4.68
N LEU A 207 15.62 15.22 -4.20
CA LEU A 207 14.69 15.92 -3.34
C LEU A 207 13.94 16.91 -4.19
N TYR A 208 12.59 16.84 -4.16
CA TYR A 208 11.75 17.87 -4.77
C TYR A 208 11.32 18.82 -3.69
N ILE A 209 11.76 20.09 -3.77
CA ILE A 209 11.26 21.06 -2.81
C ILE A 209 10.03 21.73 -3.40
N HIS A 210 8.87 21.33 -2.89
CA HIS A 210 7.58 21.86 -3.37
C HIS A 210 7.20 23.06 -2.51
N PRO A 211 6.41 24.01 -3.06
CA PRO A 211 6.04 25.15 -2.22
C PRO A 211 5.19 24.83 -1.02
N ALA A 212 5.21 25.77 -0.09
CA ALA A 212 4.23 25.86 0.97
C ALA A 212 3.99 27.34 1.20
N THR A 213 2.93 27.64 1.95
CA THR A 213 2.78 28.99 2.47
C THR A 213 3.98 29.35 3.35
N SER A 214 4.30 30.64 3.38
CA SER A 214 5.37 31.16 4.21
C SER A 214 5.04 30.92 5.68
N PRO A 215 6.07 30.83 6.53
CA PRO A 215 5.80 30.70 7.97
C PRO A 215 5.25 32.00 8.55
N ASP A 216 4.74 31.93 9.77
CA ASP A 216 4.15 33.13 10.41
C ASP A 216 5.13 34.29 10.50
N SER A 217 6.42 34.00 10.54
CA SER A 217 7.47 35.01 10.64
C SER A 217 7.60 35.86 9.35
N MET A 218 6.94 35.45 8.27
CA MET A 218 7.19 36.07 6.96
C MET A 218 5.90 36.38 6.19
N ILE A 219 4.79 35.73 6.53
CA ILE A 219 3.60 35.74 5.67
C ILE A 219 2.78 37.05 5.67
N ASP A 220 2.82 37.84 6.76
CA ASP A 220 1.79 38.89 6.94
C ASP A 220 1.52 39.84 5.77
N PRO A 221 2.58 40.49 5.20
CA PRO A 221 2.24 41.42 4.11
C PRO A 221 1.67 40.74 2.88
N MET A 222 2.08 39.51 2.62
CA MET A 222 1.52 38.82 1.43
C MET A 222 0.07 38.41 1.70
N LEU A 223 -0.18 37.87 2.88
CA LEU A 223 -1.52 37.43 3.22
C LEU A 223 -2.54 38.57 3.10
N GLU A 224 -2.19 39.77 3.56
CA GLU A 224 -3.10 40.93 3.53
CA GLU A 224 -3.18 40.85 3.55
C GLU A 224 -3.58 41.22 2.11
N ALA A 225 -2.68 41.02 1.15
CA ALA A 225 -2.96 41.38 -0.23
C ALA A 225 -3.51 40.22 -1.05
N GLY A 226 -3.65 39.06 -0.43
CA GLY A 226 -4.08 37.85 -1.16
C GLY A 226 -2.99 37.23 -2.01
N LEU A 227 -1.74 37.50 -1.61
CA LEU A 227 -0.57 37.06 -2.36
C LEU A 227 0.23 35.94 -1.69
N ASP A 228 -0.31 35.33 -0.63
CA ASP A 228 0.45 34.31 0.13
C ASP A 228 0.56 32.96 -0.58
N GLY A 229 -0.33 32.72 -1.55
CA GLY A 229 -0.41 31.41 -2.21
C GLY A 229 0.39 31.26 -3.49
N ALA A 230 -0.16 30.46 -4.41
CA ALA A 230 0.49 30.15 -5.68
C ALA A 230 0.87 31.36 -6.50
N ILE A 231 0.07 32.41 -6.37
CA ILE A 231 0.32 33.62 -7.20
C ILE A 231 1.71 34.23 -6.94
N PHE A 232 2.21 34.11 -5.71
CA PHE A 232 3.44 34.86 -5.37
C PHE A 232 4.18 34.29 -4.18
N GLY A 233 3.49 34.14 -3.05
CA GLY A 233 4.17 33.66 -1.83
C GLY A 233 4.81 32.29 -2.01
N PHE A 234 4.17 31.40 -2.77
CA PHE A 234 4.78 30.09 -3.01
C PHE A 234 6.17 30.24 -3.63
N GLY A 235 6.29 31.13 -4.61
CA GLY A 235 7.57 31.34 -5.31
C GLY A 235 8.61 32.00 -4.41
N VAL A 236 8.17 32.94 -3.56
CA VAL A 236 9.06 33.56 -2.56
C VAL A 236 9.63 32.51 -1.58
N GLU A 237 8.75 31.70 -1.00
CA GLU A 237 9.14 30.72 -0.01
C GLU A 237 10.08 29.69 -0.62
N THR A 238 9.72 29.18 -1.80
CA THR A 238 10.46 28.04 -2.35
C THR A 238 11.78 28.50 -2.95
N GLY A 239 11.76 29.62 -3.67
CA GLY A 239 13.00 30.19 -4.18
C GLY A 239 13.95 30.56 -3.06
N MET A 240 13.42 31.13 -1.98
CA MET A 240 14.29 31.40 -0.83
C MET A 240 14.91 30.13 -0.26
N HIS A 241 14.12 29.07 -0.16
CA HIS A 241 14.60 27.82 0.42
C HIS A 241 15.72 27.21 -0.44
N LEU A 242 15.49 27.13 -1.74
CA LEU A 242 16.54 26.63 -2.63
C LEU A 242 17.79 27.52 -2.56
N LEU A 243 17.62 28.83 -2.62
CA LEU A 243 18.76 29.72 -2.58
C LEU A 243 19.57 29.54 -1.29
N ARG A 244 18.91 29.42 -0.14
CA ARG A 244 19.65 29.29 1.13
C ARG A 244 20.38 27.96 1.23
N LEU A 245 19.84 26.93 0.59
CA LEU A 245 20.57 25.64 0.53
C LEU A 245 21.81 25.76 -0.35
N ILE A 246 21.68 26.47 -1.48
CA ILE A 246 22.86 26.65 -2.36
C ILE A 246 23.91 27.46 -1.59
N THR A 247 23.49 28.55 -0.93
CA THR A 247 24.50 29.45 -0.33
C THR A 247 25.10 28.91 0.97
N ILE A 248 24.43 27.94 1.62
CA ILE A 248 25.06 27.26 2.78
C ILE A 248 26.10 26.23 2.31
N GLY A 249 26.12 25.95 1.01
CA GLY A 249 27.08 25.00 0.43
C GLY A 249 26.62 23.56 0.41
N ILE A 250 25.29 23.32 0.35
CA ILE A 250 24.79 21.95 0.39
C ILE A 250 25.39 21.08 -0.73
N PHE A 251 25.64 21.69 -1.89
CA PHE A 251 26.14 20.93 -3.04
C PHE A 251 27.64 20.77 -3.06
N ASP A 252 28.34 21.50 -2.18
CA ASP A 252 29.77 21.18 -1.92
C ASP A 252 29.86 20.06 -0.92
N LYS A 253 28.93 20.03 0.04
CA LYS A 253 28.91 18.95 1.01
C LYS A 253 28.48 17.60 0.36
N TYR A 254 27.49 17.68 -0.54
CA TYR A 254 26.92 16.52 -1.20
C TYR A 254 26.89 16.76 -2.72
N PRO A 255 28.03 16.58 -3.41
CA PRO A 255 28.14 16.92 -4.83
C PRO A 255 27.20 16.12 -5.74
N SER A 256 26.75 14.95 -5.28
CA SER A 256 25.87 14.12 -6.14
C SER A 256 24.40 14.56 -5.99
N LEU A 257 24.09 15.39 -4.99
CA LEU A 257 22.69 15.65 -4.65
C LEU A 257 21.98 16.43 -5.74
N GLN A 258 20.80 15.96 -6.16
CA GLN A 258 19.94 16.70 -7.08
C GLN A 258 18.73 17.23 -6.35
N ILE A 259 18.49 18.54 -6.46
CA ILE A 259 17.26 19.13 -5.96
C ILE A 259 16.41 19.62 -7.11
N MET A 260 15.16 19.20 -7.12
CA MET A 260 14.19 19.62 -8.16
C MET A 260 13.26 20.69 -7.57
N VAL A 261 12.92 21.69 -8.39
CA VAL A 261 11.84 22.64 -8.04
C VAL A 261 10.97 22.86 -9.25
N GLY A 262 9.74 23.28 -8.99
CA GLY A 262 8.78 23.52 -10.06
C GLY A 262 8.66 24.97 -10.46
N HIS A 263 7.57 25.28 -11.14
CA HIS A 263 7.22 26.68 -11.44
C HIS A 263 8.40 27.42 -12.07
N MET A 264 9.02 26.74 -13.03
CA MET A 264 10.11 27.34 -13.83
C MET A 264 11.31 27.79 -12.97
N GLY A 265 11.53 27.11 -11.85
CA GLY A 265 12.71 27.36 -11.03
C GLY A 265 12.48 28.40 -9.95
N GLU A 266 11.21 28.76 -9.74
CA GLU A 266 10.83 29.70 -8.66
C GLU A 266 11.61 30.99 -8.83
N ALA A 267 11.67 31.46 -10.09
CA ALA A 267 12.33 32.68 -10.55
C ALA A 267 13.85 32.68 -10.48
N LEU A 268 14.47 31.71 -9.82
CA LEU A 268 15.95 31.81 -9.70
C LEU A 268 16.70 31.87 -11.06
N PRO A 269 16.25 31.11 -12.08
CA PRO A 269 16.97 31.20 -13.35
C PRO A 269 16.94 32.61 -13.93
N TYR A 270 15.81 33.31 -13.77
CA TYR A 270 15.71 34.67 -14.27
C TYR A 270 16.57 35.66 -13.47
N TRP A 271 16.70 35.42 -12.17
CA TRP A 271 17.49 36.25 -11.30
C TRP A 271 18.99 35.91 -11.34
N LEU A 272 19.39 34.93 -12.15
CA LEU A 272 20.73 34.34 -11.98
C LEU A 272 21.89 35.36 -11.98
N TYR A 273 21.88 36.28 -12.94
CA TYR A 273 22.99 37.23 -13.03
C TYR A 273 23.09 38.00 -11.69
N ARG A 274 21.95 38.47 -11.17
CA ARG A 274 21.89 39.22 -9.93
C ARG A 274 22.23 38.36 -8.72
N LEU A 275 21.77 37.11 -8.70
CA LEU A 275 22.14 36.16 -7.64
C LEU A 275 23.67 36.05 -7.52
N ASP A 276 24.31 35.76 -8.65
CA ASP A 276 25.76 35.57 -8.67
C ASP A 276 26.49 36.85 -8.34
N TYR A 277 26.05 37.98 -8.93
CA TYR A 277 26.76 39.22 -8.66
C TYR A 277 26.71 39.54 -7.14
N MET A 278 25.51 39.48 -6.57
CA MET A 278 25.35 39.91 -5.17
C MET A 278 25.86 38.85 -4.20
N HIS A 279 25.84 37.58 -4.61
CA HIS A 279 26.46 36.53 -3.78
C HIS A 279 27.97 36.80 -3.69
N GLN A 280 28.61 37.07 -4.83
CA GLN A 280 30.04 37.36 -4.81
C GLN A 280 30.32 38.58 -3.95
N ALA A 281 29.47 39.62 -4.07
CA ALA A 281 29.71 40.84 -3.31
C ALA A 281 29.63 40.55 -1.82
N GLY A 282 28.62 39.78 -1.41
CA GLY A 282 28.44 39.38 0.00
C GLY A 282 29.62 38.57 0.52
N VAL A 283 30.02 37.57 -0.25
CA VAL A 283 31.13 36.68 0.17
C VAL A 283 32.42 37.50 0.33
N ARG A 284 32.72 38.33 -0.67
CA ARG A 284 33.96 39.10 -0.71
C ARG A 284 34.06 40.11 0.41
N SER A 285 32.93 40.68 0.83
CA SER A 285 32.92 41.71 1.85
C SER A 285 32.75 41.11 3.23
N GLN A 286 32.65 39.78 3.30
CA GLN A 286 32.49 39.03 4.55
C GLN A 286 31.34 39.57 5.38
N ARG A 287 30.26 39.91 4.67
CA ARG A 287 29.10 40.56 5.25
C ARG A 287 28.32 39.65 6.22
N TYR A 288 28.23 38.35 5.91
CA TYR A 288 27.32 37.46 6.65
C TYR A 288 28.00 36.15 7.04
N GLU A 289 27.78 35.71 8.29
CA GLU A 289 28.31 34.43 8.77
C GLU A 289 27.95 33.22 7.91
N ARG A 290 26.72 33.18 7.39
CA ARG A 290 26.21 32.01 6.66
C ARG A 290 26.33 32.15 5.15
N MET A 291 27.11 33.14 4.72
CA MET A 291 27.42 33.31 3.28
C MET A 291 28.94 33.33 3.07
N LYS A 292 29.51 32.12 3.06
CA LYS A 292 30.95 31.91 2.89
C LYS A 292 31.27 31.40 1.48
N PRO A 293 32.56 31.36 1.11
CA PRO A 293 32.90 30.95 -0.27
C PRO A 293 32.37 29.55 -0.64
N LEU A 294 31.94 29.44 -1.89
CA LEU A 294 31.46 28.19 -2.48
C LEU A 294 32.43 27.76 -3.55
N LYS A 295 32.45 26.47 -3.83
CA LYS A 295 33.35 25.95 -4.87
C LYS A 295 32.92 26.26 -6.30
N LYS A 296 31.63 26.50 -6.52
CA LYS A 296 31.11 26.85 -7.85
C LYS A 296 30.29 28.13 -7.72
N THR A 297 30.00 28.75 -8.86
CA THR A 297 29.03 29.85 -8.89
C THR A 297 27.61 29.31 -8.73
N ILE A 298 26.65 30.20 -8.47
CA ILE A 298 25.25 29.77 -8.41
C ILE A 298 24.85 29.18 -9.78
N GLU A 299 25.33 29.80 -10.86
CA GLU A 299 25.10 29.25 -12.18
C GLU A 299 25.64 27.83 -12.29
N GLY A 300 26.86 27.61 -11.80
CA GLY A 300 27.42 26.25 -11.81
C GLY A 300 26.53 25.23 -11.11
N TYR A 301 26.00 25.57 -9.94
CA TYR A 301 25.09 24.66 -9.23
C TYR A 301 23.78 24.44 -10.00
N LEU A 302 23.27 25.46 -10.69
CA LEU A 302 22.05 25.25 -11.51
C LEU A 302 22.31 24.21 -12.60
N LYS A 303 23.53 24.21 -13.16
CA LYS A 303 23.86 23.30 -14.25
C LYS A 303 24.23 21.88 -13.79
N SER A 304 24.64 21.73 -12.54
CA SER A 304 25.07 20.41 -12.05
C SER A 304 24.20 19.75 -10.98
N ASN A 305 23.41 20.54 -10.24
CA ASN A 305 22.71 20.02 -9.07
C ASN A 305 21.25 20.39 -8.95
N VAL A 306 20.78 21.31 -9.81
CA VAL A 306 19.38 21.73 -9.70
C VAL A 306 18.64 21.32 -10.97
N LEU A 307 17.39 20.91 -10.79
CA LEU A 307 16.53 20.45 -11.89
C LEU A 307 15.21 21.19 -11.79
N VAL A 308 14.61 21.56 -12.93
CA VAL A 308 13.42 22.41 -12.91
C VAL A 308 12.27 21.79 -13.69
N THR A 309 11.05 21.95 -13.19
CA THR A 309 9.87 21.58 -13.99
C THR A 309 9.09 22.86 -14.36
N ASN A 310 8.20 22.77 -15.35
CA ASN A 310 7.39 23.91 -15.70
C ASN A 310 6.00 23.88 -15.03
N SER A 311 5.84 23.22 -13.87
CA SER A 311 4.49 23.18 -13.27
C SER A 311 3.91 24.60 -13.19
N GLY A 312 2.65 24.75 -13.61
CA GLY A 312 2.00 26.09 -13.55
C GLY A 312 2.46 27.14 -14.55
N VAL A 313 3.44 26.77 -15.40
CA VAL A 313 4.04 27.72 -16.34
C VAL A 313 4.05 27.08 -17.73
N ALA A 314 2.87 27.03 -18.36
CA ALA A 314 2.72 26.44 -19.67
C ALA A 314 2.95 27.54 -20.70
N TRP A 315 4.19 28.02 -20.75
CA TRP A 315 4.48 29.32 -21.39
C TRP A 315 5.83 29.21 -22.08
N GLU A 316 5.80 29.12 -23.41
CA GLU A 316 7.01 28.83 -24.20
C GLU A 316 8.23 29.74 -23.94
N PRO A 317 8.04 31.08 -23.90
CA PRO A 317 9.24 31.90 -23.65
C PRO A 317 9.97 31.58 -22.34
N ALA A 318 9.21 31.32 -21.27
CA ALA A 318 9.80 31.01 -19.98
C ALA A 318 10.49 29.66 -20.00
N ILE A 319 9.86 28.67 -20.65
CA ILE A 319 10.47 27.35 -20.77
C ILE A 319 11.77 27.43 -21.54
N LYS A 320 11.76 28.15 -22.65
CA LYS A 320 12.95 28.20 -23.49
C LYS A 320 14.07 28.96 -22.81
N PHE A 321 13.70 30.01 -22.05
CA PHE A 321 14.69 30.77 -21.27
C PHE A 321 15.37 29.84 -20.29
N CYS A 322 14.57 29.04 -19.60
CA CYS A 322 15.07 28.16 -18.57
C CYS A 322 15.92 27.05 -19.21
N GLN A 323 15.50 26.55 -20.37
CA GLN A 323 16.31 25.56 -21.10
C GLN A 323 17.67 26.13 -21.49
N GLN A 324 17.71 27.39 -21.92
CA GLN A 324 19.00 28.02 -22.25
C GLN A 324 19.91 28.18 -21.02
N VAL A 325 19.36 28.63 -19.89
CA VAL A 325 20.17 28.91 -18.70
C VAL A 325 20.70 27.63 -18.07
N MET A 326 19.83 26.64 -17.98
CA MET A 326 20.19 25.42 -17.26
C MET A 326 20.64 24.23 -18.09
N GLY A 327 20.35 24.29 -19.38
CA GLY A 327 20.51 23.14 -20.27
C GLY A 327 19.18 22.43 -20.52
N GLU A 328 18.95 22.04 -21.77
CA GLU A 328 17.66 21.43 -22.12
C GLU A 328 17.47 20.06 -21.46
N ASP A 329 18.54 19.43 -20.99
CA ASP A 329 18.46 18.17 -20.25
C ASP A 329 17.90 18.34 -18.83
N ARG A 330 17.77 19.58 -18.36
CA ARG A 330 17.50 19.83 -16.94
C ARG A 330 16.13 20.47 -16.67
N VAL A 331 15.27 20.48 -17.69
CA VAL A 331 13.95 21.12 -17.63
C VAL A 331 12.91 20.09 -18.07
N MET A 332 11.93 19.86 -17.19
CA MET A 332 10.91 18.80 -17.40
C MET A 332 9.50 19.36 -17.37
N TYR A 333 8.63 18.70 -18.12
CA TYR A 333 7.21 18.95 -18.06
C TYR A 333 6.59 18.52 -16.74
N ALA A 334 5.66 19.35 -16.24
CA ALA A 334 4.78 18.96 -15.13
C ALA A 334 3.45 19.67 -15.34
N MET A 335 2.38 18.98 -14.96
CA MET A 335 1.02 19.57 -15.05
C MET A 335 0.58 20.34 -13.81
N ASP A 336 0.95 19.87 -12.62
CA ASP A 336 0.45 20.44 -11.36
C ASP A 336 -1.05 20.09 -11.20
N TYR A 337 -1.41 18.89 -11.64
CA TYR A 337 -2.75 18.35 -11.37
C TYR A 337 -2.92 18.14 -9.86
N PRO A 338 -4.11 18.45 -9.30
CA PRO A 338 -5.30 18.97 -9.95
C PRO A 338 -5.49 20.49 -9.79
N TYR A 339 -4.48 21.17 -9.22
CA TYR A 339 -4.51 22.64 -9.00
C TYR A 339 -4.51 23.39 -10.32
N GLN A 340 -3.96 22.75 -11.36
CA GLN A 340 -3.86 23.38 -12.68
C GLN A 340 -4.06 22.32 -13.78
N TYR A 341 -5.30 21.89 -13.93
CA TYR A 341 -5.66 20.79 -14.85
C TYR A 341 -6.32 21.42 -16.10
N VAL A 342 -5.52 21.70 -17.13
CA VAL A 342 -5.98 22.47 -18.27
C VAL A 342 -5.56 21.79 -19.55
N ALA A 343 -6.52 21.15 -20.24
CA ALA A 343 -6.21 20.44 -21.48
C ALA A 343 -5.53 21.38 -22.48
N ASP A 344 -5.98 22.64 -22.52
CA ASP A 344 -5.38 23.59 -23.47
C ASP A 344 -3.90 23.82 -23.18
N GLU A 345 -3.47 23.64 -21.93
CA GLU A 345 -2.04 23.82 -21.64
C GLU A 345 -1.23 22.69 -22.26
N VAL A 346 -1.76 21.47 -22.18
CA VAL A 346 -1.06 20.33 -22.80
C VAL A 346 -0.98 20.55 -24.31
N ARG A 347 -2.07 21.03 -24.91
CA ARG A 347 -2.06 21.31 -26.36
C ARG A 347 -1.01 22.38 -26.71
N ALA A 348 -0.91 23.44 -25.91
CA ALA A 348 0.14 24.45 -26.14
C ALA A 348 1.56 23.88 -26.04
N MET A 349 1.80 23.02 -25.04
CA MET A 349 3.11 22.42 -24.88
C MET A 349 3.44 21.50 -26.07
N ASP A 350 2.47 20.70 -26.50
CA ASP A 350 2.67 19.80 -27.65
C ASP A 350 3.08 20.56 -28.91
N ALA A 351 2.63 21.81 -29.04
CA ALA A 351 2.78 22.56 -30.30
C ALA A 351 3.89 23.62 -30.25
N MET A 352 4.77 23.54 -29.25
CA MET A 352 5.84 24.52 -29.12
C MET A 352 6.80 24.44 -30.30
N ASP A 353 7.38 25.59 -30.64
CA ASP A 353 8.38 25.65 -31.69
C ASP A 353 9.74 25.18 -31.14
N MET A 354 9.84 23.86 -30.95
CA MET A 354 10.98 23.14 -30.37
C MET A 354 11.22 21.92 -31.21
N SER A 355 12.49 21.50 -31.36
CA SER A 355 12.80 20.32 -32.14
C SER A 355 12.14 19.10 -31.51
N ALA A 356 11.87 18.08 -32.32
CA ALA A 356 11.33 16.84 -31.80
C ALA A 356 12.22 16.26 -30.70
N GLN A 357 13.54 16.37 -30.87
CA GLN A 357 14.48 15.83 -29.89
C GLN A 357 14.34 16.59 -28.55
N THR A 358 14.26 17.92 -28.62
CA THR A 358 14.19 18.72 -27.39
C THR A 358 12.82 18.48 -26.71
N LYS A 359 11.78 18.41 -27.52
CA LYS A 359 10.41 18.21 -27.00
C LYS A 359 10.29 16.85 -26.26
N LYS A 360 10.93 15.83 -26.83
CA LYS A 360 10.94 14.51 -26.21
C LYS A 360 11.73 14.51 -24.90
N LYS A 361 12.84 15.27 -24.84
CA LYS A 361 13.55 15.42 -23.55
C LYS A 361 12.62 16.08 -22.52
N PHE A 362 11.97 17.16 -22.94
CA PHE A 362 11.09 17.93 -22.05
C PHE A 362 9.93 17.09 -21.49
N PHE A 363 9.23 16.34 -22.35
CA PHE A 363 8.07 15.60 -21.90
C PHE A 363 8.40 14.26 -21.27
N GLN A 364 9.49 13.62 -21.73
CA GLN A 364 9.70 12.21 -21.37
C GLN A 364 11.08 11.87 -20.83
N THR A 365 12.11 12.08 -21.63
CA THR A 365 13.37 11.39 -21.32
C THR A 365 14.18 12.05 -20.19
N ASN A 366 14.00 13.36 -19.97
CA ASN A 366 14.64 13.99 -18.81
C ASN A 366 14.10 13.35 -17.51
N ALA A 367 12.78 13.25 -17.40
CA ALA A 367 12.18 12.62 -16.25
C ALA A 367 12.64 11.18 -16.09
N GLU A 368 12.69 10.44 -17.21
CA GLU A 368 13.18 9.04 -17.13
C GLU A 368 14.58 8.98 -16.52
N LYS A 369 15.43 9.93 -16.91
CA LYS A 369 16.80 9.96 -16.37
C LYS A 369 16.84 10.36 -14.88
N TRP A 370 16.26 11.51 -14.57
CA TRP A 370 16.46 12.10 -13.24
C TRP A 370 15.68 11.38 -12.16
N PHE A 371 14.54 10.78 -12.52
CA PHE A 371 13.79 9.96 -11.56
C PHE A 371 14.15 8.47 -11.66
N LYS A 372 15.05 8.11 -12.57
CA LYS A 372 15.42 6.68 -12.76
C LYS A 372 14.20 5.78 -12.96
N LEU A 373 13.34 6.19 -13.89
CA LEU A 373 12.12 5.46 -14.22
C LEU A 373 12.37 4.14 -14.94
N GLN B 25 38.90 49.52 -25.90
CA GLN B 25 38.03 49.31 -24.70
C GLN B 25 37.56 50.62 -24.05
N ASP B 26 38.01 51.77 -24.57
CA ASP B 26 37.62 53.04 -23.97
C ASP B 26 36.13 53.36 -24.12
N LEU B 27 35.53 53.73 -22.99
CA LEU B 27 34.11 54.08 -22.96
C LEU B 27 34.01 55.59 -22.95
N LYS B 28 33.27 56.13 -23.91
CA LYS B 28 33.23 57.57 -24.09
C LYS B 28 31.83 58.13 -24.07
N THR B 29 31.69 59.32 -23.47
CA THR B 29 30.46 60.09 -23.60
C THR B 29 30.39 60.70 -25.01
N GLY B 30 29.23 61.24 -25.35
CA GLY B 30 29.05 61.96 -26.61
C GLY B 30 28.22 61.26 -27.67
N GLY B 31 27.90 59.98 -27.47
CA GLY B 31 27.01 59.28 -28.39
C GLY B 31 27.58 58.86 -29.73
N GLU B 32 28.91 58.85 -29.86
CA GLU B 32 29.53 58.50 -31.15
C GLU B 32 29.17 57.08 -31.61
N GLN B 33 28.88 56.21 -30.65
CA GLN B 33 28.52 54.83 -30.96
C GLN B 33 27.07 54.69 -31.46
N GLY B 34 26.32 55.80 -31.49
CA GLY B 34 24.96 55.77 -32.05
C GLY B 34 23.84 56.09 -31.09
N TYR B 35 24.18 56.25 -29.81
CA TYR B 35 23.19 56.56 -28.78
C TYR B 35 23.92 57.23 -27.63
N LEU B 36 23.23 58.09 -26.88
CA LEU B 36 23.69 58.46 -25.54
C LEU B 36 23.42 57.28 -24.57
N ARG B 37 24.25 57.16 -23.52
CA ARG B 37 23.95 56.20 -22.44
C ARG B 37 23.35 56.98 -21.30
N ILE B 38 22.03 56.77 -21.11
CA ILE B 38 21.30 57.41 -20.04
C ILE B 38 21.04 56.34 -18.98
N ALA B 39 21.61 56.54 -17.80
CA ALA B 39 21.49 55.56 -16.72
C ALA B 39 20.33 55.98 -15.81
N THR B 40 19.32 55.12 -15.68
CA THR B 40 18.05 55.51 -15.11
C THR B 40 17.77 55.07 -13.65
N GLU B 41 18.75 54.49 -12.95
CA GLU B 41 18.52 54.16 -11.51
C GLU B 41 19.78 54.41 -10.69
N GLU B 42 20.14 55.67 -10.53
CA GLU B 42 21.41 56.06 -9.96
C GLU B 42 21.22 56.76 -8.62
N ALA B 43 22.07 56.43 -7.65
CA ALA B 43 21.85 56.80 -6.24
C ALA B 43 22.83 57.84 -5.70
N PHE B 44 22.31 58.65 -4.77
CA PHE B 44 23.17 59.53 -3.95
C PHE B 44 22.67 59.48 -2.52
N ALA B 45 23.48 60.00 -1.62
CA ALA B 45 23.11 60.13 -0.20
C ALA B 45 23.41 61.52 0.29
N THR B 46 22.79 61.86 1.43
CA THR B 46 23.21 63.06 2.18
C THR B 46 23.78 62.62 3.52
N ARG B 47 24.86 63.28 3.92
CA ARG B 47 25.52 62.90 5.15
C ARG B 47 24.54 62.99 6.33
N GLU B 48 23.69 64.02 6.37
CA GLU B 48 22.83 64.16 7.55
C GLU B 48 21.80 63.03 7.65
N ILE B 49 21.37 62.51 6.50
CA ILE B 49 20.40 61.40 6.53
C ILE B 49 21.09 60.11 6.92
N ILE B 50 22.28 59.86 6.35
CA ILE B 50 23.05 58.70 6.82
C ILE B 50 23.29 58.77 8.34
N ASP B 51 23.58 59.96 8.84
CA ASP B 51 23.76 60.15 10.29
C ASP B 51 22.50 59.79 11.09
N VAL B 52 21.31 60.07 10.55
CA VAL B 52 20.05 59.66 11.20
C VAL B 52 19.98 58.15 11.25
N TYR B 53 20.38 57.47 10.17
CA TYR B 53 20.34 56.02 10.21
C TYR B 53 21.25 55.50 11.34
N LEU B 54 22.45 56.08 11.45
CA LEU B 54 23.40 55.65 12.49
C LEU B 54 22.83 55.92 13.88
N ARG B 55 22.14 57.04 14.03
CA ARG B 55 21.50 57.40 15.31
C ARG B 55 20.43 56.36 15.68
N MET B 56 19.63 55.97 14.69
CA MET B 56 18.58 54.99 14.89
C MET B 56 19.15 53.62 15.22
N ILE B 57 20.25 53.24 14.55
CA ILE B 57 20.90 51.98 14.91
C ILE B 57 21.41 52.07 16.36
N ARG B 58 22.04 53.19 16.71
CA ARG B 58 22.59 53.36 18.07
CA ARG B 58 22.61 53.38 18.05
C ARG B 58 21.51 53.33 19.14
N ASP B 59 20.36 53.94 18.86
CA ASP B 59 19.32 54.02 19.92
C ASP B 59 18.30 52.89 19.89
N GLY B 60 18.42 51.98 18.92
CA GLY B 60 17.54 50.83 18.85
C GLY B 60 16.20 51.09 18.20
N THR B 61 16.06 52.20 17.50
CA THR B 61 14.81 52.49 16.78
C THR B 61 14.87 52.08 15.28
N ALA B 62 16.06 51.71 14.81
CA ALA B 62 16.24 51.17 13.46
C ALA B 62 15.55 49.81 13.36
N ASP B 63 14.86 49.56 12.25
CA ASP B 63 14.31 48.22 12.03
C ASP B 63 15.43 47.22 11.66
N LYS B 64 15.12 45.93 11.58
CA LYS B 64 16.16 44.95 11.29
C LYS B 64 16.82 45.20 9.92
N GLY B 65 16.02 45.65 8.95
CA GLY B 65 16.56 45.91 7.63
C GLY B 65 17.55 47.07 7.64
N MET B 66 17.22 48.13 8.39
CA MET B 66 18.15 49.27 8.48
C MET B 66 19.45 48.85 9.18
N VAL B 67 19.33 48.07 10.26
CA VAL B 67 20.52 47.57 10.94
C VAL B 67 21.41 46.78 9.97
N SER B 68 20.78 45.88 9.21
CA SER B 68 21.50 45.05 8.26
C SER B 68 22.14 45.83 7.13
N LEU B 69 21.33 46.66 6.48
CA LEU B 69 21.74 47.40 5.30
C LEU B 69 22.68 48.54 5.62
N TRP B 70 22.25 49.41 6.53
CA TRP B 70 23.02 50.62 6.79
C TRP B 70 24.09 50.43 7.85
N GLY B 71 23.87 49.47 8.76
CA GLY B 71 24.99 48.97 9.58
C GLY B 71 26.17 48.56 8.69
N PHE B 72 25.88 47.94 7.54
CA PHE B 72 26.92 47.53 6.58
C PHE B 72 27.47 48.73 5.79
N TYR B 73 26.63 49.41 5.02
CA TYR B 73 27.16 50.46 4.11
C TYR B 73 27.80 51.64 4.82
N ALA B 74 27.27 52.00 5.98
CA ALA B 74 27.77 53.17 6.70
C ALA B 74 28.94 52.88 7.61
N GLN B 75 29.22 51.61 7.92
CA GLN B 75 30.21 51.26 8.92
C GLN B 75 31.23 50.20 8.53
N SER B 76 30.87 49.31 7.62
CA SER B 76 31.85 48.27 7.18
C SER B 76 33.13 48.89 6.62
N PRO B 77 34.30 48.37 7.05
CA PRO B 77 35.55 48.83 6.44
C PRO B 77 35.89 48.11 5.14
N SER B 78 35.00 47.24 4.67
CA SER B 78 35.22 46.56 3.39
C SER B 78 35.39 47.57 2.25
N GLU B 79 36.15 47.21 1.22
CA GLU B 79 36.36 48.09 0.08
C GLU B 79 35.05 48.41 -0.61
N ARG B 80 34.18 47.41 -0.77
CA ARG B 80 32.91 47.66 -1.46
C ARG B 80 32.07 48.70 -0.71
N ALA B 81 31.93 48.52 0.61
CA ALA B 81 31.09 49.44 1.38
C ALA B 81 31.67 50.83 1.46
N THR B 82 32.99 50.93 1.64
CA THR B 82 33.61 52.22 1.83
C THR B 82 33.55 53.05 0.54
N GLN B 83 33.74 52.39 -0.61
CA GLN B 83 33.70 53.10 -1.90
C GLN B 83 32.27 53.52 -2.26
N ILE B 84 31.29 52.66 -1.94
CA ILE B 84 29.88 53.00 -2.13
C ILE B 84 29.51 54.25 -1.34
N LEU B 85 29.88 54.30 -0.05
CA LEU B 85 29.54 55.46 0.76
C LEU B 85 30.19 56.75 0.21
N GLU B 86 31.49 56.70 -0.15
CA GLU B 86 32.18 57.88 -0.72
C GLU B 86 31.47 58.34 -1.99
N ARG B 87 31.19 57.39 -2.88
CA ARG B 87 30.55 57.74 -4.14
C ARG B 87 29.11 58.26 -3.96
N LEU B 88 28.37 57.64 -3.05
CA LEU B 88 26.99 58.10 -2.77
C LEU B 88 26.97 59.58 -2.38
N LEU B 89 27.94 59.99 -1.58
CA LEU B 89 27.96 61.34 -1.01
C LEU B 89 28.38 62.43 -1.99
N ASP B 90 29.02 62.02 -3.07
CA ASP B 90 29.48 62.97 -4.06
C ASP B 90 28.44 63.31 -5.13
N LEU B 91 28.20 64.60 -5.35
CA LEU B 91 27.31 65.09 -6.39
C LEU B 91 28.06 66.08 -7.28
N GLY B 92 29.35 65.85 -7.48
CA GLY B 92 30.18 66.77 -8.22
C GLY B 92 31.23 66.10 -9.09
N GLU B 93 32.43 66.64 -9.04
CA GLU B 93 33.54 66.25 -9.86
C GLU B 93 33.83 64.76 -9.89
N ARG B 94 33.77 64.14 -8.73
CA ARG B 94 34.11 62.73 -8.64
C ARG B 94 33.05 61.87 -9.35
N ARG B 95 31.78 62.19 -9.09
CA ARG B 95 30.68 61.51 -9.76
C ARG B 95 30.80 61.66 -11.29
N ILE B 96 31.02 62.90 -11.75
CA ILE B 96 31.16 63.17 -13.17
C ILE B 96 32.34 62.39 -13.74
N ALA B 97 33.47 62.34 -13.01
CA ALA B 97 34.62 61.56 -13.47
C ALA B 97 34.28 60.08 -13.62
N ASP B 98 33.48 59.53 -12.68
CA ASP B 98 33.09 58.12 -12.72
C ASP B 98 32.16 57.87 -13.90
N MET B 99 31.27 58.81 -14.18
CA MET B 99 30.41 58.74 -15.37
C MET B 99 31.22 58.82 -16.67
N ASP B 100 32.11 59.81 -16.74
CA ASP B 100 32.94 59.98 -17.94
C ASP B 100 33.74 58.70 -18.21
N ALA B 101 34.25 58.09 -17.15
CA ALA B 101 35.12 56.89 -17.25
C ALA B 101 34.38 55.68 -17.79
N THR B 102 33.03 55.70 -17.67
CA THR B 102 32.22 54.58 -18.18
C THR B 102 31.25 55.01 -19.29
N GLY B 103 31.47 56.19 -19.84
CA GLY B 103 30.71 56.69 -20.98
C GLY B 103 29.23 56.92 -20.69
N ILE B 104 28.93 57.24 -19.45
CA ILE B 104 27.54 57.52 -19.05
C ILE B 104 27.27 59.01 -19.28
N ASP B 105 26.37 59.29 -20.20
CA ASP B 105 26.07 60.67 -20.60
C ASP B 105 25.22 61.39 -19.57
N LYS B 106 24.18 60.70 -19.09
CA LYS B 106 23.25 61.29 -18.13
C LYS B 106 22.88 60.25 -17.08
N ALA B 107 22.69 60.72 -15.85
CA ALA B 107 22.27 59.85 -14.77
C ALA B 107 20.99 60.42 -14.15
N ILE B 108 20.01 59.55 -13.92
CA ILE B 108 18.76 59.98 -13.26
C ILE B 108 18.96 59.61 -11.79
N LEU B 109 18.99 60.64 -10.93
CA LEU B 109 19.46 60.51 -9.53
C LEU B 109 18.33 60.50 -8.54
N ALA B 110 18.44 59.64 -7.52
CA ALA B 110 17.46 59.64 -6.45
C ALA B 110 18.14 59.35 -5.13
N LEU B 111 17.62 59.97 -4.06
CA LEU B 111 18.10 59.71 -2.70
C LEU B 111 18.05 58.22 -2.37
N THR B 112 19.13 57.69 -1.84
CA THR B 112 19.28 56.24 -1.69
C THR B 112 18.31 55.63 -0.67
N SER B 113 17.86 54.42 -0.97
CA SER B 113 16.95 53.69 -0.10
C SER B 113 17.51 53.51 1.30
N PRO B 114 16.68 53.73 2.33
CA PRO B 114 15.22 53.91 2.34
C PRO B 114 14.73 55.37 2.40
N GLY B 115 15.61 56.33 2.11
CA GLY B 115 15.17 57.71 2.15
C GLY B 115 14.82 58.12 3.56
N VAL B 116 13.77 58.94 3.69
CA VAL B 116 13.31 59.33 5.02
C VAL B 116 12.10 58.49 5.45
N GLN B 117 11.80 57.43 4.69
CA GLN B 117 10.60 56.63 4.97
C GLN B 117 10.56 55.97 6.36
N PRO B 118 11.72 55.51 6.89
CA PRO B 118 11.67 54.85 8.20
C PRO B 118 11.59 55.80 9.39
N LEU B 119 11.73 57.10 9.16
CA LEU B 119 11.89 58.06 10.26
C LEU B 119 10.58 58.25 11.02
N HIS B 120 10.69 58.15 12.35
CA HIS B 120 9.53 58.21 13.22
C HIS B 120 8.99 59.63 13.44
N ASP B 121 9.87 60.63 13.37
CA ASP B 121 9.52 62.04 13.63
C ASP B 121 9.16 62.67 12.28
N LEU B 122 7.86 62.97 12.09
CA LEU B 122 7.35 63.48 10.81
C LEU B 122 8.01 64.79 10.42
N ASP B 123 8.15 65.70 11.38
CA ASP B 123 8.82 66.97 11.12
C ASP B 123 10.27 66.74 10.63
N GLU B 124 11.00 65.84 11.27
CA GLU B 124 12.36 65.54 10.82
C GLU B 124 12.37 64.95 9.40
N ALA B 125 11.45 64.02 9.14
CA ALA B 125 11.37 63.37 7.83
C ALA B 125 11.10 64.43 6.74
N ARG B 126 10.11 65.30 6.93
CA ARG B 126 9.77 66.30 5.93
C ARG B 126 10.93 67.30 5.75
N THR B 127 11.53 67.71 6.87
CA THR B 127 12.66 68.64 6.81
C THR B 127 13.85 68.06 6.02
N LEU B 128 14.23 66.83 6.35
CA LEU B 128 15.38 66.23 5.69
C LEU B 128 15.11 65.90 4.22
N ALA B 129 13.86 65.51 3.92
CA ALA B 129 13.48 65.26 2.50
C ALA B 129 13.55 66.58 1.72
N THR B 130 13.03 67.66 2.31
CA THR B 130 13.11 68.97 1.69
C THR B 130 14.56 69.33 1.39
N ARG B 131 15.42 69.13 2.39
CA ARG B 131 16.85 69.42 2.22
C ARG B 131 17.51 68.56 1.14
N ALA B 132 17.20 67.25 1.15
CA ALA B 132 17.74 66.36 0.11
C ALA B 132 17.26 66.76 -1.28
N ASN B 133 16.00 67.18 -1.41
CA ASN B 133 15.46 67.63 -2.69
C ASN B 133 16.14 68.93 -3.16
N ASP B 134 16.31 69.89 -2.25
CA ASP B 134 16.99 71.13 -2.60
C ASP B 134 18.46 70.85 -2.98
N THR B 135 19.12 69.95 -2.25
CA THR B 135 20.51 69.58 -2.57
C THR B 135 20.61 68.95 -3.97
N LEU B 136 19.67 68.10 -4.32
CA LEU B 136 19.68 67.45 -5.62
C LEU B 136 19.43 68.48 -6.73
N ALA B 137 18.44 69.35 -6.50
CA ALA B 137 18.13 70.40 -7.48
C ALA B 137 19.35 71.30 -7.71
N ASP B 138 20.09 71.63 -6.64
CA ASP B 138 21.30 72.44 -6.81
C ASP B 138 22.32 71.72 -7.70
N ALA B 139 22.50 70.42 -7.47
CA ALA B 139 23.43 69.64 -8.27
C ALA B 139 23.00 69.55 -9.73
N CYS B 140 21.70 69.38 -9.97
CA CYS B 140 21.23 69.37 -11.35
C CYS B 140 21.40 70.73 -12.04
N GLN B 141 21.34 71.81 -11.27
CA GLN B 141 21.53 73.15 -11.82
C GLN B 141 22.99 73.36 -12.18
N LYS B 142 23.90 72.72 -11.43
CA LYS B 142 25.34 72.79 -11.72
C LYS B 142 25.72 71.99 -12.95
N TYR B 143 25.10 70.81 -13.09
CA TYR B 143 25.43 69.90 -14.21
C TYR B 143 24.17 69.52 -15.00
N PRO B 144 23.50 70.51 -15.63
CA PRO B 144 22.20 70.27 -16.23
C PRO B 144 22.18 69.30 -17.41
N ASP B 145 23.35 69.01 -17.98
CA ASP B 145 23.44 68.13 -19.13
C ASP B 145 23.82 66.73 -18.67
N ARG B 146 24.07 66.58 -17.37
CA ARG B 146 24.54 65.28 -16.85
C ARG B 146 23.66 64.66 -15.80
N PHE B 147 23.00 65.51 -15.00
CA PHE B 147 22.23 65.05 -13.86
C PHE B 147 20.76 65.39 -14.06
N ILE B 148 19.90 64.42 -13.83
CA ILE B 148 18.44 64.58 -13.86
C ILE B 148 17.90 64.13 -12.51
N GLY B 149 16.99 64.88 -11.91
CA GLY B 149 16.51 64.49 -10.60
C GLY B 149 15.12 63.87 -10.47
N MET B 150 15.01 62.92 -9.54
CA MET B 150 13.75 62.37 -9.09
C MET B 150 13.62 62.78 -7.60
N GLY B 151 12.46 63.27 -7.20
CA GLY B 151 12.26 63.73 -5.83
C GLY B 151 12.11 62.58 -4.85
N THR B 152 12.40 62.89 -3.59
CA THR B 152 12.15 61.95 -2.49
C THR B 152 10.99 62.50 -1.67
N VAL B 153 10.20 61.60 -1.07
CA VAL B 153 9.02 62.08 -0.33
C VAL B 153 8.94 61.33 1.00
N ALA B 154 7.87 61.59 1.75
CA ALA B 154 7.70 60.99 3.07
C ALA B 154 6.26 60.47 3.11
N PRO B 155 6.05 59.24 2.62
CA PRO B 155 4.68 58.74 2.44
C PRO B 155 3.91 58.60 3.74
N GLN B 156 4.63 58.60 4.88
CA GLN B 156 3.96 58.64 6.17
C GLN B 156 3.07 59.89 6.27
N ASP B 157 3.30 60.89 5.40
CA ASP B 157 2.46 62.08 5.29
C ASP B 157 2.08 62.26 3.80
N PRO B 158 0.98 61.64 3.36
CA PRO B 158 0.64 61.61 1.96
C PRO B 158 0.32 62.98 1.36
N GLU B 159 -0.39 63.82 2.12
CA GLU B 159 -0.68 65.14 1.56
C GLU B 159 0.56 66.01 1.48
N TRP B 160 1.48 65.90 2.44
CA TRP B 160 2.73 66.65 2.31
C TRP B 160 3.50 66.12 1.10
N SER B 161 3.50 64.81 0.94
CA SER B 161 4.17 64.22 -0.22
C SER B 161 3.61 64.73 -1.53
N ALA B 162 2.27 64.89 -1.58
CA ALA B 162 1.64 65.50 -2.76
C ALA B 162 2.16 66.92 -3.00
N ARG B 163 2.29 67.71 -1.95
CA ARG B 163 2.82 69.09 -2.04
C ARG B 163 4.26 69.06 -2.58
N GLU B 164 5.05 68.11 -2.11
CA GLU B 164 6.44 67.97 -2.54
C GLU B 164 6.60 67.45 -3.98
N ILE B 165 5.66 66.61 -4.41
CA ILE B 165 5.63 66.15 -5.79
C ILE B 165 5.42 67.36 -6.69
N HIS B 166 4.43 68.19 -6.33
CA HIS B 166 4.20 69.44 -7.08
C HIS B 166 5.42 70.37 -7.05
N ARG B 167 6.03 70.52 -5.88
CA ARG B 167 7.18 71.45 -5.77
C ARG B 167 8.33 70.95 -6.61
N GLY B 168 8.59 69.64 -6.56
CA GLY B 168 9.63 69.03 -7.38
C GLY B 168 9.39 69.29 -8.86
N ALA B 169 8.14 69.13 -9.31
CA ALA B 169 7.82 69.31 -10.72
C ALA B 169 7.83 70.79 -11.16
N ARG B 170 7.28 71.66 -10.32
CA ARG B 170 7.05 73.08 -10.65
C ARG B 170 8.28 73.95 -10.43
N GLU B 171 8.99 73.69 -9.32
CA GLU B 171 10.12 74.54 -8.90
C GLU B 171 11.50 73.94 -9.08
N LEU B 172 11.60 72.61 -9.00
CA LEU B 172 12.92 71.98 -8.93
C LEU B 172 13.39 71.28 -10.20
N GLY B 173 12.53 71.20 -11.22
CA GLY B 173 12.90 70.58 -12.49
C GLY B 173 12.98 69.06 -12.43
N PHE B 174 12.38 68.46 -11.41
CA PHE B 174 12.44 66.99 -11.30
C PHE B 174 11.51 66.33 -12.30
N LYS B 175 11.81 65.07 -12.62
CA LYS B 175 11.07 64.34 -13.64
C LYS B 175 10.10 63.28 -13.08
N GLY B 176 10.03 63.16 -11.77
CA GLY B 176 9.18 62.15 -11.12
C GLY B 176 9.67 61.98 -9.71
N ILE B 177 9.23 60.90 -9.08
CA ILE B 177 9.70 60.62 -7.71
C ILE B 177 10.08 59.17 -7.57
N GLN B 178 10.95 58.89 -6.61
CA GLN B 178 11.28 57.54 -6.25
C GLN B 178 10.78 57.28 -4.87
N ILE B 179 9.99 56.21 -4.71
CA ILE B 179 9.61 55.72 -3.36
C ILE B 179 10.30 54.40 -3.11
N ASN B 180 10.91 54.29 -1.93
CA ASN B 180 11.75 53.17 -1.57
C ASN B 180 10.92 52.08 -0.94
N SER B 181 10.00 51.58 -1.77
CA SER B 181 9.07 50.52 -1.41
C SER B 181 8.28 50.88 -0.10
N HIS B 182 8.14 49.97 0.86
CA HIS B 182 7.25 50.24 1.99
C HIS B 182 7.67 51.41 2.86
N THR B 183 6.69 52.01 3.53
CA THR B 183 6.96 52.98 4.57
C THR B 183 6.50 52.39 5.88
N GLN B 184 7.49 52.09 6.72
CA GLN B 184 7.25 51.52 8.05
C GLN B 184 6.24 50.37 8.04
N GLY B 185 6.42 49.47 7.07
CA GLY B 185 5.62 48.26 6.98
C GLY B 185 4.30 48.39 6.25
N ARG B 186 4.01 49.58 5.73
CA ARG B 186 2.78 49.85 4.99
C ARG B 186 3.07 50.07 3.50
N TYR B 187 2.11 49.62 2.69
CA TYR B 187 2.26 49.57 1.24
C TYR B 187 1.29 50.57 0.58
N LEU B 188 1.67 51.00 -0.63
CA LEU B 188 1.01 52.13 -1.29
C LEU B 188 -0.40 51.81 -1.82
N ASP B 189 -0.80 50.55 -1.75
CA ASP B 189 -2.18 50.19 -2.12
C ASP B 189 -3.22 50.61 -1.10
N GLU B 190 -2.80 50.98 0.12
CA GLU B 190 -3.78 51.48 1.09
C GLU B 190 -4.38 52.79 0.59
N GLU B 191 -5.68 52.98 0.82
CA GLU B 191 -6.33 54.22 0.43
C GLU B 191 -5.63 55.44 1.04
N PHE B 192 -5.07 55.28 2.24
CA PHE B 192 -4.32 56.33 2.93
C PHE B 192 -3.32 57.06 2.01
N PHE B 193 -2.67 56.31 1.11
CA PHE B 193 -1.58 56.85 0.32
C PHE B 193 -2.06 57.47 -0.99
N ASP B 194 -3.38 57.43 -1.24
CA ASP B 194 -3.93 57.99 -2.49
C ASP B 194 -3.45 59.38 -2.92
N PRO B 195 -3.29 60.33 -1.97
CA PRO B 195 -2.81 61.64 -2.43
C PRO B 195 -1.49 61.62 -3.23
N ILE B 196 -0.63 60.63 -2.97
CA ILE B 196 0.60 60.51 -3.75
C ILE B 196 0.29 60.24 -5.22
N PHE B 197 -0.61 59.28 -5.48
CA PHE B 197 -0.93 58.92 -6.87
C PHE B 197 -1.71 60.05 -7.52
N ARG B 198 -2.61 60.66 -6.76
CA ARG B 198 -3.37 61.81 -7.27
C ARG B 198 -2.44 62.90 -7.79
N ALA B 199 -1.45 63.23 -6.99
CA ALA B 199 -0.49 64.29 -7.36
C ALA B 199 0.39 63.87 -8.54
N LEU B 200 0.86 62.63 -8.55
CA LEU B 200 1.63 62.13 -9.71
C LEU B 200 0.88 62.27 -11.02
N VAL B 201 -0.43 62.00 -10.99
CA VAL B 201 -1.22 62.07 -12.20
C VAL B 201 -1.46 63.55 -12.53
N GLU B 202 -1.61 64.38 -11.49
CA GLU B 202 -1.74 65.85 -11.72
C GLU B 202 -0.52 66.43 -12.48
N VAL B 203 0.68 66.04 -12.06
CA VAL B 203 1.90 66.54 -12.70
C VAL B 203 2.32 65.68 -13.89
N ASP B 204 1.58 64.57 -14.10
CA ASP B 204 1.85 63.63 -15.19
C ASP B 204 3.29 63.08 -15.16
N GLN B 205 3.71 62.61 -13.98
CA GLN B 205 5.05 62.07 -13.82
C GLN B 205 5.02 60.63 -13.35
N PRO B 206 6.06 59.87 -13.69
CA PRO B 206 6.16 58.48 -13.27
C PRO B 206 6.60 58.33 -11.80
N LEU B 207 6.19 57.22 -11.21
CA LEU B 207 6.70 56.76 -9.91
C LEU B 207 7.70 55.62 -10.11
N TYR B 208 8.91 55.77 -9.54
CA TYR B 208 9.89 54.67 -9.57
C TYR B 208 9.79 54.02 -8.20
N ILE B 209 9.35 52.75 -8.14
CA ILE B 209 9.39 52.01 -6.87
C ILE B 209 10.71 51.26 -6.77
N HIS B 210 11.60 51.80 -5.94
CA HIS B 210 12.94 51.27 -5.76
C HIS B 210 12.87 50.30 -4.58
N PRO B 211 13.76 49.28 -4.54
CA PRO B 211 13.74 48.37 -3.36
C PRO B 211 14.05 49.03 -2.01
N ALA B 212 13.65 48.32 -0.96
CA ALA B 212 14.15 48.52 0.38
C ALA B 212 14.20 47.12 0.99
N THR B 213 14.85 47.02 2.16
CA THR B 213 14.73 45.82 2.97
C THR B 213 13.25 45.63 3.32
N SER B 214 12.86 44.37 3.50
CA SER B 214 11.54 44.04 3.99
C SER B 214 11.29 44.63 5.38
N PRO B 215 10.02 44.87 5.71
CA PRO B 215 9.75 45.32 7.07
C PRO B 215 9.94 44.16 8.06
N ASP B 216 9.99 44.52 9.33
CA ASP B 216 10.18 43.53 10.40
C ASP B 216 9.16 42.40 10.36
N SER B 217 7.95 42.68 9.84
CA SER B 217 6.91 41.65 9.73
C SER B 217 7.25 40.52 8.76
N MET B 218 8.30 40.68 7.95
CA MET B 218 8.55 39.77 6.84
C MET B 218 10.02 39.34 6.73
N ILE B 219 10.93 40.08 7.36
CA ILE B 219 12.34 39.94 7.00
C ILE B 219 13.05 38.72 7.61
N ASP B 220 12.53 38.17 8.70
CA ASP B 220 13.37 37.29 9.54
C ASP B 220 14.06 36.13 8.79
N PRO B 221 13.30 35.31 8.04
CA PRO B 221 13.98 34.16 7.43
C PRO B 221 15.00 34.58 6.38
N MET B 222 14.81 35.74 5.75
CA MET B 222 15.78 36.16 4.77
C MET B 222 17.02 36.69 5.47
N LEU B 223 16.81 37.47 6.52
CA LEU B 223 17.94 38.05 7.28
C LEU B 223 18.90 36.96 7.81
N GLU B 224 18.33 35.89 8.34
CA GLU B 224 19.15 34.86 9.01
C GLU B 224 20.06 34.16 8.01
N ALA B 225 19.65 34.11 6.74
CA ALA B 225 20.50 33.49 5.69
C ALA B 225 21.37 34.46 4.90
N GLY B 226 21.30 35.76 5.23
CA GLY B 226 22.05 36.77 4.50
C GLY B 226 21.39 37.12 3.19
N LEU B 227 20.06 36.92 3.09
CA LEU B 227 19.33 37.09 1.81
C LEU B 227 18.39 38.29 1.83
N ASP B 228 18.50 39.13 2.85
CA ASP B 228 17.59 40.26 3.01
C ASP B 228 17.78 41.41 2.02
N GLY B 229 18.99 41.52 1.46
CA GLY B 229 19.33 42.64 0.61
C GLY B 229 19.14 42.42 -0.88
N ALA B 230 20.02 43.03 -1.67
CA ALA B 230 19.91 43.04 -3.12
C ALA B 230 19.89 41.65 -3.74
N ILE B 231 20.49 40.67 -3.07
CA ILE B 231 20.54 39.32 -3.63
C ILE B 231 19.14 38.68 -3.76
N PHE B 232 18.20 39.06 -2.90
CA PHE B 232 16.91 38.35 -2.91
C PHE B 232 15.79 39.16 -2.29
N GLY B 233 15.98 39.60 -1.05
CA GLY B 233 14.90 40.29 -0.33
C GLY B 233 14.44 41.55 -1.06
N PHE B 234 15.36 42.28 -1.71
CA PHE B 234 14.96 43.49 -2.46
C PHE B 234 13.91 43.12 -3.52
N GLY B 235 14.15 42.01 -4.24
CA GLY B 235 13.26 41.56 -5.31
C GLY B 235 11.91 41.09 -4.77
N VAL B 236 11.93 40.38 -3.65
CA VAL B 236 10.70 39.99 -2.97
C VAL B 236 9.85 41.22 -2.60
N GLU B 237 10.45 42.13 -1.84
CA GLU B 237 9.76 43.31 -1.36
C GLU B 237 9.18 44.12 -2.50
N THR B 238 9.98 44.37 -3.55
CA THR B 238 9.59 45.32 -4.58
C THR B 238 8.60 44.68 -5.55
N GLY B 239 8.82 43.41 -5.87
CA GLY B 239 7.90 42.68 -6.75
C GLY B 239 6.55 42.57 -6.05
N MET B 240 6.58 42.27 -4.74
CA MET B 240 5.33 42.22 -3.98
C MET B 240 4.60 43.57 -4.04
N HIS B 241 5.35 44.66 -3.87
CA HIS B 241 4.74 45.98 -3.82
C HIS B 241 4.11 46.37 -5.16
N LEU B 242 4.84 46.15 -6.26
CA LEU B 242 4.27 46.41 -7.58
C LEU B 242 3.02 45.52 -7.80
N LEU B 243 3.13 44.23 -7.50
CA LEU B 243 2.02 43.32 -7.72
C LEU B 243 0.76 43.73 -6.96
N ARG B 244 0.91 44.11 -5.69
CA ARG B 244 -0.26 44.47 -4.90
C ARG B 244 -0.90 45.77 -5.40
N LEU B 245 -0.09 46.66 -5.98
CA LEU B 245 -0.65 47.86 -6.58
C LEU B 245 -1.44 47.50 -7.83
N ILE B 246 -0.90 46.58 -8.64
CA ILE B 246 -1.65 46.15 -9.84
C ILE B 246 -2.98 45.49 -9.40
N THR B 247 -2.90 44.56 -8.45
CA THR B 247 -4.11 43.80 -8.07
C THR B 247 -5.16 44.60 -7.26
N ILE B 248 -4.74 45.70 -6.61
CA ILE B 248 -5.73 46.62 -6.02
C ILE B 248 -6.44 47.49 -7.06
N GLY B 249 -5.94 47.48 -8.30
CA GLY B 249 -6.52 48.25 -9.41
C GLY B 249 -6.03 49.67 -9.56
N ILE B 250 -4.79 49.95 -9.14
CA ILE B 250 -4.29 51.32 -9.20
C ILE B 250 -4.34 51.88 -10.63
N PHE B 251 -4.14 51.02 -11.63
CA PHE B 251 -4.13 51.49 -13.02
C PHE B 251 -5.54 51.58 -13.65
N ASP B 252 -6.56 51.02 -12.98
CA ASP B 252 -7.92 51.33 -13.37
C ASP B 252 -8.37 52.67 -12.79
N LYS B 253 -7.91 52.96 -11.57
CA LYS B 253 -8.19 54.25 -10.95
CA LYS B 253 -8.18 54.24 -10.94
C LYS B 253 -7.42 55.37 -11.66
N TYR B 254 -6.18 55.09 -12.06
CA TYR B 254 -5.31 56.08 -12.68
C TYR B 254 -4.73 55.51 -13.98
N PRO B 255 -5.51 55.53 -15.07
CA PRO B 255 -5.04 54.84 -16.27
C PRO B 255 -3.79 55.46 -16.93
N SER B 256 -3.50 56.72 -16.65
CA SER B 256 -2.31 57.36 -17.23
C SER B 256 -1.03 57.05 -16.46
N LEU B 257 -1.18 56.59 -15.21
CA LEU B 257 -0.04 56.41 -14.29
C LEU B 257 0.97 55.41 -14.82
N GLN B 258 2.23 55.83 -14.80
CA GLN B 258 3.32 54.91 -15.12
C GLN B 258 4.13 54.62 -13.86
N ILE B 259 4.34 53.32 -13.58
CA ILE B 259 5.24 52.92 -12.49
C ILE B 259 6.43 52.18 -13.07
N MET B 260 7.62 52.66 -12.69
CA MET B 260 8.89 52.10 -13.11
C MET B 260 9.44 51.24 -12.00
N VAL B 261 10.05 50.11 -12.36
CA VAL B 261 10.84 49.28 -11.42
C VAL B 261 12.11 48.83 -12.08
N GLY B 262 13.11 48.57 -11.24
CA GLY B 262 14.41 48.10 -11.71
C GLY B 262 14.59 46.59 -11.74
N HIS B 263 15.85 46.17 -11.90
CA HIS B 263 16.24 44.75 -11.68
C HIS B 263 15.40 43.83 -12.53
N MET B 264 15.21 44.26 -13.79
CA MET B 264 14.51 43.48 -14.82
C MET B 264 13.05 43.17 -14.45
N GLY B 265 12.43 44.07 -13.67
CA GLY B 265 11.01 43.93 -13.34
C GLY B 265 10.73 43.17 -12.06
N GLU B 266 11.76 42.95 -11.25
CA GLU B 266 11.62 42.27 -9.95
C GLU B 266 10.94 40.91 -10.13
N ALA B 267 11.39 40.22 -11.18
CA ALA B 267 10.92 38.86 -11.58
C ALA B 267 9.50 38.80 -12.13
N LEU B 268 8.72 39.88 -12.02
CA LEU B 268 7.31 39.78 -12.47
C LEU B 268 7.15 39.39 -13.97
N PRO B 269 8.02 39.91 -14.87
CA PRO B 269 7.83 39.51 -16.28
C PRO B 269 8.03 38.00 -16.47
N TYR B 270 8.95 37.39 -15.71
CA TYR B 270 9.20 35.95 -15.83
C TYR B 270 8.05 35.16 -15.21
N TRP B 271 7.49 35.65 -14.11
CA TRP B 271 6.32 35.01 -13.46
C TRP B 271 4.99 35.26 -14.17
N LEU B 272 4.99 35.99 -15.29
CA LEU B 272 3.74 36.54 -15.82
C LEU B 272 2.65 35.52 -16.07
N TYR B 273 2.97 34.39 -16.70
CA TYR B 273 1.94 33.40 -17.00
C TYR B 273 1.26 32.93 -15.71
N ARG B 274 2.06 32.67 -14.68
CA ARG B 274 1.56 32.22 -13.37
C ARG B 274 0.82 33.34 -12.64
N LEU B 275 1.30 34.58 -12.73
CA LEU B 275 0.59 35.70 -12.11
C LEU B 275 -0.82 35.79 -12.67
N ASP B 276 -0.95 35.75 -13.99
CA ASP B 276 -2.27 35.94 -14.58
C ASP B 276 -3.15 34.72 -14.31
N TYR B 277 -2.58 33.51 -14.38
CA TYR B 277 -3.40 32.33 -14.14
C TYR B 277 -3.95 32.33 -12.70
N MET B 278 -3.10 32.54 -11.70
CA MET B 278 -3.53 32.52 -10.32
C MET B 278 -4.33 33.74 -9.88
N HIS B 279 -4.07 34.87 -10.53
CA HIS B 279 -4.88 36.06 -10.27
C HIS B 279 -6.30 35.78 -10.72
N GLN B 280 -6.46 35.24 -11.93
CA GLN B 280 -7.80 34.93 -12.44
C GLN B 280 -8.50 33.92 -11.53
N ALA B 281 -7.78 32.88 -11.09
CA ALA B 281 -8.38 31.92 -10.18
C ALA B 281 -8.88 32.58 -8.89
N GLY B 282 -8.05 33.44 -8.29
CA GLY B 282 -8.44 34.08 -7.04
C GLY B 282 -9.64 35.02 -7.22
N VAL B 283 -9.67 35.76 -8.33
CA VAL B 283 -10.78 36.71 -8.59
C VAL B 283 -12.10 35.93 -8.70
N ARG B 284 -12.08 34.89 -9.53
CA ARG B 284 -13.33 34.13 -9.80
C ARG B 284 -13.87 33.44 -8.54
N SER B 285 -12.98 32.97 -7.68
CA SER B 285 -13.39 32.20 -6.49
C SER B 285 -13.70 33.09 -5.29
N GLN B 286 -13.54 34.42 -5.44
CA GLN B 286 -13.83 35.35 -4.30
C GLN B 286 -12.96 35.05 -3.08
N ARG B 287 -11.74 34.60 -3.32
CA ARG B 287 -10.89 34.12 -2.22
C ARG B 287 -10.44 35.26 -1.29
N TYR B 288 -10.28 36.46 -1.85
CA TYR B 288 -9.66 37.53 -1.09
C TYR B 288 -10.41 38.85 -1.26
N GLU B 289 -10.58 39.56 -0.15
CA GLU B 289 -11.25 40.85 -0.16
C GLU B 289 -10.59 41.89 -1.10
N ARG B 290 -9.27 41.87 -1.17
CA ARG B 290 -8.53 42.88 -1.94
C ARG B 290 -8.10 42.40 -3.33
N MET B 291 -8.74 41.37 -3.85
CA MET B 291 -8.45 40.88 -5.19
C MET B 291 -9.76 40.70 -5.94
N LYS B 292 -10.24 41.82 -6.52
CA LYS B 292 -11.51 41.89 -7.23
C LYS B 292 -11.23 42.13 -8.73
N PRO B 293 -12.24 42.05 -9.60
CA PRO B 293 -11.95 42.12 -11.05
C PRO B 293 -11.22 43.40 -11.47
N LEU B 294 -10.30 43.24 -12.43
CA LEU B 294 -9.57 44.35 -13.05
C LEU B 294 -9.95 44.49 -14.51
N LYS B 295 -9.81 45.70 -15.07
CA LYS B 295 -10.18 45.92 -16.45
C LYS B 295 -9.22 45.33 -17.48
N LYS B 296 -7.98 45.03 -17.06
CA LYS B 296 -6.99 44.39 -17.91
C LYS B 296 -6.40 43.18 -17.19
N THR B 297 -5.76 42.30 -17.96
CA THR B 297 -4.90 41.27 -17.35
C THR B 297 -3.64 41.95 -16.80
N ILE B 298 -2.90 41.22 -15.96
CA ILE B 298 -1.63 41.72 -15.47
C ILE B 298 -0.68 41.98 -16.67
N GLU B 299 -0.72 41.09 -17.67
CA GLU B 299 0.04 41.30 -18.90
C GLU B 299 -0.33 42.64 -19.54
N GLY B 300 -1.63 42.92 -19.62
CA GLY B 300 -2.10 44.20 -20.12
C GLY B 300 -1.49 45.37 -19.38
N TYR B 301 -1.47 45.32 -18.04
CA TYR B 301 -0.84 46.43 -17.30
C TYR B 301 0.65 46.55 -17.56
N LEU B 302 1.35 45.42 -17.73
CA LEU B 302 2.79 45.47 -17.99
C LEU B 302 3.03 46.23 -19.32
N LYS B 303 2.11 46.07 -20.27
CA LYS B 303 2.26 46.66 -21.58
C LYS B 303 1.83 48.13 -21.67
N SER B 304 1.01 48.58 -20.71
CA SER B 304 0.51 49.95 -20.78
C SER B 304 0.86 50.86 -19.59
N ASN B 305 1.19 50.29 -18.43
CA ASN B 305 1.38 51.11 -17.23
C ASN B 305 2.67 50.87 -16.43
N VAL B 306 3.40 49.81 -16.77
CA VAL B 306 4.65 49.42 -16.06
C VAL B 306 5.84 49.59 -17.00
N LEU B 307 6.93 50.12 -16.45
CA LEU B 307 8.18 50.28 -17.19
C LEU B 307 9.28 49.63 -16.39
N VAL B 308 10.28 49.06 -17.08
CA VAL B 308 11.34 48.29 -16.44
C VAL B 308 12.72 48.79 -16.80
N THR B 309 13.64 48.76 -15.84
CA THR B 309 15.05 49.04 -16.16
C THR B 309 15.85 47.78 -15.85
N ASN B 310 17.07 47.69 -16.39
CA ASN B 310 17.88 46.54 -16.13
C ASN B 310 18.90 46.79 -15.02
N SER B 311 18.63 47.70 -14.08
CA SER B 311 19.59 47.90 -12.99
C SER B 311 20.03 46.54 -12.39
N GLY B 312 21.34 46.36 -12.24
CA GLY B 312 21.85 45.14 -11.62
C GLY B 312 21.79 43.89 -12.47
N VAL B 313 21.25 44.00 -13.68
CA VAL B 313 21.03 42.85 -14.55
C VAL B 313 21.62 43.14 -15.93
N ALA B 314 22.95 43.10 -16.00
CA ALA B 314 23.63 43.38 -17.27
C ALA B 314 23.80 42.05 -17.98
N TRP B 315 22.67 41.51 -18.44
CA TRP B 315 22.58 40.12 -18.83
C TRP B 315 21.62 40.01 -20.01
N GLU B 316 22.19 39.80 -21.21
CA GLU B 316 21.41 39.86 -22.44
C GLU B 316 20.14 38.96 -22.47
N PRO B 317 20.24 37.69 -22.04
CA PRO B 317 19.03 36.83 -22.14
C PRO B 317 17.86 37.40 -21.32
N ALA B 318 18.15 37.94 -20.13
CA ALA B 318 17.06 38.47 -19.31
C ALA B 318 16.50 39.76 -19.91
N ILE B 319 17.38 40.61 -20.40
CA ILE B 319 16.92 41.84 -21.07
C ILE B 319 16.00 41.54 -22.28
N LYS B 320 16.46 40.65 -23.15
CA LYS B 320 15.71 40.27 -24.33
C LYS B 320 14.38 39.61 -23.98
N PHE B 321 14.38 38.75 -22.95
CA PHE B 321 13.14 38.14 -22.45
C PHE B 321 12.16 39.27 -22.09
N CYS B 322 12.64 40.21 -21.29
CA CYS B 322 11.77 41.28 -20.82
C CYS B 322 11.28 42.19 -21.98
N GLN B 323 12.17 42.48 -22.94
CA GLN B 323 11.76 43.21 -24.14
C GLN B 323 10.64 42.50 -24.93
N GLN B 324 10.74 41.18 -25.05
CA GLN B 324 9.72 40.38 -25.77
C GLN B 324 8.36 40.45 -25.03
N VAL B 325 8.42 40.29 -23.70
CA VAL B 325 7.20 40.26 -22.88
C VAL B 325 6.51 41.62 -22.81
N MET B 326 7.27 42.68 -22.57
CA MET B 326 6.68 43.99 -22.32
C MET B 326 6.67 44.93 -23.49
N GLY B 327 7.49 44.63 -24.49
CA GLY B 327 7.71 45.57 -25.58
C GLY B 327 9.06 46.23 -25.41
N GLU B 328 9.82 46.33 -26.52
CA GLU B 328 11.16 46.90 -26.43
C GLU B 328 11.13 48.40 -26.11
N ASP B 329 9.98 49.07 -26.27
CA ASP B 329 9.86 50.46 -25.88
C ASP B 329 9.78 50.66 -24.37
N ARG B 330 9.63 49.56 -23.61
CA ARG B 330 9.30 49.68 -22.19
C ARG B 330 10.42 49.18 -21.27
N VAL B 331 11.63 49.01 -21.84
CA VAL B 331 12.78 48.48 -21.12
C VAL B 331 13.95 49.43 -21.33
N MET B 332 14.51 49.91 -20.21
CA MET B 332 15.55 50.94 -20.20
C MET B 332 16.83 50.49 -19.52
N TYR B 333 17.95 51.05 -19.99
CA TYR B 333 19.25 50.85 -19.36
C TYR B 333 19.32 51.61 -18.01
N ALA B 334 19.90 50.94 -17.01
CA ALA B 334 20.28 51.58 -15.74
C ALA B 334 21.56 50.91 -15.24
N MET B 335 22.44 51.70 -14.63
CA MET B 335 23.69 51.18 -14.07
C MET B 335 23.55 50.73 -12.60
N ASP B 336 22.72 51.45 -11.82
CA ASP B 336 22.69 51.22 -10.38
C ASP B 336 24.01 51.69 -9.71
N TYR B 337 24.57 52.79 -10.22
CA TYR B 337 25.72 53.43 -9.56
C TYR B 337 25.29 53.99 -8.22
N PRO B 338 26.15 53.87 -7.19
CA PRO B 338 27.47 53.22 -7.12
C PRO B 338 27.46 51.80 -6.57
N TYR B 339 26.27 51.24 -6.33
CA TYR B 339 26.14 49.86 -5.84
C TYR B 339 26.63 48.82 -6.84
N GLN B 340 26.64 49.16 -8.12
CA GLN B 340 27.07 48.22 -9.14
C GLN B 340 27.68 49.02 -10.27
N TYR B 341 28.91 49.48 -10.01
CA TYR B 341 29.66 50.35 -10.93
C TYR B 341 30.72 49.51 -11.63
N VAL B 342 30.41 49.00 -12.81
CA VAL B 342 31.28 48.03 -13.46
C VAL B 342 31.43 48.35 -14.94
N ALA B 343 32.62 48.83 -15.31
CA ALA B 343 32.84 49.22 -16.70
C ALA B 343 32.57 48.06 -17.69
N ASP B 344 32.95 46.84 -17.31
CA ASP B 344 32.71 45.69 -18.19
C ASP B 344 31.22 45.43 -18.43
N GLU B 345 30.36 45.84 -17.49
CA GLU B 345 28.92 45.73 -17.73
C GLU B 345 28.46 46.67 -18.85
N VAL B 346 28.98 47.90 -18.85
CA VAL B 346 28.65 48.86 -19.92
C VAL B 346 29.10 48.29 -21.26
N ARG B 347 30.35 47.76 -21.31
CA ARG B 347 30.85 47.13 -22.54
CA ARG B 347 30.83 47.16 -22.55
C ARG B 347 29.96 45.97 -22.98
N ALA B 348 29.54 45.13 -22.04
CA ALA B 348 28.65 44.04 -22.38
C ALA B 348 27.31 44.53 -22.95
N MET B 349 26.74 45.59 -22.40
CA MET B 349 25.51 46.15 -22.93
C MET B 349 25.70 46.74 -24.35
N ASP B 350 26.82 47.46 -24.54
CA ASP B 350 27.14 48.01 -25.88
C ASP B 350 27.25 46.88 -26.92
N ALA B 351 27.70 45.71 -26.48
CA ALA B 351 27.99 44.60 -27.40
C ALA B 351 26.84 43.61 -27.63
N MET B 352 25.65 43.87 -27.08
CA MET B 352 24.54 42.90 -27.20
C MET B 352 24.13 42.67 -28.64
N ASP B 353 23.64 41.46 -28.92
CA ASP B 353 23.18 41.11 -30.26
C ASP B 353 21.75 41.66 -30.41
N MET B 354 21.68 42.97 -30.64
CA MET B 354 20.43 43.70 -30.86
C MET B 354 20.64 44.63 -32.03
N SER B 355 19.57 45.02 -32.72
CA SER B 355 19.72 45.98 -33.82
C SER B 355 20.19 47.33 -33.24
N ALA B 356 20.81 48.15 -34.08
CA ALA B 356 21.17 49.50 -33.69
C ALA B 356 19.93 50.24 -33.17
N GLN B 357 18.79 49.97 -33.80
CA GLN B 357 17.57 50.68 -33.47
C GLN B 357 17.05 50.28 -32.08
N THR B 358 17.10 49.00 -31.77
CA THR B 358 16.68 48.52 -30.44
C THR B 358 17.63 49.04 -29.36
N LYS B 359 18.92 48.98 -29.65
CA LYS B 359 19.95 49.49 -28.73
CA LYS B 359 19.92 49.45 -28.70
C LYS B 359 19.75 50.95 -28.38
N LYS B 360 19.41 51.75 -29.40
CA LYS B 360 19.19 53.18 -29.17
C LYS B 360 17.97 53.45 -28.25
N LYS B 361 16.93 52.63 -28.42
CA LYS B 361 15.77 52.74 -27.52
C LYS B 361 16.19 52.37 -26.08
N PHE B 362 16.89 51.25 -25.96
CA PHE B 362 17.28 50.72 -24.65
C PHE B 362 18.19 51.69 -23.89
N PHE B 363 19.16 52.28 -24.57
CA PHE B 363 20.10 53.17 -23.89
C PHE B 363 19.64 54.62 -23.71
N GLN B 364 18.81 55.10 -24.63
CA GLN B 364 18.52 56.53 -24.78
C GLN B 364 17.07 56.91 -24.93
N THR B 365 16.42 56.48 -26.03
CA THR B 365 15.19 57.18 -26.38
C THR B 365 14.00 56.71 -25.54
N ASN B 366 14.06 55.49 -24.97
CA ASN B 366 12.97 55.11 -24.07
C ASN B 366 13.01 56.03 -22.85
N ALA B 367 14.20 56.21 -22.27
CA ALA B 367 14.32 57.13 -21.11
C ALA B 367 13.88 58.56 -21.47
N GLU B 368 14.29 59.05 -22.65
CA GLU B 368 13.85 60.37 -23.06
C GLU B 368 12.33 60.50 -23.12
N LYS B 369 11.65 59.46 -23.61
CA LYS B 369 10.18 59.47 -23.63
C LYS B 369 9.56 59.41 -22.22
N TRP B 370 9.92 58.38 -21.48
CA TRP B 370 9.21 58.07 -20.24
C TRP B 370 9.50 59.05 -19.12
N PHE B 371 10.70 59.65 -19.13
CA PHE B 371 11.01 60.67 -18.13
C PHE B 371 10.82 62.08 -18.70
N LYS B 372 10.41 62.17 -19.96
CA LYS B 372 10.16 63.50 -20.59
C LYS B 372 11.38 64.42 -20.52
N LEU B 373 12.52 63.92 -20.97
CA LEU B 373 13.79 64.62 -20.84
C LEU B 373 13.96 65.73 -21.85
N ASP C 26 9.48 -47.61 -19.72
CA ASP C 26 9.33 -49.08 -19.91
C ASP C 26 9.53 -49.81 -18.57
N LEU C 27 8.45 -50.37 -18.05
CA LEU C 27 8.44 -50.90 -16.69
C LEU C 27 8.59 -52.40 -16.68
N LYS C 28 9.51 -52.89 -15.87
CA LYS C 28 9.87 -54.31 -15.90
C LYS C 28 9.81 -54.97 -14.55
N THR C 29 9.32 -56.21 -14.55
CA THR C 29 9.44 -57.09 -13.40
C THR C 29 10.87 -57.58 -13.27
N GLY C 30 11.19 -58.18 -12.13
CA GLY C 30 12.51 -58.80 -11.95
C GLY C 30 13.45 -58.10 -10.99
N GLY C 31 13.12 -56.85 -10.62
CA GLY C 31 13.87 -56.16 -9.57
C GLY C 31 15.21 -55.56 -9.97
N GLU C 32 15.46 -55.42 -11.27
CA GLU C 32 16.76 -54.90 -11.76
C GLU C 32 17.06 -53.50 -11.19
N GLN C 33 16.00 -52.75 -10.92
CA GLN C 33 16.16 -51.39 -10.44
C GLN C 33 16.52 -51.33 -8.95
N GLY C 34 16.62 -52.49 -8.29
CA GLY C 34 17.10 -52.59 -6.91
C GLY C 34 16.10 -53.09 -5.88
N TYR C 35 14.87 -53.33 -6.33
CA TYR C 35 13.79 -53.78 -5.46
C TYR C 35 12.74 -54.44 -6.33
N LEU C 36 12.00 -55.40 -5.77
CA LEU C 36 10.75 -55.88 -6.37
C LEU C 36 9.67 -54.83 -6.07
N ARG C 37 8.70 -54.68 -6.96
CA ARG C 37 7.52 -53.86 -6.69
C ARG C 37 6.39 -54.78 -6.17
N ILE C 38 6.11 -54.70 -4.85
CA ILE C 38 5.04 -55.49 -4.26
C ILE C 38 3.86 -54.54 -3.99
N ALA C 39 2.76 -54.78 -4.71
CA ALA C 39 1.56 -53.91 -4.63
C ALA C 39 0.64 -54.51 -3.56
N THR C 40 0.34 -53.74 -2.52
CA THR C 40 -0.26 -54.33 -1.31
C THR C 40 -1.77 -54.09 -1.09
N GLU C 41 -2.48 -53.52 -2.07
CA GLU C 41 -3.93 -53.29 -1.94
C GLU C 41 -4.64 -53.49 -3.26
N GLU C 42 -4.66 -54.73 -3.73
CA GLU C 42 -5.07 -55.04 -5.10
C GLU C 42 -6.34 -55.86 -5.06
N ALA C 43 -7.25 -55.60 -5.98
CA ALA C 43 -8.64 -56.10 -5.88
C ALA C 43 -9.06 -57.07 -6.98
N PHE C 44 -9.92 -58.02 -6.60
CA PHE C 44 -10.63 -58.85 -7.58
C PHE C 44 -12.10 -59.01 -7.16
N ALA C 45 -12.89 -59.56 -8.07
CA ALA C 45 -14.29 -59.80 -7.83
C ALA C 45 -14.63 -61.21 -8.28
N THR C 46 -15.74 -61.72 -7.77
CA THR C 46 -16.39 -62.87 -8.38
C THR C 46 -17.71 -62.47 -8.99
N ARG C 47 -18.01 -63.08 -10.15
CA ARG C 47 -19.23 -62.77 -10.87
C ARG C 47 -20.47 -63.01 -9.99
N GLU C 48 -20.47 -64.11 -9.25
CA GLU C 48 -21.65 -64.45 -8.46
C GLU C 48 -21.91 -63.44 -7.34
N ILE C 49 -20.84 -62.88 -6.77
CA ILE C 49 -21.06 -61.87 -5.72
C ILE C 49 -21.53 -60.55 -6.32
N ILE C 50 -20.95 -60.13 -7.45
CA ILE C 50 -21.46 -58.92 -8.12
C ILE C 50 -22.95 -59.13 -8.47
N ASP C 51 -23.31 -60.36 -8.84
CA ASP C 51 -24.73 -60.65 -9.16
C ASP C 51 -25.62 -60.46 -7.96
N VAL C 52 -25.12 -60.81 -6.78
CA VAL C 52 -25.87 -60.55 -5.55
C VAL C 52 -26.10 -59.04 -5.34
N TYR C 53 -25.08 -58.21 -5.57
CA TYR C 53 -25.26 -56.74 -5.48
C TYR C 53 -26.36 -56.31 -6.44
N LEU C 54 -26.33 -56.78 -7.69
CA LEU C 54 -27.36 -56.42 -8.66
C LEU C 54 -28.76 -56.85 -8.22
N ARG C 55 -28.83 -58.05 -7.64
CA ARG C 55 -30.08 -58.54 -7.05
C ARG C 55 -30.60 -57.63 -5.94
N MET C 56 -29.71 -57.25 -5.03
CA MET C 56 -30.09 -56.38 -3.93
C MET C 56 -30.52 -55.00 -4.44
N ILE C 57 -29.83 -54.49 -5.47
CA ILE C 57 -30.24 -53.21 -6.06
C ILE C 57 -31.63 -53.37 -6.68
N ARG C 58 -31.81 -54.43 -7.46
CA ARG C 58 -33.13 -54.68 -8.09
C ARG C 58 -34.26 -54.84 -7.07
N ASP C 59 -34.01 -55.50 -5.94
CA ASP C 59 -35.11 -55.79 -5.00
C ASP C 59 -35.28 -54.78 -3.87
N GLY C 60 -34.41 -53.78 -3.83
CA GLY C 60 -34.51 -52.72 -2.86
C GLY C 60 -33.92 -53.02 -1.50
N THR C 61 -33.09 -54.05 -1.39
CA THR C 61 -32.45 -54.35 -0.11
C THR C 61 -31.01 -53.81 -0.06
N ALA C 62 -30.49 -53.33 -1.19
CA ALA C 62 -29.17 -52.64 -1.22
C ALA C 62 -29.24 -51.34 -0.44
N ASP C 63 -28.20 -51.07 0.36
CA ASP C 63 -28.13 -49.77 1.02
C ASP C 63 -27.78 -48.67 0.01
N LYS C 64 -27.83 -47.42 0.46
CA LYS C 64 -27.59 -46.29 -0.46
C LYS C 64 -26.20 -46.34 -1.05
N GLY C 65 -25.24 -46.78 -0.24
CA GLY C 65 -23.87 -46.91 -0.73
C GLY C 65 -23.71 -47.98 -1.80
N MET C 66 -24.39 -49.11 -1.63
CA MET C 66 -24.32 -50.15 -2.65
C MET C 66 -24.96 -49.68 -3.96
N VAL C 67 -26.10 -49.00 -3.86
CA VAL C 67 -26.75 -48.48 -5.05
C VAL C 67 -25.80 -47.53 -5.79
N SER C 68 -25.16 -46.63 -5.03
CA SER C 68 -24.26 -45.64 -5.61
C SER C 68 -23.01 -46.27 -6.23
N LEU C 69 -22.36 -47.12 -5.44
CA LEU C 69 -21.06 -47.68 -5.83
C LEU C 69 -21.22 -48.80 -6.86
N TRP C 70 -22.05 -49.78 -6.53
CA TRP C 70 -22.17 -50.95 -7.40
C TRP C 70 -23.17 -50.76 -8.55
N GLY C 71 -24.16 -49.87 -8.36
CA GLY C 71 -24.97 -49.43 -9.50
C GLY C 71 -24.07 -48.82 -10.58
N PHE C 72 -23.05 -48.08 -10.15
CA PHE C 72 -22.03 -47.54 -11.05
C PHE C 72 -21.10 -48.61 -11.67
N TYR C 73 -20.32 -49.30 -10.84
CA TYR C 73 -19.28 -50.18 -11.40
C TYR C 73 -19.83 -51.36 -12.17
N ALA C 74 -21.00 -51.88 -11.75
CA ALA C 74 -21.55 -53.08 -12.39
C ALA C 74 -22.40 -52.76 -13.62
N GLN C 75 -22.82 -51.50 -13.77
CA GLN C 75 -23.77 -51.11 -14.81
C GLN C 75 -23.38 -49.95 -15.73
N SER C 76 -22.56 -49.01 -15.25
CA SER C 76 -22.17 -47.86 -16.07
C SER C 76 -21.44 -48.29 -17.34
N PRO C 77 -21.80 -47.69 -18.48
CA PRO C 77 -21.13 -47.96 -19.73
C PRO C 77 -19.85 -47.15 -19.92
N SER C 78 -19.51 -46.32 -18.92
CA SER C 78 -18.28 -45.52 -19.01
C SER C 78 -17.05 -46.43 -19.14
N GLU C 79 -16.03 -45.92 -19.81
CA GLU C 79 -14.78 -46.66 -20.02
C GLU C 79 -14.16 -47.06 -18.70
N ARG C 80 -14.11 -46.13 -17.75
CA ARG C 80 -13.53 -46.41 -16.44
C ARG C 80 -14.24 -47.59 -15.74
N ALA C 81 -15.57 -47.52 -15.63
CA ALA C 81 -16.34 -48.60 -14.99
C ALA C 81 -16.20 -49.97 -15.71
N THR C 82 -16.32 -49.97 -17.03
CA THR C 82 -16.31 -51.22 -17.76
C THR C 82 -14.95 -51.91 -17.67
N GLN C 83 -13.86 -51.13 -17.77
CA GLN C 83 -12.51 -51.72 -17.66
C GLN C 83 -12.24 -52.25 -16.24
N ILE C 84 -12.73 -51.52 -15.24
CA ILE C 84 -12.58 -51.96 -13.84
C ILE C 84 -13.26 -53.31 -13.63
N LEU C 85 -14.50 -53.43 -14.09
CA LEU C 85 -15.25 -54.68 -13.89
C LEU C 85 -14.56 -55.87 -14.59
N GLU C 86 -14.12 -55.68 -15.84
CA GLU C 86 -13.41 -56.75 -16.56
C GLU C 86 -12.13 -57.15 -15.81
N ARG C 87 -11.35 -56.15 -15.41
CA ARG C 87 -10.09 -56.45 -14.73
C ARG C 87 -10.32 -57.10 -13.36
N LEU C 88 -11.34 -56.64 -12.64
CA LEU C 88 -11.66 -57.24 -11.33
C LEU C 88 -11.89 -58.73 -11.45
N LEU C 89 -12.57 -59.13 -12.54
CA LEU C 89 -13.02 -60.50 -12.66
C LEU C 89 -11.92 -61.48 -13.09
N ASP C 90 -10.82 -60.95 -13.61
CA ASP C 90 -9.72 -61.78 -14.06
C ASP C 90 -8.74 -62.11 -12.97
N LEU C 91 -8.44 -63.40 -12.81
CA LEU C 91 -7.43 -63.90 -11.87
C LEU C 91 -6.42 -64.77 -12.62
N GLY C 92 -6.09 -64.35 -13.84
CA GLY C 92 -5.28 -65.15 -14.73
C GLY C 92 -4.32 -64.36 -15.60
N GLU C 93 -4.13 -64.81 -16.84
CA GLU C 93 -3.09 -64.22 -17.69
C GLU C 93 -3.33 -62.75 -18.05
N ARG C 94 -4.58 -62.30 -18.10
CA ARG C 94 -4.87 -60.88 -18.33
C ARG C 94 -4.34 -59.97 -17.18
N ARG C 95 -4.65 -60.37 -15.94
CA ARG C 95 -4.16 -59.67 -14.78
C ARG C 95 -2.63 -59.71 -14.77
N ILE C 96 -2.07 -60.90 -15.01
CA ILE C 96 -0.62 -61.03 -15.08
C ILE C 96 -0.02 -60.10 -16.14
N ALA C 97 -0.64 -60.00 -17.33
CA ALA C 97 -0.13 -59.11 -18.36
C ALA C 97 -0.15 -57.64 -17.91
N ASP C 98 -1.21 -57.23 -17.19
CA ASP C 98 -1.34 -55.84 -16.71
C ASP C 98 -0.27 -55.55 -15.66
N MET C 99 0.02 -56.54 -14.82
CA MET C 99 1.12 -56.45 -13.86
C MET C 99 2.46 -56.37 -14.57
N ASP C 100 2.70 -57.28 -15.53
CA ASP C 100 3.93 -57.27 -16.30
C ASP C 100 4.18 -55.91 -16.97
N ALA C 101 3.12 -55.32 -17.50
CA ALA C 101 3.19 -54.07 -18.26
C ALA C 101 3.54 -52.88 -17.39
N THR C 102 3.33 -53.01 -16.07
CA THR C 102 3.68 -51.94 -15.14
C THR C 102 4.77 -52.33 -14.13
N GLY C 103 5.48 -53.43 -14.39
CA GLY C 103 6.60 -53.83 -13.55
C GLY C 103 6.21 -54.24 -12.14
N ILE C 104 4.96 -54.68 -11.99
CA ILE C 104 4.51 -55.12 -10.66
C ILE C 104 4.84 -56.62 -10.48
N ASP C 105 5.76 -56.91 -9.57
CA ASP C 105 6.24 -58.28 -9.33
C ASP C 105 5.24 -59.14 -8.59
N LYS C 106 4.66 -58.57 -7.53
CA LYS C 106 3.70 -59.32 -6.71
C LYS C 106 2.50 -58.44 -6.37
N ALA C 107 1.31 -59.05 -6.32
CA ALA C 107 0.08 -58.35 -5.95
C ALA C 107 -0.56 -59.06 -4.77
N ILE C 108 -0.92 -58.30 -3.74
CA ILE C 108 -1.62 -58.86 -2.58
C ILE C 108 -3.11 -58.58 -2.82
N LEU C 109 -3.88 -59.65 -2.97
CA LEU C 109 -5.22 -59.63 -3.53
C LEU C 109 -6.28 -59.82 -2.49
N ALA C 110 -7.38 -59.09 -2.64
CA ALA C 110 -8.53 -59.24 -1.71
C ALA C 110 -9.82 -58.97 -2.45
N LEU C 111 -10.86 -59.71 -2.06
CA LEU C 111 -12.20 -59.57 -2.60
C LEU C 111 -12.67 -58.12 -2.48
N THR C 112 -13.17 -57.57 -3.58
CA THR C 112 -13.43 -56.13 -3.63
C THR C 112 -14.55 -55.69 -2.69
N SER C 113 -14.41 -54.49 -2.14
CA SER C 113 -15.37 -53.96 -1.20
C SER C 113 -16.76 -53.82 -1.85
N PRO C 114 -17.82 -54.18 -1.11
CA PRO C 114 -17.91 -54.50 0.31
C PRO C 114 -17.88 -56.01 0.65
N GLY C 115 -17.45 -56.84 -0.30
CA GLY C 115 -17.37 -58.29 -0.04
C GLY C 115 -18.77 -58.81 0.25
N VAL C 116 -18.89 -59.72 1.20
CA VAL C 116 -20.20 -60.29 1.54
C VAL C 116 -20.81 -59.62 2.78
N GLN C 117 -20.14 -58.56 3.25
CA GLN C 117 -20.55 -57.89 4.48
C GLN C 117 -22.00 -57.34 4.46
N PRO C 118 -22.49 -56.84 3.29
CA PRO C 118 -23.87 -56.32 3.33
C PRO C 118 -24.96 -57.39 3.27
N LEU C 119 -24.60 -58.65 3.12
CA LEU C 119 -25.62 -59.69 2.88
C LEU C 119 -26.38 -60.08 4.15
N HIS C 120 -27.71 -60.01 4.07
CA HIS C 120 -28.54 -60.27 5.26
C HIS C 120 -28.72 -61.77 5.53
N ASP C 121 -28.57 -62.62 4.51
CA ASP C 121 -28.71 -64.07 4.67
C ASP C 121 -27.34 -64.61 5.08
N LEU C 122 -27.21 -65.04 6.35
CA LEU C 122 -25.92 -65.54 6.87
C LEU C 122 -25.41 -66.73 6.05
N ASP C 123 -26.30 -67.63 5.69
CA ASP C 123 -25.90 -68.83 4.94
C ASP C 123 -25.30 -68.41 3.60
N GLU C 124 -25.95 -67.47 2.92
CA GLU C 124 -25.45 -66.99 1.65
C GLU C 124 -24.08 -66.31 1.80
N ALA C 125 -23.95 -65.45 2.84
CA ALA C 125 -22.69 -64.75 3.07
C ALA C 125 -21.54 -65.74 3.30
N ARG C 126 -21.73 -66.72 4.18
CA ARG C 126 -20.66 -67.69 4.46
C ARG C 126 -20.33 -68.52 3.20
N THR C 127 -21.37 -68.92 2.48
CA THR C 127 -21.21 -69.74 1.29
C THR C 127 -20.42 -69.02 0.20
N LEU C 128 -20.80 -67.77 -0.08
CA LEU C 128 -20.14 -67.03 -1.14
C LEU C 128 -18.72 -66.61 -0.72
N ALA C 129 -18.52 -66.33 0.57
CA ALA C 129 -17.17 -65.99 1.07
C ALA C 129 -16.26 -67.22 0.98
N THR C 130 -16.78 -68.39 1.35
CA THR C 130 -16.01 -69.63 1.21
C THR C 130 -15.57 -69.82 -0.22
N ARG C 131 -16.50 -69.65 -1.14
CA ARG C 131 -16.20 -69.80 -2.57
C ARG C 131 -15.20 -68.78 -3.06
N ALA C 132 -15.35 -67.52 -2.63
CA ALA C 132 -14.38 -66.49 -3.02
C ALA C 132 -12.99 -66.78 -2.47
N ASN C 133 -12.92 -67.29 -1.24
CA ASN C 133 -11.63 -67.64 -0.66
C ASN C 133 -10.99 -68.82 -1.38
N ASP C 134 -11.81 -69.83 -1.70
CA ASP C 134 -11.28 -71.00 -2.45
C ASP C 134 -10.78 -70.60 -3.84
N THR C 135 -11.53 -69.73 -4.50
CA THR C 135 -11.16 -69.25 -5.84
C THR C 135 -9.84 -68.48 -5.79
N LEU C 136 -9.67 -67.63 -4.77
CA LEU C 136 -8.45 -66.85 -4.64
C LEU C 136 -7.28 -67.79 -4.37
N ALA C 137 -7.50 -68.74 -3.48
CA ALA C 137 -6.45 -69.70 -3.11
C ALA C 137 -6.01 -70.48 -4.34
N ASP C 138 -6.95 -70.89 -5.17
CA ASP C 138 -6.62 -71.61 -6.42
C ASP C 138 -5.71 -70.75 -7.31
N ALA C 139 -6.05 -69.46 -7.47
CA ALA C 139 -5.27 -68.56 -8.31
C ALA C 139 -3.87 -68.36 -7.72
N CYS C 140 -3.78 -68.24 -6.39
CA CYS C 140 -2.47 -68.07 -5.78
C CYS C 140 -1.59 -69.31 -5.92
N GLN C 141 -2.21 -70.49 -5.95
CA GLN C 141 -1.43 -71.74 -6.13
C GLN C 141 -0.93 -71.85 -7.58
N LYS C 142 -1.64 -71.23 -8.51
CA LYS C 142 -1.27 -71.27 -9.91
C LYS C 142 -0.18 -70.23 -10.28
N TYR C 143 -0.21 -69.08 -9.61
CA TYR C 143 0.80 -68.04 -9.82
C TYR C 143 1.48 -67.70 -8.49
N PRO C 144 2.17 -68.68 -7.86
CA PRO C 144 2.66 -68.53 -6.49
C PRO C 144 3.70 -67.45 -6.28
N ASP C 145 4.35 -67.04 -7.36
CA ASP C 145 5.33 -65.97 -7.23
C ASP C 145 4.79 -64.61 -7.66
N ARG C 146 3.52 -64.56 -8.05
CA ARG C 146 2.90 -63.30 -8.49
C ARG C 146 1.70 -62.86 -7.64
N PHE C 147 0.95 -63.83 -7.12
CA PHE C 147 -0.28 -63.54 -6.39
C PHE C 147 -0.17 -63.99 -4.96
N ILE C 148 -0.58 -63.11 -4.05
CA ILE C 148 -0.63 -63.40 -2.61
C ILE C 148 -2.04 -63.07 -2.13
N GLY C 149 -2.61 -63.94 -1.27
CA GLY C 149 -4.03 -63.81 -0.86
C GLY C 149 -4.28 -63.28 0.55
N MET C 150 -5.28 -62.40 0.65
CA MET C 150 -5.89 -62.00 1.93
C MET C 150 -7.31 -62.55 1.91
N GLY C 151 -7.74 -63.16 2.99
CA GLY C 151 -9.07 -63.73 3.03
C GLY C 151 -10.18 -62.72 3.23
N THR C 152 -11.38 -63.12 2.79
CA THR C 152 -12.59 -62.33 3.01
C THR C 152 -13.44 -63.06 4.07
N VAL C 153 -14.15 -62.30 4.92
CA VAL C 153 -14.91 -62.93 5.97
C VAL C 153 -16.32 -62.33 6.03
N ALA C 154 -17.11 -62.76 7.01
CA ALA C 154 -18.52 -62.32 7.11
C ALA C 154 -18.74 -61.96 8.57
N PRO C 155 -18.38 -60.71 8.94
CA PRO C 155 -18.42 -60.35 10.37
C PRO C 155 -19.82 -60.43 11.01
N GLN C 156 -20.87 -60.48 10.17
CA GLN C 156 -22.23 -60.81 10.64
C GLN C 156 -22.21 -62.10 11.48
N ASP C 157 -21.22 -62.97 11.23
CA ASP C 157 -21.02 -64.24 11.95
C ASP C 157 -19.55 -64.25 12.41
N PRO C 158 -19.30 -63.69 13.61
CA PRO C 158 -17.90 -63.56 14.04
C PRO C 158 -17.23 -64.87 14.32
N GLU C 159 -17.99 -65.86 14.80
CA GLU C 159 -17.44 -67.19 15.07
C GLU C 159 -17.02 -67.90 13.78
N TRP C 160 -17.87 -67.89 12.75
CA TRP C 160 -17.50 -68.44 11.45
C TRP C 160 -16.30 -67.67 10.91
N SER C 161 -16.32 -66.34 11.05
CA SER C 161 -15.19 -65.54 10.58
C SER C 161 -13.86 -65.93 11.22
N ALA C 162 -13.88 -66.20 12.54
CA ALA C 162 -12.68 -66.69 13.23
C ALA C 162 -12.23 -68.03 12.65
N ARG C 163 -13.16 -68.95 12.37
CA ARG C 163 -12.78 -70.20 11.75
C ARG C 163 -12.16 -69.98 10.37
N GLU C 164 -12.68 -68.99 9.63
CA GLU C 164 -12.20 -68.75 8.28
C GLU C 164 -10.82 -68.08 8.27
N ILE C 165 -10.55 -67.29 9.33
CA ILE C 165 -9.21 -66.73 9.53
C ILE C 165 -8.23 -67.88 9.71
N HIS C 166 -8.57 -68.84 10.57
CA HIS C 166 -7.72 -70.00 10.77
C HIS C 166 -7.55 -70.84 9.50
N ARG C 167 -8.65 -71.07 8.79
CA ARG C 167 -8.60 -71.86 7.54
C ARG C 167 -7.73 -71.17 6.49
N GLY C 168 -7.89 -69.84 6.37
CA GLY C 168 -7.04 -69.09 5.46
C GLY C 168 -5.57 -69.22 5.78
N ALA C 169 -5.22 -69.16 7.07
CA ALA C 169 -3.82 -69.20 7.48
C ALA C 169 -3.23 -70.62 7.35
N ARG C 170 -4.01 -71.61 7.75
CA ARG C 170 -3.50 -73.00 7.87
C ARG C 170 -3.62 -73.78 6.57
N GLU C 171 -4.69 -73.54 5.81
CA GLU C 171 -5.01 -74.36 4.60
C GLU C 171 -4.83 -73.64 3.26
N LEU C 172 -5.03 -72.31 3.22
CA LEU C 172 -5.14 -71.59 1.95
C LEU C 172 -3.91 -70.76 1.61
N GLY C 173 -2.96 -70.67 2.55
CA GLY C 173 -1.75 -69.87 2.39
C GLY C 173 -1.97 -68.37 2.44
N PHE C 174 -3.09 -67.93 3.00
CA PHE C 174 -3.37 -66.49 3.04
C PHE C 174 -2.48 -65.83 4.11
N LYS C 175 -2.27 -64.53 3.94
CA LYS C 175 -1.35 -63.78 4.81
C LYS C 175 -2.07 -62.89 5.82
N GLY C 176 -3.40 -62.89 5.78
CA GLY C 176 -4.18 -62.00 6.62
C GLY C 176 -5.58 -61.94 6.07
N ILE C 177 -6.37 -60.97 6.55
CA ILE C 177 -7.70 -60.78 6.00
C ILE C 177 -7.95 -59.31 5.75
N GLN C 178 -8.87 -59.02 4.84
CA GLN C 178 -9.32 -57.67 4.60
C GLN C 178 -10.81 -57.60 4.98
N ILE C 179 -11.13 -56.65 5.84
CA ILE C 179 -12.52 -56.34 6.18
C ILE C 179 -12.83 -54.97 5.57
N ASN C 180 -13.95 -54.91 4.88
CA ASN C 180 -14.38 -53.74 4.12
C ASN C 180 -15.17 -52.79 4.99
N SER C 181 -14.46 -52.31 6.01
CA SER C 181 -14.96 -51.40 7.03
C SER C 181 -16.26 -51.94 7.66
N HIS C 182 -17.31 -51.13 7.76
CA HIS C 182 -18.49 -51.55 8.57
C HIS C 182 -19.20 -52.76 7.98
N THR C 183 -19.90 -53.49 8.84
CA THR C 183 -20.81 -54.53 8.40
C THR C 183 -22.21 -54.11 8.80
N GLN C 184 -22.97 -53.71 7.80
CA GLN C 184 -24.39 -53.34 8.00
C GLN C 184 -24.52 -52.29 9.09
N GLY C 185 -23.61 -51.31 9.01
CA GLY C 185 -23.66 -50.18 9.91
C GLY C 185 -23.06 -50.39 11.29
N ARG C 186 -22.45 -51.56 11.54
CA ARG C 186 -21.82 -51.89 12.81
C ARG C 186 -20.31 -51.89 12.63
N TYR C 187 -19.62 -51.41 13.66
CA TYR C 187 -18.15 -51.27 13.65
C TYR C 187 -17.45 -52.27 14.56
N LEU C 188 -16.19 -52.56 14.24
CA LEU C 188 -15.43 -53.71 14.83
C LEU C 188 -15.06 -53.49 16.30
N ASP C 189 -15.30 -52.28 16.81
CA ASP C 189 -15.09 -52.00 18.24
C ASP C 189 -16.17 -52.62 19.14
N GLU C 190 -17.30 -53.08 18.58
CA GLU C 190 -18.30 -53.75 19.41
C GLU C 190 -17.75 -55.06 19.93
N GLU C 191 -18.07 -55.38 21.19
CA GLU C 191 -17.61 -56.69 21.76
C GLU C 191 -18.05 -57.90 20.92
N PHE C 192 -19.19 -57.81 20.25
CA PHE C 192 -19.68 -58.85 19.34
C PHE C 192 -18.61 -59.33 18.36
N PHE C 193 -17.76 -58.42 17.87
CA PHE C 193 -16.77 -58.82 16.84
C PHE C 193 -15.46 -59.37 17.38
N ASP C 194 -15.34 -59.45 18.72
CA ASP C 194 -14.07 -59.86 19.33
C ASP C 194 -13.47 -61.18 18.80
N PRO C 195 -14.31 -62.18 18.43
CA PRO C 195 -13.70 -63.43 17.97
C PRO C 195 -12.78 -63.24 16.75
N ILE C 196 -13.08 -62.24 15.94
CA ILE C 196 -12.22 -61.95 14.76
C ILE C 196 -10.81 -61.54 15.19
N PHE C 197 -10.73 -60.62 16.14
CA PHE C 197 -9.44 -60.18 16.68
C PHE C 197 -8.69 -61.30 17.41
N ARG C 198 -9.41 -62.08 18.22
CA ARG C 198 -8.79 -63.20 18.94
C ARG C 198 -8.15 -64.15 17.93
N ALA C 199 -8.87 -64.42 16.83
CA ALA C 199 -8.34 -65.33 15.81
C ALA C 199 -7.13 -64.74 15.06
N LEU C 200 -7.19 -63.46 14.72
CA LEU C 200 -6.03 -62.82 14.07
C LEU C 200 -4.77 -62.88 14.92
N VAL C 201 -4.93 -62.63 16.22
CA VAL C 201 -3.78 -62.70 17.12
C VAL C 201 -3.29 -64.15 17.20
N GLU C 202 -4.21 -65.11 17.30
CA GLU C 202 -3.80 -66.53 17.35
C GLU C 202 -2.95 -66.91 16.14
N VAL C 203 -3.36 -66.48 14.95
CA VAL C 203 -2.57 -66.80 13.71
C VAL C 203 -1.43 -65.80 13.45
N ASP C 204 -1.34 -64.79 14.30
CA ASP C 204 -0.37 -63.67 14.17
C ASP C 204 -0.42 -63.03 12.78
N GLN C 205 -1.62 -62.67 12.31
CA GLN C 205 -1.77 -62.02 11.01
C GLN C 205 -2.39 -60.65 11.12
N PRO C 206 -2.09 -59.76 10.15
CA PRO C 206 -2.66 -58.42 10.15
C PRO C 206 -4.08 -58.39 9.61
N LEU C 207 -4.84 -57.38 10.06
CA LEU C 207 -6.15 -57.01 9.51
C LEU C 207 -5.93 -55.77 8.62
N TYR C 208 -6.38 -55.85 7.37
CA TYR C 208 -6.40 -54.68 6.48
C TYR C 208 -7.82 -54.17 6.54
N ILE C 209 -8.03 -52.94 7.03
CA ILE C 209 -9.37 -52.34 6.96
C ILE C 209 -9.44 -51.50 5.71
N HIS C 210 -10.12 -52.04 4.70
CA HIS C 210 -10.30 -51.40 3.42
C HIS C 210 -11.57 -50.55 3.47
N PRO C 211 -11.63 -49.47 2.65
CA PRO C 211 -12.88 -48.67 2.72
C PRO C 211 -14.13 -49.40 2.23
N ALA C 212 -15.27 -48.81 2.63
CA ALA C 212 -16.55 -49.07 2.00
C ALA C 212 -17.29 -47.76 1.99
N THR C 213 -18.40 -47.75 1.29
CA THR C 213 -19.30 -46.62 1.44
C THR C 213 -19.81 -46.57 2.90
N SER C 214 -20.10 -45.36 3.37
CA SER C 214 -20.73 -45.16 4.69
C SER C 214 -22.06 -45.87 4.77
N PRO C 215 -22.46 -46.29 5.99
CA PRO C 215 -23.79 -46.90 6.15
C PRO C 215 -24.87 -45.83 5.98
N ASP C 216 -26.13 -46.28 5.86
CA ASP C 216 -27.24 -45.34 5.64
C ASP C 216 -27.37 -44.31 6.75
N SER C 217 -26.89 -44.63 7.95
CA SER C 217 -26.95 -43.71 9.09
C SER C 217 -26.08 -42.46 8.91
N MET C 218 -25.20 -42.45 7.91
CA MET C 218 -24.14 -41.43 7.81
C MET C 218 -23.97 -40.86 6.39
N ILE C 219 -24.48 -41.57 5.37
CA ILE C 219 -24.06 -41.28 4.01
C ILE C 219 -24.72 -40.05 3.33
N ASP C 220 -25.88 -39.62 3.82
CA ASP C 220 -26.75 -38.72 3.03
C ASP C 220 -26.08 -37.46 2.48
N PRO C 221 -25.41 -36.66 3.36
CA PRO C 221 -24.88 -35.40 2.80
C PRO C 221 -23.73 -35.63 1.83
N MET C 222 -22.99 -36.73 1.98
CA MET C 222 -21.94 -37.02 1.04
C MET C 222 -22.49 -37.50 -0.30
N LEU C 223 -23.46 -38.41 -0.23
CA LEU C 223 -24.09 -38.95 -1.43
C LEU C 223 -24.67 -37.84 -2.29
N GLU C 224 -25.36 -36.89 -1.66
CA GLU C 224 -26.03 -35.81 -2.41
C GLU C 224 -25.06 -34.96 -3.25
N ALA C 225 -23.82 -34.81 -2.76
CA ALA C 225 -22.76 -34.06 -3.43
C ALA C 225 -21.85 -34.88 -4.33
N GLY C 226 -22.10 -36.19 -4.40
CA GLY C 226 -21.22 -37.11 -5.14
C GLY C 226 -19.91 -37.39 -4.45
N LEU C 227 -19.92 -37.27 -3.13
CA LEU C 227 -18.70 -37.41 -2.30
C LEU C 227 -18.69 -38.67 -1.46
N ASP C 228 -19.63 -39.56 -1.72
CA ASP C 228 -19.72 -40.79 -0.91
C ASP C 228 -18.60 -41.83 -1.15
N GLY C 229 -17.93 -41.78 -2.30
CA GLY C 229 -16.98 -42.83 -2.67
C GLY C 229 -15.54 -42.48 -2.36
N ALA C 230 -14.65 -42.95 -3.23
CA ALA C 230 -13.21 -42.79 -3.01
C ALA C 230 -12.74 -41.38 -2.83
N ILE C 231 -13.42 -40.41 -3.45
CA ILE C 231 -12.99 -39.02 -3.31
C ILE C 231 -13.00 -38.52 -1.86
N PHE C 232 -13.87 -39.06 -1.01
CA PHE C 232 -14.06 -38.46 0.33
C PHE C 232 -14.70 -39.38 1.35
N GLY C 233 -15.89 -39.91 1.03
CA GLY C 233 -16.57 -40.78 1.98
C GLY C 233 -15.75 -42.00 2.37
N PHE C 234 -15.01 -42.59 1.43
CA PHE C 234 -14.17 -43.75 1.79
C PHE C 234 -13.20 -43.39 2.94
N GLY C 235 -12.59 -42.19 2.87
CA GLY C 235 -11.63 -41.79 3.88
C GLY C 235 -12.27 -41.46 5.21
N VAL C 236 -13.49 -40.89 5.16
CA VAL C 236 -14.25 -40.63 6.38
C VAL C 236 -14.57 -41.95 7.09
N GLU C 237 -15.16 -42.88 6.33
CA GLU C 237 -15.63 -44.15 6.88
C GLU C 237 -14.45 -44.91 7.47
N THR C 238 -13.36 -45.03 6.71
CA THR C 238 -12.23 -45.91 7.10
C THR C 238 -11.40 -45.26 8.22
N GLY C 239 -11.17 -43.96 8.14
CA GLY C 239 -10.46 -43.24 9.22
C GLY C 239 -11.23 -43.29 10.52
N MET C 240 -12.56 -43.12 10.42
CA MET C 240 -13.38 -43.24 11.62
C MET C 240 -13.26 -44.65 12.20
N HIS C 241 -13.30 -45.66 11.35
CA HIS C 241 -13.32 -47.04 11.85
C HIS C 241 -11.99 -47.35 12.56
N LEU C 242 -10.88 -46.93 11.96
CA LEU C 242 -9.58 -47.18 12.60
C LEU C 242 -9.50 -46.39 13.93
N LEU C 243 -9.94 -45.12 13.89
CA LEU C 243 -9.85 -44.29 15.09
C LEU C 243 -10.68 -44.86 16.25
N ARG C 244 -11.90 -45.34 15.98
CA ARG C 244 -12.72 -45.88 17.05
C ARG C 244 -12.12 -47.18 17.60
N LEU C 245 -11.42 -47.94 16.74
CA LEU C 245 -10.75 -49.14 17.25
C LEU C 245 -9.59 -48.73 18.18
N ILE C 246 -8.83 -47.72 17.79
CA ILE C 246 -7.78 -47.24 18.67
C ILE C 246 -8.37 -46.77 20.02
N THR C 247 -9.42 -45.95 19.96
CA THR C 247 -9.94 -45.30 21.19
C THR C 247 -10.72 -46.26 22.10
N ILE C 248 -11.22 -47.37 21.56
CA ILE C 248 -11.82 -48.42 22.41
C ILE C 248 -10.74 -49.26 23.10
N GLY C 249 -9.48 -49.10 22.67
CA GLY C 249 -8.34 -49.78 23.28
C GLY C 249 -8.03 -51.14 22.68
N ILE C 250 -8.32 -51.32 21.41
CA ILE C 250 -8.07 -52.63 20.79
C ILE C 250 -6.61 -53.05 20.92
N PHE C 251 -5.68 -52.09 20.84
CA PHE C 251 -4.26 -52.45 20.92
C PHE C 251 -3.73 -52.60 22.36
N ASP C 252 -4.55 -52.23 23.36
CA ASP C 252 -4.24 -52.61 24.76
C ASP C 252 -4.73 -54.03 25.01
N LYS C 253 -5.87 -54.38 24.42
CA LYS C 253 -6.38 -55.76 24.54
C LYS C 253 -5.47 -56.73 23.76
N TYR C 254 -5.01 -56.27 22.58
CA TYR C 254 -4.18 -57.09 21.70
C TYR C 254 -2.94 -56.32 21.26
N PRO C 255 -1.91 -56.22 22.16
CA PRO C 255 -0.73 -55.42 21.82
C PRO C 255 0.09 -55.91 20.60
N SER C 256 -0.07 -57.16 20.16
CA SER C 256 0.67 -57.64 18.98
C SER C 256 -0.07 -57.34 17.68
N LEU C 257 -1.36 -57.00 17.79
CA LEU C 257 -2.21 -56.86 16.61
C LEU C 257 -1.73 -55.74 15.68
N GLN C 258 -1.63 -56.04 14.39
CA GLN C 258 -1.27 -55.03 13.39
C GLN C 258 -2.51 -54.78 12.53
N ILE C 259 -2.94 -53.52 12.44
CA ILE C 259 -3.97 -53.13 11.48
C ILE C 259 -3.38 -52.24 10.37
N MET C 260 -3.64 -52.65 9.12
CA MET C 260 -3.19 -51.93 7.92
C MET C 260 -4.36 -51.13 7.36
N VAL C 261 -4.06 -49.91 6.90
CA VAL C 261 -5.01 -49.12 6.13
C VAL C 261 -4.28 -48.52 4.95
N GLY C 262 -5.06 -48.22 3.91
CA GLY C 262 -4.50 -47.64 2.70
C GLY C 262 -4.65 -46.13 2.63
N HIS C 263 -4.45 -45.61 1.43
CA HIS C 263 -4.77 -44.20 1.14
C HIS C 263 -4.05 -43.27 2.11
N MET C 264 -2.78 -43.56 2.36
CA MET C 264 -1.91 -42.72 3.19
C MET C 264 -2.40 -42.59 4.62
N GLY C 265 -3.11 -43.61 5.10
CA GLY C 265 -3.55 -43.65 6.51
C GLY C 265 -4.91 -43.00 6.75
N GLU C 266 -5.65 -42.78 5.66
CA GLU C 266 -7.04 -42.25 5.73
C GLU C 266 -7.02 -40.95 6.55
N ALA C 267 -6.01 -40.11 6.28
CA ALA C 267 -5.80 -38.80 6.92
C ALA C 267 -5.32 -38.81 8.36
N LEU C 268 -5.39 -39.94 9.06
CA LEU C 268 -5.04 -39.94 10.47
C LEU C 268 -3.61 -39.46 10.78
N PRO C 269 -2.62 -39.80 9.94
CA PRO C 269 -1.27 -39.31 10.27
C PRO C 269 -1.20 -37.79 10.21
N TYR C 270 -1.96 -37.19 9.29
CA TYR C 270 -1.96 -35.72 9.16
C TYR C 270 -2.70 -35.05 10.34
N TRP C 271 -3.76 -35.72 10.82
CA TRP C 271 -4.55 -35.20 11.95
C TRP C 271 -3.88 -35.51 13.29
N LEU C 272 -2.73 -36.19 13.29
CA LEU C 272 -2.22 -36.80 14.53
C LEU C 272 -2.14 -35.84 15.74
N TYR C 273 -1.56 -34.66 15.55
CA TYR C 273 -1.44 -33.71 16.68
C TYR C 273 -2.82 -33.42 17.29
N ARG C 274 -3.79 -33.15 16.43
CA ARG C 274 -5.15 -32.88 16.86
C ARG C 274 -5.85 -34.09 17.48
N LEU C 275 -5.62 -35.29 16.91
CA LEU C 275 -6.20 -36.52 17.49
C LEU C 275 -5.71 -36.70 18.92
N ASP C 276 -4.39 -36.58 19.14
CA ASP C 276 -3.88 -36.78 20.50
C ASP C 276 -4.32 -35.68 21.45
N TYR C 277 -4.30 -34.42 21.00
CA TYR C 277 -4.74 -33.34 21.88
C TYR C 277 -6.18 -33.55 22.33
N MET C 278 -7.08 -33.77 21.36
CA MET C 278 -8.49 -33.88 21.67
C MET C 278 -8.86 -35.18 22.34
N HIS C 279 -8.11 -36.24 22.06
CA HIS C 279 -8.32 -37.49 22.75
C HIS C 279 -8.00 -37.34 24.22
N GLN C 280 -6.85 -36.76 24.52
CA GLN C 280 -6.47 -36.56 25.91
C GLN C 280 -7.48 -35.67 26.64
N ALA C 281 -7.93 -34.61 25.99
CA ALA C 281 -8.96 -33.76 26.59
C ALA C 281 -10.23 -34.54 26.94
N GLY C 282 -10.70 -35.35 26.00
CA GLY C 282 -11.90 -36.14 26.20
C GLY C 282 -11.73 -37.18 27.31
N VAL C 283 -10.59 -37.87 27.34
CA VAL C 283 -10.32 -38.81 28.42
C VAL C 283 -10.36 -38.13 29.81
N ARG C 284 -9.64 -37.03 29.96
CA ARG C 284 -9.57 -36.36 31.26
C ARG C 284 -10.92 -35.83 31.73
N SER C 285 -11.75 -35.35 30.80
CA SER C 285 -13.03 -34.75 31.16
C SER C 285 -14.16 -35.74 31.32
N GLN C 286 -13.88 -37.05 31.13
CA GLN C 286 -14.89 -38.12 31.22
CA GLN C 286 -14.92 -38.07 31.28
C GLN C 286 -16.09 -37.80 30.34
N ARG C 287 -15.85 -37.14 29.21
CA ARG C 287 -16.93 -36.74 28.31
C ARG C 287 -17.74 -37.94 27.73
N TYR C 288 -17.05 -39.04 27.46
CA TYR C 288 -17.64 -40.12 26.68
C TYR C 288 -17.40 -41.48 27.31
N GLU C 289 -18.47 -42.25 27.44
CA GLU C 289 -18.40 -43.60 27.98
C GLU C 289 -17.36 -44.53 27.30
N ARG C 290 -17.20 -44.38 26.00
CA ARG C 290 -16.35 -45.27 25.22
C ARG C 290 -14.97 -44.67 24.92
N MET C 291 -14.57 -43.66 25.70
CA MET C 291 -13.27 -43.04 25.52
C MET C 291 -12.59 -42.93 26.89
N LYS C 292 -12.03 -44.07 27.31
CA LYS C 292 -11.31 -44.24 28.58
C LYS C 292 -9.78 -44.24 28.40
N PRO C 293 -9.02 -44.16 29.49
CA PRO C 293 -7.57 -44.07 29.35
C PRO C 293 -6.96 -45.24 28.57
N LEU C 294 -5.99 -44.92 27.72
CA LEU C 294 -5.25 -45.91 26.94
C LEU C 294 -3.81 -45.98 27.43
N LYS C 295 -3.16 -47.12 27.22
CA LYS C 295 -1.77 -47.29 27.67
C LYS C 295 -0.73 -46.52 26.84
N LYS C 296 -1.10 -46.16 25.61
CA LYS C 296 -0.24 -45.37 24.72
C LYS C 296 -1.00 -44.17 24.17
N THR C 297 -0.27 -43.20 23.64
CA THR C 297 -0.91 -42.13 22.89
C THR C 297 -1.33 -42.69 21.52
N ILE C 298 -2.14 -41.93 20.78
CA ILE C 298 -2.49 -42.34 19.43
C ILE C 298 -1.23 -42.42 18.57
N GLU C 299 -0.31 -41.47 18.77
CA GLU C 299 0.98 -41.53 18.08
C GLU C 299 1.72 -42.84 18.40
N GLY C 300 1.73 -43.25 19.67
CA GLY C 300 2.32 -44.51 20.06
C GLY C 300 1.73 -45.69 19.30
N TYR C 301 0.40 -45.75 19.19
CA TYR C 301 -0.24 -46.84 18.43
C TYR C 301 0.09 -46.78 16.94
N LEU C 302 0.22 -45.57 16.37
CA LEU C 302 0.59 -45.49 14.96
C LEU C 302 2.00 -46.09 14.74
N LYS C 303 2.88 -45.92 15.73
CA LYS C 303 4.25 -46.40 15.60
C LYS C 303 4.45 -47.89 15.93
N SER C 304 3.48 -48.50 16.60
CA SER C 304 3.63 -49.91 17.01
C SER C 304 2.57 -50.86 16.48
N ASN C 305 1.40 -50.35 16.08
CA ASN C 305 0.27 -51.24 15.75
C ASN C 305 -0.40 -50.94 14.43
N VAL C 306 -0.14 -49.77 13.85
CA VAL C 306 -0.79 -49.39 12.58
C VAL C 306 0.22 -49.34 11.45
N LEU C 307 -0.20 -49.79 10.27
CA LEU C 307 0.67 -49.84 9.10
C LEU C 307 -0.12 -49.19 7.97
N VAL C 308 0.57 -48.48 7.09
CA VAL C 308 -0.08 -47.69 6.06
C VAL C 308 0.45 -48.04 4.67
N THR C 309 -0.45 -48.03 3.68
CA THR C 309 -0.02 -48.13 2.29
C THR C 309 -0.41 -46.84 1.57
N ASN C 310 0.23 -46.59 0.42
CA ASN C 310 -0.10 -45.36 -0.34
C ASN C 310 -1.12 -45.60 -1.46
N SER C 311 -1.99 -46.59 -1.33
CA SER C 311 -2.98 -46.84 -2.39
C SER C 311 -3.66 -45.54 -2.76
N GLY C 312 -3.74 -45.24 -4.05
CA GLY C 312 -4.45 -44.04 -4.51
C GLY C 312 -3.72 -42.74 -4.25
N VAL C 313 -2.54 -42.81 -3.63
CA VAL C 313 -1.80 -41.60 -3.27
C VAL C 313 -0.36 -41.74 -3.76
N ALA C 314 -0.21 -41.64 -5.07
CA ALA C 314 1.11 -41.72 -5.69
C ALA C 314 1.75 -40.32 -5.67
N TRP C 315 2.07 -39.85 -4.46
CA TRP C 315 2.34 -38.45 -4.23
C TRP C 315 3.44 -38.30 -3.20
N GLU C 316 4.64 -37.97 -3.66
CA GLU C 316 5.85 -37.97 -2.82
CA GLU C 316 5.83 -37.98 -2.83
C GLU C 316 5.71 -37.18 -1.49
N PRO C 317 5.18 -35.93 -1.53
CA PRO C 317 5.10 -35.20 -0.24
C PRO C 317 4.28 -35.92 0.84
N ALA C 318 3.15 -36.51 0.43
CA ALA C 318 2.31 -37.26 1.39
C ALA C 318 3.00 -38.51 1.88
N ILE C 319 3.64 -39.25 0.98
CA ILE C 319 4.36 -40.44 1.37
C ILE C 319 5.49 -40.11 2.37
N LYS C 320 6.30 -39.08 2.06
CA LYS C 320 7.38 -38.70 2.96
C LYS C 320 6.88 -38.20 4.30
N PHE C 321 5.76 -37.47 4.30
CA PHE C 321 5.17 -37.00 5.53
C PHE C 321 4.84 -38.21 6.40
N CYS C 322 4.20 -39.21 5.78
CA CYS C 322 3.73 -40.36 6.53
C CYS C 322 4.94 -41.19 7.03
N GLN C 323 5.98 -41.33 6.20
CA GLN C 323 7.20 -41.98 6.65
C GLN C 323 7.83 -41.29 7.88
N GLN C 324 7.83 -39.96 7.88
CA GLN C 324 8.44 -39.17 8.96
C GLN C 324 7.62 -39.40 10.25
N VAL C 325 6.28 -39.42 10.12
CA VAL C 325 5.37 -39.52 11.27
C VAL C 325 5.37 -40.92 11.88
N MET C 326 5.28 -41.93 11.03
CA MET C 326 5.07 -43.30 11.52
C MET C 326 6.30 -44.14 11.52
N GLY C 327 7.31 -43.68 10.79
CA GLY C 327 8.53 -44.46 10.58
C GLY C 327 8.52 -45.06 9.18
N GLU C 328 9.64 -44.96 8.47
CA GLU C 328 9.72 -45.47 7.10
C GLU C 328 9.51 -47.00 7.01
N ASP C 329 9.64 -47.74 8.11
CA ASP C 329 9.41 -49.19 8.09
C ASP C 329 7.91 -49.53 8.02
N ARG C 330 7.05 -48.52 8.23
CA ARG C 330 5.60 -48.77 8.41
C ARG C 330 4.76 -48.23 7.26
N VAL C 331 5.40 -47.90 6.14
CA VAL C 331 4.72 -47.34 4.99
C VAL C 331 5.09 -48.15 3.74
N MET C 332 4.07 -48.67 3.06
CA MET C 332 4.24 -49.63 1.96
C MET C 332 3.60 -49.12 0.67
N TYR C 333 4.19 -49.51 -0.45
CA TYR C 333 3.61 -49.29 -1.76
C TYR C 333 2.34 -50.10 -2.01
N ALA C 334 1.35 -49.46 -2.62
CA ALA C 334 0.17 -50.17 -3.14
C ALA C 334 -0.32 -49.45 -4.39
N MET C 335 -0.79 -50.23 -5.35
CA MET C 335 -1.29 -49.66 -6.61
C MET C 335 -2.79 -49.32 -6.57
N ASP C 336 -3.57 -50.14 -5.86
CA ASP C 336 -5.05 -50.07 -5.92
C ASP C 336 -5.58 -50.49 -7.32
N TYR C 337 -4.92 -51.45 -7.94
CA TYR C 337 -5.43 -52.06 -9.19
C TYR C 337 -6.76 -52.77 -8.87
N PRO C 338 -7.77 -52.67 -9.77
CA PRO C 338 -7.76 -51.96 -11.05
C PRO C 338 -8.40 -50.60 -10.98
N TYR C 339 -8.76 -50.17 -9.77
CA TYR C 339 -9.40 -48.85 -9.57
C TYR C 339 -8.50 -47.67 -9.92
N GLN C 340 -7.19 -47.89 -9.84
CA GLN C 340 -6.21 -46.86 -10.13
C GLN C 340 -4.96 -47.51 -10.73
N TYR C 341 -5.10 -47.87 -12.00
CA TYR C 341 -4.08 -48.57 -12.76
C TYR C 341 -3.39 -47.57 -13.71
N VAL C 342 -2.26 -47.01 -13.26
CA VAL C 342 -1.65 -45.87 -13.97
C VAL C 342 -0.13 -46.07 -14.03
N ALA C 343 0.39 -46.45 -15.20
CA ALA C 343 1.82 -46.69 -15.33
C ALA C 343 2.66 -45.47 -14.88
N ASP C 344 2.18 -44.26 -15.19
CA ASP C 344 2.92 -43.05 -14.82
C ASP C 344 3.04 -42.90 -13.29
N GLU C 345 2.11 -43.48 -12.55
CA GLU C 345 2.20 -43.45 -11.08
C GLU C 345 3.33 -44.35 -10.63
N VAL C 346 3.46 -45.53 -11.26
CA VAL C 346 4.60 -46.40 -10.94
C VAL C 346 5.91 -45.66 -11.26
N ARG C 347 5.99 -45.01 -12.42
CA ARG C 347 7.22 -44.30 -12.74
CA ARG C 347 7.19 -44.26 -12.77
C ARG C 347 7.50 -43.16 -11.75
N ALA C 348 6.46 -42.43 -11.34
CA ALA C 348 6.65 -41.39 -10.34
C ALA C 348 7.16 -41.95 -9.01
N MET C 349 6.69 -43.11 -8.62
CA MET C 349 7.17 -43.73 -7.39
C MET C 349 8.61 -44.19 -7.52
N ASP C 350 8.96 -44.77 -8.68
CA ASP C 350 10.34 -45.18 -8.92
C ASP C 350 11.30 -43.99 -8.85
N ALA C 351 10.79 -42.81 -9.17
CA ALA C 351 11.62 -41.62 -9.36
C ALA C 351 11.74 -40.74 -8.11
N MET C 352 11.11 -41.16 -6.99
CA MET C 352 11.12 -40.34 -5.77
C MET C 352 12.51 -40.06 -5.24
N ASP C 353 12.63 -38.91 -4.60
CA ASP C 353 13.90 -38.47 -4.01
C ASP C 353 14.03 -39.13 -2.63
N MET C 354 14.43 -40.39 -2.64
CA MET C 354 14.58 -41.23 -1.44
C MET C 354 15.86 -42.01 -1.66
N SER C 355 16.50 -42.40 -0.56
CA SER C 355 17.67 -43.27 -0.65
C SER C 355 17.27 -44.60 -1.29
N ALA C 356 18.23 -45.30 -1.89
CA ALA C 356 17.95 -46.64 -2.39
C ALA C 356 17.36 -47.52 -1.28
N GLN C 357 17.89 -47.37 -0.07
CA GLN C 357 17.48 -48.20 1.07
C GLN C 357 16.02 -47.94 1.44
N THR C 358 15.62 -46.67 1.49
CA THR C 358 14.24 -46.32 1.84
C THR C 358 13.29 -46.84 0.77
N LYS C 359 13.66 -46.63 -0.49
CA LYS C 359 12.83 -47.04 -1.62
C LYS C 359 12.62 -48.56 -1.62
N LYS C 360 13.63 -49.33 -1.24
CA LYS C 360 13.50 -50.77 -1.18
C LYS C 360 12.57 -51.19 -0.04
N LYS C 361 12.61 -50.48 1.08
CA LYS C 361 11.64 -50.77 2.14
C LYS C 361 10.23 -50.49 1.65
N PHE C 362 10.04 -49.34 1.02
CA PHE C 362 8.73 -48.89 0.58
C PHE C 362 8.12 -49.83 -0.46
N PHE C 363 8.89 -50.25 -1.44
CA PHE C 363 8.37 -51.08 -2.51
C PHE C 363 8.32 -52.58 -2.18
N GLN C 364 9.25 -53.05 -1.35
CA GLN C 364 9.46 -54.49 -1.16
C GLN C 364 9.53 -55.00 0.28
N THR C 365 10.54 -54.55 1.03
CA THR C 365 10.87 -55.31 2.22
C THR C 365 9.94 -55.04 3.39
N ASN C 366 9.27 -53.89 3.40
CA ASN C 366 8.26 -53.65 4.44
C ASN C 366 7.12 -54.67 4.27
N ALA C 367 6.63 -54.81 3.03
CA ALA C 367 5.57 -55.77 2.75
C ALA C 367 6.04 -57.20 3.09
N GLU C 368 7.28 -57.52 2.74
CA GLU C 368 7.79 -58.84 3.07
C GLU C 368 7.76 -59.12 4.57
N LYS C 369 8.12 -58.13 5.38
CA LYS C 369 8.03 -58.28 6.81
C LYS C 369 6.57 -58.36 7.33
N TRP C 370 5.75 -57.37 7.01
CA TRP C 370 4.46 -57.29 7.70
C TRP C 370 3.46 -58.35 7.23
N PHE C 371 3.61 -58.82 6.00
CA PHE C 371 2.75 -59.90 5.47
C PHE C 371 3.40 -61.26 5.60
N LYS C 372 4.64 -61.32 6.12
CA LYS C 372 5.38 -62.58 6.28
C LYS C 372 5.42 -63.37 4.96
N LEU C 373 5.90 -62.67 3.93
CA LEU C 373 5.96 -63.23 2.58
C LEU C 373 7.06 -64.27 2.41
N ASP D 26 9.33 -16.76 28.33
CA ASP D 26 8.80 -15.38 28.12
C ASP D 26 8.07 -15.22 26.79
N LEU D 27 6.78 -14.92 26.87
CA LEU D 27 5.98 -14.65 25.67
C LEU D 27 5.49 -13.22 25.78
N LYS D 28 5.99 -12.36 24.91
CA LYS D 28 5.74 -10.93 25.05
C LYS D 28 4.95 -10.43 23.86
N THR D 29 4.02 -9.53 24.15
CA THR D 29 3.43 -8.72 23.10
C THR D 29 4.44 -7.67 22.60
N GLY D 30 4.15 -7.09 21.45
CA GLY D 30 4.95 -5.97 20.95
C GLY D 30 5.85 -6.27 19.76
N GLY D 31 5.98 -7.55 19.41
CA GLY D 31 6.67 -7.94 18.17
C GLY D 31 8.19 -7.92 18.20
N GLU D 32 8.79 -7.92 19.40
CA GLU D 32 10.26 -7.83 19.49
C GLU D 32 10.97 -9.02 18.84
N GLN D 33 10.28 -10.16 18.78
CA GLN D 33 10.89 -11.36 18.20
C GLN D 33 10.92 -11.32 16.66
N GLY D 34 10.31 -10.29 16.09
CA GLY D 34 10.39 -10.07 14.65
C GLY D 34 9.07 -10.06 13.93
N TYR D 35 7.99 -10.26 14.67
CA TYR D 35 6.65 -10.31 14.10
C TYR D 35 5.63 -10.08 15.22
N LEU D 36 4.49 -9.52 14.88
CA LEU D 36 3.32 -9.57 15.76
C LEU D 36 2.74 -10.98 15.67
N ARG D 37 2.18 -11.47 16.77
CA ARG D 37 1.40 -12.72 16.74
C ARG D 37 -0.08 -12.37 16.59
N ILE D 38 -0.63 -12.64 15.39
CA ILE D 38 -2.04 -12.39 15.11
C ILE D 38 -2.74 -13.76 15.07
N ALA D 39 -3.64 -13.98 16.02
CA ALA D 39 -4.33 -15.25 16.19
C ALA D 39 -5.67 -15.17 15.42
N THR D 40 -5.81 -16.00 14.37
CA THR D 40 -6.89 -15.82 13.39
C THR D 40 -8.14 -16.71 13.56
N GLU D 41 -8.27 -17.46 14.66
CA GLU D 41 -9.51 -18.24 14.85
C GLU D 41 -9.89 -18.33 16.32
N GLU D 42 -10.36 -17.20 16.85
CA GLU D 42 -10.53 -17.00 18.28
C GLU D 42 -12.02 -16.79 18.60
N ALA D 43 -12.48 -17.41 19.69
CA ALA D 43 -13.93 -17.51 19.93
C ALA D 43 -14.43 -16.74 21.13
N PHE D 44 -15.66 -16.25 21.02
CA PHE D 44 -16.39 -15.73 22.19
C PHE D 44 -17.81 -16.25 22.17
N ALA D 45 -18.53 -16.05 23.27
CA ALA D 45 -19.95 -16.42 23.35
C ALA D 45 -20.72 -15.26 23.96
N THR D 46 -22.03 -15.27 23.78
CA THR D 46 -22.91 -14.39 24.54
C THR D 46 -23.77 -15.30 25.43
N ARG D 47 -24.00 -14.85 26.65
CA ARG D 47 -24.78 -15.60 27.63
C ARG D 47 -26.16 -15.91 27.06
N GLU D 48 -26.78 -14.94 26.40
CA GLU D 48 -28.14 -15.16 25.90
C GLU D 48 -28.24 -16.23 24.83
N ILE D 49 -27.18 -16.37 24.03
CA ILE D 49 -27.17 -17.42 23.00
C ILE D 49 -26.94 -18.81 23.62
N ILE D 50 -25.99 -18.92 24.54
CA ILE D 50 -25.80 -20.18 25.27
C ILE D 50 -27.11 -20.57 25.97
N ASP D 51 -27.83 -19.57 26.49
CA ASP D 51 -29.13 -19.84 27.11
C ASP D 51 -30.15 -20.42 26.12
N VAL D 52 -30.15 -19.94 24.89
CA VAL D 52 -30.98 -20.56 23.85
C VAL D 52 -30.59 -22.03 23.61
N TYR D 53 -29.29 -22.33 23.59
CA TYR D 53 -28.88 -23.72 23.42
C TYR D 53 -29.45 -24.60 24.54
N LEU D 54 -29.30 -24.12 25.78
CA LEU D 54 -29.82 -24.85 26.95
C LEU D 54 -31.34 -25.03 26.87
N ARG D 55 -32.05 -23.99 26.43
CA ARG D 55 -33.50 -24.06 26.17
C ARG D 55 -33.87 -25.16 25.16
N MET D 56 -33.16 -25.18 24.02
CA MET D 56 -33.35 -26.17 22.96
C MET D 56 -33.03 -27.58 23.47
N ILE D 57 -32.02 -27.71 24.33
CA ILE D 57 -31.71 -29.02 24.92
C ILE D 57 -32.85 -29.49 25.82
N ARG D 58 -33.30 -28.61 26.71
CA ARG D 58 -34.38 -28.99 27.63
CA ARG D 58 -34.41 -28.88 27.64
C ARG D 58 -35.71 -29.27 26.92
N ASP D 59 -36.03 -28.55 25.84
CA ASP D 59 -37.31 -28.78 25.16
C ASP D 59 -37.29 -29.80 24.00
N GLY D 60 -36.13 -30.41 23.76
CA GLY D 60 -36.01 -31.46 22.75
C GLY D 60 -35.94 -30.96 21.32
N THR D 61 -35.70 -29.66 21.11
CA THR D 61 -35.56 -29.15 19.72
C THR D 61 -34.09 -29.04 19.28
N ALA D 62 -33.18 -29.25 20.22
CA ALA D 62 -31.74 -29.30 19.92
C ALA D 62 -31.42 -30.55 19.09
N ASP D 63 -30.58 -30.42 18.05
CA ASP D 63 -30.09 -31.62 17.31
C ASP D 63 -29.10 -32.42 18.17
N LYS D 64 -28.70 -33.61 17.71
CA LYS D 64 -27.83 -34.44 18.53
C LYS D 64 -26.47 -33.77 18.75
N GLY D 65 -25.99 -33.03 17.75
CA GLY D 65 -24.73 -32.30 17.90
C GLY D 65 -24.77 -31.23 18.98
N MET D 66 -25.85 -30.45 19.02
CA MET D 66 -25.97 -29.44 20.06
C MET D 66 -26.06 -30.09 21.44
N VAL D 67 -26.84 -31.17 21.57
CA VAL D 67 -26.88 -31.88 22.84
C VAL D 67 -25.47 -32.32 23.27
N SER D 68 -24.72 -32.90 22.32
CA SER D 68 -23.38 -33.38 22.61
C SER D 68 -22.42 -32.25 22.98
N LEU D 69 -22.39 -31.24 22.14
CA LEU D 69 -21.38 -30.19 22.22
C LEU D 69 -21.72 -29.22 23.34
N TRP D 70 -22.93 -28.67 23.31
CA TRP D 70 -23.30 -27.64 24.27
C TRP D 70 -23.83 -28.19 25.59
N GLY D 71 -24.40 -29.39 25.55
CA GLY D 71 -24.66 -30.10 26.78
C GLY D 71 -23.36 -30.29 27.55
N PHE D 72 -22.26 -30.56 26.84
CA PHE D 72 -20.94 -30.63 27.47
C PHE D 72 -20.40 -29.26 27.90
N TYR D 73 -20.17 -28.34 26.96
CA TYR D 73 -19.49 -27.08 27.32
C TYR D 73 -20.26 -26.19 28.30
N ALA D 74 -21.59 -26.21 28.18
CA ALA D 74 -22.43 -25.38 29.04
C ALA D 74 -22.79 -26.01 30.38
N GLN D 75 -22.68 -27.33 30.52
CA GLN D 75 -23.10 -28.00 31.74
C GLN D 75 -22.11 -28.97 32.36
N SER D 76 -21.07 -29.34 31.61
CA SER D 76 -20.07 -30.23 32.17
C SER D 76 -19.38 -29.56 33.36
N PRO D 77 -19.23 -30.30 34.46
CA PRO D 77 -18.44 -29.79 35.59
C PRO D 77 -16.93 -29.94 35.37
N SER D 78 -16.50 -30.48 34.22
CA SER D 78 -15.07 -30.66 33.96
C SER D 78 -14.34 -29.33 34.01
N GLU D 79 -13.09 -29.36 34.49
CA GLU D 79 -12.23 -28.17 34.50
C GLU D 79 -12.09 -27.59 33.10
N ARG D 80 -11.88 -28.44 32.11
CA ARG D 80 -11.74 -27.93 30.74
C ARG D 80 -13.00 -27.13 30.28
N ALA D 81 -14.19 -27.73 30.43
CA ALA D 81 -15.43 -27.06 30.01
C ALA D 81 -15.72 -25.78 30.81
N THR D 82 -15.56 -25.84 32.13
CA THR D 82 -15.92 -24.69 32.96
C THR D 82 -15.02 -23.46 32.67
N GLN D 83 -13.74 -23.70 32.44
CA GLN D 83 -12.82 -22.60 32.15
C GLN D 83 -13.08 -22.03 30.76
N ILE D 84 -13.44 -22.91 29.84
CA ILE D 84 -13.76 -22.50 28.47
C ILE D 84 -14.95 -21.55 28.48
N LEU D 85 -16.01 -21.93 29.19
CA LEU D 85 -17.21 -21.07 29.27
C LEU D 85 -16.91 -19.66 29.81
N GLU D 86 -16.20 -19.58 30.94
CA GLU D 86 -15.81 -18.29 31.51
C GLU D 86 -15.01 -17.43 30.51
N ARG D 87 -14.01 -18.04 29.85
CA ARG D 87 -13.22 -17.28 28.87
C ARG D 87 -14.01 -16.87 27.64
N LEU D 88 -14.88 -17.75 27.16
CA LEU D 88 -15.72 -17.40 26.02
C LEU D 88 -16.51 -16.14 26.28
N LEU D 89 -17.04 -16.01 27.50
CA LEU D 89 -17.98 -14.94 27.80
C LEU D 89 -17.31 -13.59 28.02
N ASP D 90 -16.00 -13.59 28.23
CA ASP D 90 -15.26 -12.35 28.50
C ASP D 90 -14.79 -11.72 27.20
N LEU D 91 -15.10 -10.43 27.03
CA LEU D 91 -14.64 -9.64 25.89
C LEU D 91 -13.92 -8.39 26.38
N GLY D 92 -13.19 -8.54 27.48
CA GLY D 92 -12.48 -7.41 28.09
C GLY D 92 -11.16 -7.76 28.75
N GLU D 93 -10.96 -7.24 29.96
CA GLU D 93 -9.67 -7.34 30.62
C GLU D 93 -9.10 -8.75 30.87
N ARG D 94 -9.95 -9.75 31.15
CA ARG D 94 -9.44 -11.09 31.36
C ARG D 94 -8.95 -11.66 30.03
N ARG D 95 -9.71 -11.42 28.96
CA ARG D 95 -9.28 -11.92 27.64
C ARG D 95 -7.94 -11.25 27.26
N ILE D 96 -7.89 -9.93 27.43
CA ILE D 96 -6.68 -9.16 27.13
C ILE D 96 -5.50 -9.72 27.95
N ALA D 97 -5.72 -9.98 29.24
CA ALA D 97 -4.67 -10.54 30.08
C ALA D 97 -4.21 -11.93 29.61
N ASP D 98 -5.16 -12.77 29.19
CA ASP D 98 -4.83 -14.09 28.63
C ASP D 98 -3.99 -13.99 27.34
N MET D 99 -4.31 -12.99 26.50
CA MET D 99 -3.51 -12.72 25.29
C MET D 99 -2.12 -12.20 25.68
N ASP D 100 -2.08 -11.24 26.61
CA ASP D 100 -0.78 -10.71 27.02
C ASP D 100 0.14 -11.82 27.54
N ALA D 101 -0.45 -12.75 28.30
CA ALA D 101 0.33 -13.80 28.93
C ALA D 101 0.89 -14.82 27.92
N THR D 102 0.36 -14.81 26.70
CA THR D 102 0.85 -15.73 25.68
C THR D 102 1.39 -14.96 24.47
N GLY D 103 1.63 -13.66 24.62
CA GLY D 103 2.25 -12.84 23.58
C GLY D 103 1.40 -12.66 22.34
N ILE D 104 0.08 -12.79 22.49
CA ILE D 104 -0.81 -12.64 21.35
C ILE D 104 -1.15 -11.16 21.20
N ASP D 105 -0.73 -10.58 20.08
CA ASP D 105 -0.94 -9.16 19.83
C ASP D 105 -2.34 -8.82 19.40
N LYS D 106 -2.90 -9.63 18.50
CA LYS D 106 -4.24 -9.36 18.00
C LYS D 106 -5.00 -10.68 17.87
N ALA D 107 -6.30 -10.62 18.10
CA ALA D 107 -7.17 -11.77 17.98
C ALA D 107 -8.30 -11.43 17.04
N ILE D 108 -8.52 -12.32 16.07
CA ILE D 108 -9.66 -12.23 15.16
C ILE D 108 -10.81 -13.07 15.75
N LEU D 109 -11.88 -12.37 16.15
CA LEU D 109 -12.92 -12.93 17.03
C LEU D 109 -14.18 -13.26 16.28
N ALA D 110 -14.80 -14.38 16.63
CA ALA D 110 -16.09 -14.75 16.04
C ALA D 110 -16.94 -15.49 17.05
N LEU D 111 -18.25 -15.26 16.94
CA LEU D 111 -19.21 -15.93 17.80
C LEU D 111 -19.04 -17.45 17.70
N THR D 112 -19.00 -18.13 18.86
CA THR D 112 -18.62 -19.54 18.88
C THR D 112 -19.67 -20.42 18.19
N SER D 113 -19.19 -21.48 17.54
CA SER D 113 -20.07 -22.41 16.84
C SER D 113 -21.10 -23.07 17.77
N PRO D 114 -22.35 -23.24 17.30
CA PRO D 114 -22.89 -23.04 15.95
C PRO D 114 -23.56 -21.66 15.70
N GLY D 115 -23.26 -20.66 16.54
CA GLY D 115 -23.88 -19.33 16.38
C GLY D 115 -25.41 -19.44 16.48
N VAL D 116 -26.10 -18.70 15.62
CA VAL D 116 -27.58 -18.75 15.57
C VAL D 116 -28.12 -19.67 14.46
N GLN D 117 -27.21 -20.41 13.84
CA GLN D 117 -27.57 -21.25 12.70
C GLN D 117 -28.62 -22.32 13.00
N PRO D 118 -28.58 -22.94 14.21
CA PRO D 118 -29.58 -23.97 14.50
C PRO D 118 -30.99 -23.47 14.83
N LEU D 119 -31.15 -22.15 14.95
CA LEU D 119 -32.39 -21.58 15.47
C LEU D 119 -33.50 -21.62 14.46
N HIS D 120 -34.65 -22.16 14.88
CA HIS D 120 -35.79 -22.40 13.99
C HIS D 120 -36.61 -21.13 13.80
N ASP D 121 -36.61 -20.28 14.82
CA ASP D 121 -37.33 -19.00 14.81
C ASP D 121 -36.44 -17.92 14.15
N LEU D 122 -36.78 -17.59 12.90
CA LEU D 122 -35.97 -16.67 12.10
C LEU D 122 -35.83 -15.27 12.75
N ASP D 123 -36.91 -14.77 13.35
CA ASP D 123 -36.81 -13.48 14.01
C ASP D 123 -35.85 -13.52 15.20
N GLU D 124 -35.94 -14.57 16.01
CA GLU D 124 -34.97 -14.76 17.10
C GLU D 124 -33.52 -14.87 16.56
N ALA D 125 -33.33 -15.65 15.50
CA ALA D 125 -31.99 -15.79 14.92
C ALA D 125 -31.41 -14.44 14.46
N ARG D 126 -32.20 -13.66 13.72
CA ARG D 126 -31.79 -12.34 13.27
C ARG D 126 -31.53 -11.39 14.43
N THR D 127 -32.42 -11.42 15.43
CA THR D 127 -32.32 -10.57 16.62
C THR D 127 -31.06 -10.86 17.42
N LEU D 128 -30.82 -12.14 17.72
CA LEU D 128 -29.65 -12.50 18.52
C LEU D 128 -28.33 -12.34 17.75
N ALA D 129 -28.34 -12.60 16.43
CA ALA D 129 -27.15 -12.33 15.61
C ALA D 129 -26.83 -10.81 15.59
N THR D 130 -27.87 -9.98 15.44
CA THR D 130 -27.68 -8.54 15.48
C THR D 130 -27.00 -8.10 16.78
N ARG D 131 -27.48 -8.63 17.90
CA ARG D 131 -26.98 -8.28 19.23
C ARG D 131 -25.56 -8.78 19.44
N ALA D 132 -25.29 -10.02 19.03
CA ALA D 132 -23.92 -10.57 19.07
C ALA D 132 -22.95 -9.71 18.26
N ASN D 133 -23.38 -9.29 17.06
CA ASN D 133 -22.55 -8.48 16.20
C ASN D 133 -22.31 -7.08 16.81
N ASP D 134 -23.35 -6.50 17.40
CA ASP D 134 -23.21 -5.20 18.04
C ASP D 134 -22.28 -5.29 19.26
N THR D 135 -22.43 -6.36 20.04
CA THR D 135 -21.58 -6.63 21.20
C THR D 135 -20.10 -6.76 20.78
N LEU D 136 -19.85 -7.52 19.72
CA LEU D 136 -18.51 -7.70 19.22
C LEU D 136 -17.93 -6.36 18.76
N ALA D 137 -18.73 -5.60 18.01
CA ALA D 137 -18.31 -4.30 17.52
C ALA D 137 -17.94 -3.35 18.68
N ASP D 138 -18.73 -3.32 19.76
CA ASP D 138 -18.39 -2.49 20.93
C ASP D 138 -17.01 -2.87 21.49
N ALA D 139 -16.74 -4.17 21.58
CA ALA D 139 -15.49 -4.63 22.13
C ALA D 139 -14.29 -4.27 21.24
N CYS D 140 -14.44 -4.42 19.93
CA CYS D 140 -13.40 -4.04 18.98
C CYS D 140 -13.15 -2.54 19.01
N GLN D 141 -14.21 -1.77 19.26
CA GLN D 141 -14.07 -0.31 19.39
C GLN D 141 -13.31 0.07 20.67
N LYS D 142 -13.52 -0.71 21.72
CA LYS D 142 -12.88 -0.46 23.01
C LYS D 142 -11.40 -0.86 23.00
N TYR D 143 -11.07 -1.91 22.24
CA TYR D 143 -9.70 -2.43 22.18
C TYR D 143 -9.28 -2.55 20.72
N PRO D 144 -9.19 -1.41 20.02
CA PRO D 144 -9.00 -1.43 18.56
C PRO D 144 -7.66 -2.00 18.08
N ASP D 145 -6.66 -2.01 18.94
CA ASP D 145 -5.36 -2.55 18.59
C ASP D 145 -5.22 -4.02 18.96
N ARG D 146 -6.26 -4.58 19.61
CA ARG D 146 -6.18 -5.98 20.11
C ARG D 146 -7.22 -6.92 19.51
N PHE D 147 -8.40 -6.38 19.21
CA PHE D 147 -9.57 -7.19 18.81
C PHE D 147 -9.99 -6.82 17.40
N ILE D 148 -10.18 -7.83 16.57
CA ILE D 148 -10.68 -7.67 15.19
C ILE D 148 -11.91 -8.56 15.06
N GLY D 149 -12.97 -8.09 14.41
CA GLY D 149 -14.24 -8.83 14.37
C GLY D 149 -14.58 -9.50 13.04
N MET D 150 -15.09 -10.72 13.13
CA MET D 150 -15.80 -11.40 12.05
C MET D 150 -17.28 -11.44 12.43
N GLY D 151 -18.14 -11.07 11.48
CA GLY D 151 -19.57 -11.09 11.73
C GLY D 151 -20.15 -12.49 11.78
N THR D 152 -21.27 -12.64 12.49
CA THR D 152 -22.05 -13.87 12.49
C THR D 152 -23.34 -13.62 11.72
N VAL D 153 -23.85 -14.64 11.04
CA VAL D 153 -25.03 -14.45 10.19
C VAL D 153 -26.05 -15.54 10.43
N ALA D 154 -27.13 -15.52 9.68
CA ALA D 154 -28.23 -16.48 9.85
C ALA D 154 -28.58 -16.98 8.45
N PRO D 155 -27.87 -18.00 7.97
CA PRO D 155 -28.08 -18.46 6.60
C PRO D 155 -29.48 -18.96 6.33
N GLN D 156 -30.24 -19.30 7.38
CA GLN D 156 -31.67 -19.62 7.27
C GLN D 156 -32.38 -18.48 6.50
N ASP D 157 -31.81 -17.28 6.58
CA ASP D 157 -32.31 -16.12 5.82
C ASP D 157 -31.15 -15.49 5.03
N PRO D 158 -30.90 -15.97 3.80
CA PRO D 158 -29.79 -15.47 2.99
C PRO D 158 -29.88 -13.98 2.66
N GLU D 159 -31.09 -13.46 2.42
CA GLU D 159 -31.24 -12.05 2.08
C GLU D 159 -30.83 -11.13 3.26
N TRP D 160 -31.25 -11.51 4.45
CA TRP D 160 -30.90 -10.76 5.65
C TRP D 160 -29.40 -10.89 5.91
N SER D 161 -28.88 -12.10 5.79
CA SER D 161 -27.45 -12.31 5.98
C SER D 161 -26.63 -11.42 5.05
N ALA D 162 -27.12 -11.22 3.83
CA ALA D 162 -26.48 -10.33 2.87
C ALA D 162 -26.48 -8.89 3.41
N ARG D 163 -27.61 -8.44 3.95
CA ARG D 163 -27.70 -7.10 4.58
C ARG D 163 -26.72 -7.02 5.74
N GLU D 164 -26.61 -8.10 6.51
CA GLU D 164 -25.77 -8.09 7.71
C GLU D 164 -24.27 -8.17 7.35
N ILE D 165 -23.93 -8.86 6.25
CA ILE D 165 -22.59 -8.79 5.68
C ILE D 165 -22.24 -7.33 5.33
N HIS D 166 -23.17 -6.64 4.69
CA HIS D 166 -22.95 -5.24 4.34
C HIS D 166 -22.82 -4.36 5.60
N ARG D 167 -23.66 -4.61 6.58
CA ARG D 167 -23.65 -3.81 7.80
C ARG D 167 -22.31 -3.97 8.54
N GLY D 168 -21.88 -5.23 8.64
CA GLY D 168 -20.61 -5.54 9.28
C GLY D 168 -19.44 -4.83 8.65
N ALA D 169 -19.39 -4.82 7.31
CA ALA D 169 -18.26 -4.25 6.57
C ALA D 169 -18.32 -2.73 6.64
N ARG D 170 -19.51 -2.16 6.51
CA ARG D 170 -19.67 -0.71 6.34
C ARG D 170 -19.80 0.06 7.65
N GLU D 171 -20.46 -0.53 8.65
CA GLU D 171 -20.77 0.17 9.88
C GLU D 171 -20.07 -0.36 11.13
N LEU D 172 -19.71 -1.64 11.14
CA LEU D 172 -19.18 -2.27 12.36
C LEU D 172 -17.67 -2.53 12.33
N GLY D 173 -17.05 -2.30 11.18
CA GLY D 173 -15.61 -2.44 11.03
C GLY D 173 -15.16 -3.87 10.97
N PHE D 174 -16.06 -4.80 10.68
CA PHE D 174 -15.67 -6.23 10.60
C PHE D 174 -14.88 -6.53 9.35
N LYS D 175 -14.13 -7.64 9.37
CA LYS D 175 -13.23 -7.96 8.27
C LYS D 175 -13.70 -9.13 7.40
N GLY D 176 -14.85 -9.69 7.76
CA GLY D 176 -15.42 -10.82 7.03
C GLY D 176 -16.44 -11.46 7.92
N ILE D 177 -16.82 -12.67 7.56
CA ILE D 177 -17.79 -13.41 8.37
C ILE D 177 -17.35 -14.83 8.61
N GLN D 178 -17.84 -15.40 9.71
CA GLN D 178 -17.65 -16.83 10.00
C GLN D 178 -19.02 -17.49 9.96
N ILE D 179 -19.11 -18.53 9.13
CA ILE D 179 -20.26 -19.43 9.11
C ILE D 179 -19.81 -20.78 9.71
N ASN D 180 -20.59 -21.24 10.69
CA ASN D 180 -20.30 -22.46 11.44
C ASN D 180 -20.84 -23.67 10.71
N SER D 181 -20.23 -23.93 9.55
CA SER D 181 -20.58 -25.00 8.61
C SER D 181 -22.09 -25.07 8.33
N HIS D 182 -22.71 -26.26 8.41
CA HIS D 182 -24.10 -26.44 7.92
C HIS D 182 -25.08 -25.57 8.70
N THR D 183 -26.19 -25.25 8.05
CA THR D 183 -27.31 -24.61 8.77
C THR D 183 -28.48 -25.56 8.68
N GLN D 184 -28.79 -26.17 9.82
CA GLN D 184 -29.89 -27.13 9.94
C GLN D 184 -29.82 -28.19 8.84
N GLY D 185 -28.61 -28.70 8.62
CA GLY D 185 -28.42 -29.80 7.68
C GLY D 185 -28.27 -29.44 6.23
N ARG D 186 -28.31 -28.14 5.91
CA ARG D 186 -28.13 -27.64 4.56
C ARG D 186 -26.76 -26.99 4.38
N TYR D 187 -26.21 -27.13 3.19
CA TYR D 187 -24.87 -26.68 2.91
C TYR D 187 -24.90 -25.57 1.90
N LEU D 188 -23.84 -24.77 1.90
CA LEU D 188 -23.82 -23.50 1.17
C LEU D 188 -23.73 -23.61 -0.33
N ASP D 189 -23.57 -24.84 -0.84
CA ASP D 189 -23.58 -25.06 -2.27
C ASP D 189 -24.99 -24.99 -2.86
N GLU D 190 -26.02 -25.05 -2.00
CA GLU D 190 -27.41 -24.88 -2.49
C GLU D 190 -27.59 -23.47 -3.08
N GLU D 191 -28.28 -23.36 -4.20
CA GLU D 191 -28.56 -22.06 -4.81
C GLU D 191 -29.22 -21.10 -3.83
N PHE D 192 -30.01 -21.63 -2.90
CA PHE D 192 -30.71 -20.85 -1.90
C PHE D 192 -29.79 -19.88 -1.17
N PHE D 193 -28.54 -20.27 -0.95
CA PHE D 193 -27.63 -19.44 -0.13
C PHE D 193 -26.86 -18.40 -0.93
N ASP D 194 -27.12 -18.33 -2.24
CA ASP D 194 -26.32 -17.50 -3.13
C ASP D 194 -26.20 -16.03 -2.70
N PRO D 195 -27.26 -15.43 -2.10
CA PRO D 195 -27.14 -14.02 -1.71
C PRO D 195 -25.97 -13.74 -0.75
N ILE D 196 -25.65 -14.71 0.10
CA ILE D 196 -24.47 -14.60 0.97
C ILE D 196 -23.17 -14.40 0.17
N PHE D 197 -22.96 -15.23 -0.84
CA PHE D 197 -21.76 -15.09 -1.68
C PHE D 197 -21.75 -13.80 -2.48
N ARG D 198 -22.91 -13.41 -3.01
CA ARG D 198 -22.98 -12.16 -3.76
C ARG D 198 -22.52 -10.99 -2.88
N ALA D 199 -23.02 -10.98 -1.65
CA ALA D 199 -22.67 -9.93 -0.68
C ALA D 199 -21.20 -9.97 -0.31
N LEU D 200 -20.66 -11.15 -0.05
CA LEU D 200 -19.24 -11.23 0.29
C LEU D 200 -18.35 -10.70 -0.83
N VAL D 201 -18.70 -10.99 -2.08
CA VAL D 201 -17.91 -10.49 -3.20
C VAL D 201 -18.06 -8.97 -3.36
N GLU D 202 -19.25 -8.45 -3.09
CA GLU D 202 -19.47 -7.00 -3.22
C GLU D 202 -18.63 -6.24 -2.21
N VAL D 203 -18.59 -6.76 -0.98
CA VAL D 203 -17.80 -6.14 0.09
C VAL D 203 -16.33 -6.60 0.03
N ASP D 204 -16.05 -7.57 -0.86
CA ASP D 204 -14.72 -8.17 -1.07
C ASP D 204 -14.10 -8.69 0.25
N GLN D 205 -14.86 -9.50 0.96
CA GLN D 205 -14.42 -10.05 2.23
C GLN D 205 -14.39 -11.57 2.21
N PRO D 206 -13.52 -12.15 3.05
CA PRO D 206 -13.41 -13.61 3.09
C PRO D 206 -14.49 -14.24 3.95
N LEU D 207 -14.80 -15.49 3.62
CA LEU D 207 -15.68 -16.31 4.45
C LEU D 207 -14.82 -17.31 5.20
N TYR D 208 -14.94 -17.32 6.52
CA TYR D 208 -14.31 -18.38 7.32
C TYR D 208 -15.35 -19.47 7.58
N ILE D 209 -15.13 -20.69 7.08
CA ILE D 209 -16.03 -21.81 7.42
C ILE D 209 -15.44 -22.55 8.60
N HIS D 210 -16.03 -22.29 9.75
CA HIS D 210 -15.62 -22.87 11.02
C HIS D 210 -16.40 -24.17 11.24
N PRO D 211 -15.81 -25.13 11.99
CA PRO D 211 -16.57 -26.37 12.19
C PRO D 211 -17.85 -26.22 12.99
N ALA D 212 -18.70 -27.24 12.82
CA ALA D 212 -19.83 -27.49 13.69
C ALA D 212 -19.92 -29.01 13.82
N THR D 213 -20.70 -29.49 14.78
CA THR D 213 -21.11 -30.89 14.77
C THR D 213 -21.87 -31.20 13.50
N SER D 214 -21.79 -32.45 13.06
CA SER D 214 -22.51 -32.92 11.89
C SER D 214 -24.01 -32.84 12.15
N PRO D 215 -24.80 -32.69 11.07
CA PRO D 215 -26.27 -32.72 11.24
C PRO D 215 -26.75 -34.13 11.62
N ASP D 216 -28.01 -34.22 12.08
CA ASP D 216 -28.57 -35.50 12.50
C ASP D 216 -28.50 -36.58 11.42
N SER D 217 -28.50 -36.18 10.15
CA SER D 217 -28.41 -37.08 9.02
C SER D 217 -27.07 -37.80 8.93
N MET D 218 -26.06 -37.34 9.67
CA MET D 218 -24.69 -37.86 9.49
C MET D 218 -23.96 -38.23 10.79
N ILE D 219 -24.44 -37.72 11.93
CA ILE D 219 -23.69 -37.78 13.20
C ILE D 219 -23.61 -39.13 13.93
N ASP D 220 -24.61 -40.00 13.75
CA ASP D 220 -24.77 -41.15 14.63
C ASP D 220 -23.53 -41.99 14.88
N PRO D 221 -22.85 -42.49 13.80
CA PRO D 221 -21.71 -43.38 14.13
C PRO D 221 -20.56 -42.67 14.86
N MET D 222 -20.39 -41.39 14.60
CA MET D 222 -19.33 -40.65 15.31
C MET D 222 -19.71 -40.39 16.76
N LEU D 223 -20.97 -39.95 16.96
CA LEU D 223 -21.47 -39.67 18.28
C LEU D 223 -21.29 -40.88 19.22
N GLU D 224 -21.61 -42.08 18.74
CA GLU D 224 -21.56 -43.30 19.56
CA GLU D 224 -21.58 -43.26 19.61
C GLU D 224 -20.17 -43.56 20.12
N ALA D 225 -19.16 -43.22 19.33
CA ALA D 225 -17.76 -43.49 19.65
C ALA D 225 -17.07 -42.32 20.36
N GLY D 226 -17.81 -41.23 20.58
CA GLY D 226 -17.19 -40.03 21.14
C GLY D 226 -16.39 -39.21 20.15
N LEU D 227 -16.71 -39.34 18.86
CA LEU D 227 -15.88 -38.76 17.80
C LEU D 227 -16.56 -37.63 17.03
N ASP D 228 -17.71 -37.16 17.52
CA ASP D 228 -18.48 -36.13 16.81
C ASP D 228 -17.89 -34.72 16.86
N GLY D 229 -17.04 -34.45 17.86
CA GLY D 229 -16.47 -33.12 18.05
C GLY D 229 -15.14 -32.86 17.39
N ALA D 230 -14.33 -32.07 18.09
CA ALA D 230 -13.10 -31.54 17.52
C ALA D 230 -12.13 -32.66 17.14
N ILE D 231 -12.21 -33.79 17.85
CA ILE D 231 -11.30 -34.91 17.56
C ILE D 231 -11.40 -35.41 16.11
N PHE D 232 -12.60 -35.35 15.52
CA PHE D 232 -12.81 -36.03 14.24
C PHE D 232 -14.00 -35.46 13.44
N GLY D 233 -15.17 -35.43 14.08
CA GLY D 233 -16.39 -35.00 13.38
C GLY D 233 -16.30 -33.60 12.82
N PHE D 234 -15.65 -32.70 13.57
CA PHE D 234 -15.49 -31.33 13.07
C PHE D 234 -14.76 -31.32 11.73
N GLY D 235 -13.70 -32.13 11.62
CA GLY D 235 -12.91 -32.18 10.38
C GLY D 235 -13.67 -32.82 9.22
N VAL D 236 -14.47 -33.83 9.53
CA VAL D 236 -15.35 -34.44 8.51
C VAL D 236 -16.35 -33.40 7.95
N GLU D 237 -17.04 -32.75 8.87
CA GLU D 237 -18.11 -31.82 8.53
C GLU D 237 -17.56 -30.65 7.73
N THR D 238 -16.44 -30.10 8.20
CA THR D 238 -15.91 -28.88 7.61
C THR D 238 -15.20 -29.14 6.27
N GLY D 239 -14.41 -30.22 6.23
CA GLY D 239 -13.77 -30.59 4.99
C GLY D 239 -14.80 -30.96 3.93
N MET D 240 -15.87 -31.66 4.32
CA MET D 240 -16.92 -31.97 3.36
C MET D 240 -17.54 -30.70 2.82
N HIS D 241 -17.75 -29.74 3.70
CA HIS D 241 -18.43 -28.52 3.30
C HIS D 241 -17.59 -27.75 2.30
N LEU D 242 -16.30 -27.57 2.60
CA LEU D 242 -15.42 -26.87 1.67
C LEU D 242 -15.32 -27.62 0.33
N LEU D 243 -15.23 -28.95 0.41
CA LEU D 243 -15.09 -29.75 -0.78
C LEU D 243 -16.29 -29.62 -1.71
N ARG D 244 -17.49 -29.70 -1.12
CA ARG D 244 -18.73 -29.60 -1.91
C ARG D 244 -18.87 -28.19 -2.52
N LEU D 245 -18.38 -27.16 -1.82
CA LEU D 245 -18.34 -25.82 -2.45
C LEU D 245 -17.38 -25.75 -3.61
N ILE D 246 -16.23 -26.40 -3.46
CA ILE D 246 -15.28 -26.43 -4.58
C ILE D 246 -15.90 -27.16 -5.78
N THR D 247 -16.45 -28.36 -5.54
CA THR D 247 -16.93 -29.20 -6.64
C THR D 247 -18.23 -28.71 -7.29
N ILE D 248 -18.99 -27.87 -6.60
CA ILE D 248 -20.15 -27.21 -7.24
C ILE D 248 -19.71 -26.04 -8.11
N GLY D 249 -18.45 -25.66 -8.00
CA GLY D 249 -17.90 -24.60 -8.86
C GLY D 249 -17.99 -23.21 -8.29
N ILE D 250 -18.08 -23.10 -6.96
CA ILE D 250 -18.25 -21.77 -6.32
C ILE D 250 -17.19 -20.78 -6.77
N PHE D 251 -15.98 -21.25 -7.00
CA PHE D 251 -14.87 -20.34 -7.36
C PHE D 251 -14.80 -20.02 -8.86
N ASP D 252 -15.62 -20.71 -9.65
CA ASP D 252 -15.73 -20.35 -11.07
C ASP D 252 -16.81 -19.29 -11.15
N LYS D 253 -17.83 -19.43 -10.32
CA LYS D 253 -18.88 -18.44 -10.21
C LYS D 253 -18.37 -17.13 -9.62
N TYR D 254 -17.51 -17.26 -8.61
CA TYR D 254 -16.95 -16.12 -7.87
C TYR D 254 -15.44 -16.23 -7.77
N PRO D 255 -14.72 -15.83 -8.84
CA PRO D 255 -13.27 -16.06 -8.86
C PRO D 255 -12.51 -15.27 -7.80
N SER D 256 -13.11 -14.20 -7.27
CA SER D 256 -12.42 -13.37 -6.27
C SER D 256 -12.58 -13.91 -4.85
N LEU D 257 -13.58 -14.75 -4.64
CA LEU D 257 -13.96 -15.21 -3.32
C LEU D 257 -12.86 -16.00 -2.61
N GLN D 258 -12.58 -15.60 -1.38
CA GLN D 258 -11.60 -16.33 -0.57
C GLN D 258 -12.35 -17.04 0.54
N ILE D 259 -12.09 -18.36 0.69
CA ILE D 259 -12.66 -19.09 1.81
C ILE D 259 -11.51 -19.58 2.70
N MET D 260 -11.62 -19.25 3.98
CA MET D 260 -10.62 -19.65 4.99
C MET D 260 -11.15 -20.85 5.78
N VAL D 261 -10.28 -21.81 6.09
CA VAL D 261 -10.65 -22.87 7.04
C VAL D 261 -9.49 -23.07 8.00
N GLY D 262 -9.80 -23.58 9.18
CA GLY D 262 -8.77 -23.86 10.19
C GLY D 262 -8.28 -25.28 10.21
N HIS D 263 -7.65 -25.64 11.32
CA HIS D 263 -7.24 -27.04 11.59
C HIS D 263 -6.46 -27.63 10.40
N MET D 264 -5.55 -26.80 9.88
CA MET D 264 -4.62 -27.25 8.83
C MET D 264 -5.36 -27.65 7.55
N GLY D 265 -6.53 -27.05 7.32
CA GLY D 265 -7.25 -27.28 6.08
C GLY D 265 -8.22 -28.44 6.12
N GLU D 266 -8.51 -28.91 7.33
CA GLU D 266 -9.49 -29.95 7.53
C GLU D 266 -9.15 -31.16 6.65
N ALA D 267 -7.84 -31.47 6.65
CA ALA D 267 -7.25 -32.61 5.92
C ALA D 267 -7.21 -32.49 4.40
N LEU D 268 -7.91 -31.52 3.82
CA LEU D 268 -7.94 -31.47 2.35
C LEU D 268 -6.54 -31.34 1.69
N PRO D 269 -5.62 -30.54 2.28
CA PRO D 269 -4.30 -30.47 1.65
C PRO D 269 -3.60 -31.82 1.62
N TYR D 270 -3.81 -32.65 2.66
CA TYR D 270 -3.17 -33.97 2.68
C TYR D 270 -3.80 -34.93 1.68
N TRP D 271 -5.11 -34.81 1.53
CA TRP D 271 -5.88 -35.63 0.59
C TRP D 271 -5.74 -35.16 -0.87
N LEU D 272 -5.01 -34.09 -1.13
CA LEU D 272 -5.15 -33.39 -2.41
C LEU D 272 -4.97 -34.29 -3.65
N TYR D 273 -3.94 -35.13 -3.69
CA TYR D 273 -3.69 -35.98 -4.87
C TYR D 273 -4.92 -36.84 -5.14
N ARG D 274 -5.43 -37.46 -4.09
CA ARG D 274 -6.64 -38.30 -4.19
C ARG D 274 -7.88 -37.50 -4.56
N LEU D 275 -8.04 -36.29 -4.01
CA LEU D 275 -9.17 -35.44 -4.36
C LEU D 275 -9.19 -35.17 -5.87
N ASP D 276 -8.07 -34.71 -6.40
CA ASP D 276 -8.01 -34.39 -7.83
C ASP D 276 -8.14 -35.65 -8.69
N TYR D 277 -7.51 -36.76 -8.30
CA TYR D 277 -7.61 -37.96 -9.12
C TYR D 277 -9.09 -38.41 -9.17
N MET D 278 -9.74 -38.51 -8.01
CA MET D 278 -11.09 -39.05 -7.97
C MET D 278 -12.12 -38.07 -8.48
N HIS D 279 -11.80 -36.78 -8.36
CA HIS D 279 -12.69 -35.77 -8.91
C HIS D 279 -12.69 -35.90 -10.44
N GLN D 280 -11.50 -35.99 -11.02
CA GLN D 280 -11.37 -36.17 -12.48
C GLN D 280 -12.10 -37.43 -12.92
N ALA D 281 -11.90 -38.53 -12.19
CA ALA D 281 -12.57 -39.79 -12.54
C ALA D 281 -14.09 -39.64 -12.58
N GLY D 282 -14.63 -38.94 -11.57
CA GLY D 282 -16.06 -38.70 -11.44
C GLY D 282 -16.59 -37.82 -12.56
N VAL D 283 -15.90 -36.70 -12.80
CA VAL D 283 -16.28 -35.79 -13.88
C VAL D 283 -16.29 -36.53 -15.23
N ARG D 284 -15.21 -37.26 -15.52
CA ARG D 284 -15.03 -37.92 -16.83
C ARG D 284 -16.07 -39.00 -17.12
N SER D 285 -16.44 -39.74 -16.08
CA SER D 285 -17.43 -40.80 -16.22
C SER D 285 -18.87 -40.27 -16.10
N GLN D 286 -19.03 -38.95 -15.95
CA GLN D 286 -20.34 -38.29 -15.75
C GLN D 286 -21.19 -39.00 -14.68
N ARG D 287 -20.53 -39.48 -13.64
CA ARG D 287 -21.17 -40.27 -12.59
C ARG D 287 -22.25 -39.52 -11.80
N TYR D 288 -22.02 -38.23 -11.54
CA TYR D 288 -22.89 -37.45 -10.65
C TYR D 288 -23.35 -36.14 -11.28
N GLU D 289 -24.64 -35.85 -11.13
CA GLU D 289 -25.23 -34.59 -11.56
C GLU D 289 -24.55 -33.33 -10.97
N ARG D 290 -24.15 -33.40 -9.70
CA ARG D 290 -23.51 -32.24 -9.04
C ARG D 290 -21.98 -32.19 -9.09
N MET D 291 -21.37 -33.05 -9.91
CA MET D 291 -19.93 -33.02 -10.15
C MET D 291 -19.63 -32.89 -11.65
N LYS D 292 -19.73 -31.65 -12.15
CA LYS D 292 -19.47 -31.28 -13.55
C LYS D 292 -18.09 -30.62 -13.73
N PRO D 293 -17.62 -30.45 -14.98
CA PRO D 293 -16.28 -29.92 -15.15
C PRO D 293 -16.09 -28.55 -14.52
N LEU D 294 -14.89 -28.38 -13.98
CA LEU D 294 -14.46 -27.13 -13.37
C LEU D 294 -13.33 -26.53 -14.17
N LYS D 295 -13.15 -25.21 -14.06
CA LYS D 295 -12.11 -24.52 -14.81
C LYS D 295 -10.69 -24.73 -14.27
N LYS D 296 -10.57 -25.04 -12.98
CA LYS D 296 -9.28 -25.36 -12.38
C LYS D 296 -9.34 -26.72 -11.69
N THR D 297 -8.18 -27.28 -11.41
CA THR D 297 -8.10 -28.46 -10.54
C THR D 297 -8.38 -28.03 -9.11
N ILE D 298 -8.67 -29.01 -8.27
CA ILE D 298 -8.82 -28.71 -6.84
C ILE D 298 -7.54 -28.05 -6.30
N GLU D 299 -6.38 -28.56 -6.73
CA GLU D 299 -5.11 -27.93 -6.38
C GLU D 299 -5.10 -26.45 -6.77
N GLY D 300 -5.55 -26.17 -7.99
CA GLY D 300 -5.63 -24.79 -8.48
C GLY D 300 -6.43 -23.91 -7.56
N TYR D 301 -7.60 -24.39 -7.10
CA TYR D 301 -8.44 -23.61 -6.19
C TYR D 301 -7.80 -23.44 -4.81
N LEU D 302 -7.06 -24.43 -4.33
CA LEU D 302 -6.36 -24.27 -3.04
C LEU D 302 -5.35 -23.12 -3.12
N LYS D 303 -4.71 -22.98 -4.27
CA LYS D 303 -3.66 -21.98 -4.46
C LYS D 303 -4.21 -20.59 -4.76
N SER D 304 -5.48 -20.48 -5.18
CA SER D 304 -6.01 -19.16 -5.57
C SER D 304 -7.20 -18.66 -4.76
N ASN D 305 -7.92 -19.58 -4.10
CA ASN D 305 -9.19 -19.24 -3.46
C ASN D 305 -9.38 -19.73 -2.03
N VAL D 306 -8.50 -20.61 -1.56
CA VAL D 306 -8.64 -21.18 -0.20
C VAL D 306 -7.44 -20.74 0.65
N LEU D 307 -7.72 -20.46 1.91
CA LEU D 307 -6.71 -19.98 2.85
C LEU D 307 -6.83 -20.86 4.10
N VAL D 308 -5.70 -21.20 4.71
CA VAL D 308 -5.70 -22.14 5.84
C VAL D 308 -5.07 -21.56 7.10
N THR D 309 -5.64 -21.90 8.24
CA THR D 309 -4.95 -21.58 9.53
C THR D 309 -4.56 -22.87 10.26
N ASN D 310 -3.64 -22.77 11.22
CA ASN D 310 -3.23 -23.97 11.97
C ASN D 310 -3.96 -24.09 13.30
N SER D 311 -5.18 -23.55 13.41
CA SER D 311 -5.89 -23.68 14.69
C SER D 311 -5.86 -25.16 15.15
N GLY D 312 -5.50 -25.37 16.41
CA GLY D 312 -5.48 -26.73 16.97
C GLY D 312 -4.39 -27.65 16.46
N VAL D 313 -3.50 -27.13 15.61
CA VAL D 313 -2.45 -27.94 15.00
C VAL D 313 -1.12 -27.20 15.12
N ALA D 314 -0.60 -27.22 16.35
CA ALA D 314 0.67 -26.54 16.65
C ALA D 314 1.79 -27.55 16.41
N TRP D 315 1.99 -27.91 15.14
CA TRP D 315 2.77 -29.10 14.79
C TRP D 315 3.51 -28.81 13.49
N GLU D 316 4.82 -28.63 13.61
CA GLU D 316 5.63 -28.16 12.47
C GLU D 316 5.51 -29.01 11.21
N PRO D 317 5.56 -30.37 11.31
CA PRO D 317 5.52 -31.14 10.03
C PRO D 317 4.22 -30.89 9.23
N ALA D 318 3.09 -30.75 9.92
CA ALA D 318 1.84 -30.47 9.24
C ALA D 318 1.80 -29.05 8.70
N ILE D 319 2.35 -28.10 9.46
CA ILE D 319 2.35 -26.72 8.97
C ILE D 319 3.20 -26.58 7.71
N LYS D 320 4.39 -27.17 7.74
CA LYS D 320 5.28 -27.09 6.60
C LYS D 320 4.70 -27.82 5.40
N PHE D 321 4.07 -28.99 5.64
CA PHE D 321 3.43 -29.71 4.55
C PHE D 321 2.39 -28.81 3.88
N CYS D 322 1.56 -28.18 4.71
CA CYS D 322 0.50 -27.31 4.20
C CYS D 322 1.08 -26.06 3.48
N GLN D 323 2.15 -25.47 4.02
CA GLN D 323 2.85 -24.39 3.30
C GLN D 323 3.34 -24.80 1.91
N GLN D 324 3.85 -26.02 1.78
CA GLN D 324 4.35 -26.51 0.49
CA GLN D 324 4.35 -26.50 0.49
C GLN D 324 3.20 -26.65 -0.51
N VAL D 325 2.08 -27.24 -0.06
CA VAL D 325 0.94 -27.54 -0.93
C VAL D 325 0.23 -26.26 -1.37
N MET D 326 0.04 -25.35 -0.43
CA MET D 326 -0.75 -24.16 -0.72
C MET D 326 0.02 -22.89 -1.03
N GLY D 327 1.28 -22.89 -0.65
CA GLY D 327 2.09 -21.69 -0.72
C GLY D 327 2.20 -21.08 0.68
N GLU D 328 3.41 -20.65 1.04
CA GLU D 328 3.62 -20.08 2.38
C GLU D 328 2.84 -18.80 2.63
N ASP D 329 2.38 -18.14 1.55
CA ASP D 329 1.53 -16.95 1.71
C ASP D 329 0.09 -17.23 2.14
N ARG D 330 -0.31 -18.49 2.16
CA ARG D 330 -1.71 -18.86 2.31
C ARG D 330 -1.98 -19.65 3.62
N VAL D 331 -1.02 -19.66 4.53
CA VAL D 331 -1.14 -20.41 5.79
C VAL D 331 -0.86 -19.46 6.93
N MET D 332 -1.81 -19.38 7.86
CA MET D 332 -1.76 -18.42 8.96
C MET D 332 -1.80 -19.07 10.32
N TYR D 333 -1.19 -18.39 11.29
CA TYR D 333 -1.30 -18.79 12.69
C TYR D 333 -2.69 -18.54 13.27
N ALA D 334 -3.20 -19.49 14.04
CA ALA D 334 -4.37 -19.32 14.89
C ALA D 334 -4.17 -20.10 16.16
N MET D 335 -4.69 -19.56 17.26
CA MET D 335 -4.59 -20.26 18.54
C MET D 335 -5.80 -21.15 18.83
N ASP D 336 -7.00 -20.73 18.44
CA ASP D 336 -8.24 -21.42 18.82
C ASP D 336 -8.53 -21.21 20.31
N TYR D 337 -8.24 -20.01 20.81
CA TYR D 337 -8.64 -19.63 22.16
C TYR D 337 -10.17 -19.53 22.24
N PRO D 338 -10.76 -19.99 23.34
CA PRO D 338 -10.16 -20.57 24.54
C PRO D 338 -10.21 -22.10 24.58
N TYR D 339 -10.65 -22.73 23.49
CA TYR D 339 -10.74 -24.19 23.42
C TYR D 339 -9.35 -24.87 23.44
N GLN D 340 -8.33 -24.12 23.03
CA GLN D 340 -6.96 -24.64 23.00
C GLN D 340 -5.98 -23.51 23.31
N TYR D 341 -5.91 -23.18 24.58
CA TYR D 341 -5.13 -22.07 25.11
C TYR D 341 -3.90 -22.65 25.82
N VAL D 342 -2.80 -22.74 25.08
CA VAL D 342 -1.63 -23.46 25.55
C VAL D 342 -0.39 -22.64 25.27
N ALA D 343 0.15 -22.02 26.31
CA ALA D 343 1.38 -21.24 26.15
C ALA D 343 2.52 -22.00 25.46
N ASP D 344 2.65 -23.28 25.78
CA ASP D 344 3.71 -24.10 25.18
C ASP D 344 3.53 -24.23 23.67
N GLU D 345 2.29 -24.16 23.19
CA GLU D 345 2.08 -24.20 21.72
C GLU D 345 2.65 -22.95 21.06
N VAL D 346 2.41 -21.77 21.64
CA VAL D 346 2.99 -20.54 21.10
C VAL D 346 4.52 -20.65 21.10
N ARG D 347 5.11 -21.16 22.19
CA ARG D 347 6.59 -21.32 22.24
C ARG D 347 7.09 -22.25 21.10
N ALA D 348 6.36 -23.34 20.86
CA ALA D 348 6.74 -24.28 19.80
C ALA D 348 6.71 -23.62 18.44
N MET D 349 5.67 -22.81 18.21
CA MET D 349 5.52 -22.11 16.94
C MET D 349 6.61 -21.05 16.77
N ASP D 350 6.91 -20.31 17.86
CA ASP D 350 7.98 -19.33 17.81
C ASP D 350 9.32 -19.98 17.42
N ALA D 351 9.53 -21.24 17.80
CA ALA D 351 10.85 -21.88 17.68
C ALA D 351 10.98 -22.81 16.46
N MET D 352 10.04 -22.68 15.52
CA MET D 352 10.06 -23.57 14.33
C MET D 352 11.29 -23.33 13.48
N ASP D 353 11.74 -24.38 12.80
CA ASP D 353 12.91 -24.30 11.93
C ASP D 353 12.43 -23.76 10.59
N MET D 354 12.16 -22.46 10.59
CA MET D 354 11.61 -21.71 9.47
C MET D 354 12.36 -20.41 9.39
N SER D 355 12.55 -19.90 8.19
CA SER D 355 13.23 -18.62 8.03
C SER D 355 12.43 -17.52 8.76
N ALA D 356 13.15 -16.48 9.17
CA ALA D 356 12.50 -15.30 9.74
C ALA D 356 11.41 -14.75 8.83
N GLN D 357 11.65 -14.69 7.52
CA GLN D 357 10.69 -14.15 6.57
C GLN D 357 9.41 -15.02 6.53
N THR D 358 9.59 -16.33 6.49
CA THR D 358 8.43 -17.23 6.46
C THR D 358 7.63 -17.18 7.77
N LYS D 359 8.34 -17.16 8.89
CA LYS D 359 7.72 -17.10 10.20
C LYS D 359 6.89 -15.81 10.36
N LYS D 360 7.40 -14.70 9.85
CA LYS D 360 6.66 -13.43 9.93
C LYS D 360 5.39 -13.47 9.05
N LYS D 361 5.44 -14.16 7.90
CA LYS D 361 4.24 -14.36 7.09
C LYS D 361 3.22 -15.16 7.86
N PHE D 362 3.70 -16.26 8.44
CA PHE D 362 2.80 -17.18 9.16
C PHE D 362 2.11 -16.51 10.37
N PHE D 363 2.86 -15.76 11.17
CA PHE D 363 2.30 -15.13 12.35
C PHE D 363 1.56 -13.81 12.11
N GLN D 364 2.04 -13.04 11.13
CA GLN D 364 1.56 -11.65 10.99
C GLN D 364 1.08 -11.24 9.59
N THR D 365 1.97 -11.30 8.60
CA THR D 365 1.68 -10.52 7.40
C THR D 365 0.68 -11.22 6.45
N ASN D 366 0.55 -12.55 6.54
CA ASN D 366 -0.49 -13.21 5.76
C ASN D 366 -1.88 -12.74 6.27
N ALA D 367 -2.08 -12.79 7.59
CA ALA D 367 -3.32 -12.27 8.16
C ALA D 367 -3.60 -10.80 7.79
N GLU D 368 -2.57 -9.97 7.88
CA GLU D 368 -2.73 -8.56 7.52
C GLU D 368 -3.22 -8.42 6.09
N LYS D 369 -2.71 -9.27 5.19
CA LYS D 369 -3.14 -9.25 3.77
C LYS D 369 -4.58 -9.77 3.59
N TRP D 370 -4.84 -10.98 4.08
CA TRP D 370 -6.10 -11.67 3.75
C TRP D 370 -7.29 -11.09 4.50
N PHE D 371 -7.07 -10.54 5.69
CA PHE D 371 -8.14 -9.88 6.41
C PHE D 371 -8.16 -8.35 6.20
N LYS D 372 -7.20 -7.85 5.42
CA LYS D 372 -7.11 -6.42 5.10
C LYS D 372 -7.06 -5.59 6.37
N LEU D 373 -6.14 -5.96 7.26
CA LEU D 373 -6.05 -5.32 8.57
C LEU D 373 -5.44 -3.95 8.46
#